data_9NFQ
#
_entry.id   9NFQ
#
_cell.length_a   118.579
_cell.length_b   121.857
_cell.length_c   144.737
_cell.angle_alpha   90.000
_cell.angle_beta   90.000
_cell.angle_gamma   90.000
#
_symmetry.space_group_name_H-M   'P 21 2 21'
#
loop_
_entity.id
_entity.type
_entity.pdbx_description
1 polymer 'DNA damage-binding protein 1'
2 polymer 'Protein cereblon'
3 polymer 'Serine/threonine-protein kinase Nek7'
4 non-polymer (3S)-N-{[(4R)-3-(2,4-dioxo-1,3-diazinan-1-yl)imidazo[1,2-a]pyridin-7-yl]methyl}-2-(phenylmethanesulfonyl)-1,2,3,4-tetrahydroisoquinoline-3-carboxamide
5 non-polymer 'ZINC ION'
6 non-polymer "ADENOSINE-5'-DIPHOSPHATE"
7 non-polymer 'MAGNESIUM ION'
#
loop_
_entity_poly.entity_id
_entity_poly.type
_entity_poly.pdbx_seq_one_letter_code
_entity_poly.pdbx_strand_id
1 'polypeptide(L)'
;MSYNYVVTAQKPTAVNGCVTGHFTSAEDLNLLIAKNTRLEIYVVTAEGLRPVKEVGMYGKIAVMELFRPKGESKDLLFIL
TAKYNACILEYKQSGESIDIITRAHGNVQDRIGRPSETGIIGIIDPECRMIGLRLYDGLFKVIPLDRDNKELKAFNIRLE
ELHVIDVKFLYGCQAPTICFVYQDPQGRHVKTYEVSLREKEFNKGPWKQENVEAEASMVIAVPEPFGGAIIIGQESITYH
NGDKYLAIAPPIIKQSTIVCHNRVDPNGSRYLLGDMEGRLFMLLLEKEEQMDGTVTLKDLRVELLGETSIAECLTYLDNG
VVFVGSRLGDSQLVKLNVDSNEQGSYVVAMETFTNLGPIVDMCVVDLERQGQGQLVTCSGAFKEGSLRIIRNGIGIHEHA
SIDLPGIKGLWPLRSDPNRETDDTLVLSFVGQTRVLMLNGEEVEETELMGFVDDQQTFFCGNVAHQQLIQITSASVRLVS
QEPKALVSEWKEPQAKNISVASCNSSQVVVAVGRALYYLQIHPQELRQISHTEMEHEVACLDITPLGDSNGLSPLCAIGL
WTDISARILKLPSFELLHKEMLGGEIIPRSILMTTFESSHYLLCALGDGALFYFGLNIETGLLSDRKKVTLGTQPTVLRT
FRSLSTTNVFACSDRPTVIYSSNHKLVFSNVNLKEVNYMCPLNSDGYPDSLALANNSTLTIGTIDEIQKLHIRTVPLYES
PRKICYQEVSQCFGVLSSRIEVQDTSGGTTALRPSASTQALSSSVSSSKLFSSSTAPHETSFGEEVEVHNLLIIDQHTFE
VLHAHQFLQNEYALSLVSCKLGKDPNTYFIVGTAMVYPEEAEPKQGRIVVFQYSDGKLQTVAEKEVKGAVYSMVEFNGKL
LASINSTVRLYEWTTEKELRTECNHYNNIMALYLKTKGDFILVGDLMRSVLLLAYKPMEGNFEEIARDFNPNWMSAVEIL
DDDNFLGAENAFNLFVCQKDSAATTDEERQHLQEVGLFHLGEFVNVFCHGSLVMQNLGETSTPTQGSVLFGTVNGMIGLV
TSLSESWYNLLLDMQNRLNKVIKSVGKIEHSFWRSFHTERKTEPATGFIDGDLIESFLDISRPKMQEVVANLQYDDGSGM
KREATADDLIKVVEELTRIH
;
A
2 'polypeptide(L)'
;MAGEGDQQDAAHNMGNHLPLLPAESEEEDEMEVEDQDSKEAKKPNIINFDTSLPTSHTYLGADMEEFHGRTLHDDDSCQV
IPVLPQVMMILIPGQTLPLQLFHPQEVSMVRNLIQKDRTFAVLAYSNVQEREAQFGTTAEIYAYREEQDFGIEIVKVKAI
GRQRFKVLELRTQSDGIQQAKVQILPECVLPSTMSAVQLESLNKCQIFPSKPVSREDQCSYKWWQKYQKRKFHCANLTSW
PRWLYSLYDAETLMDRIKKQLREWDENLKDDSLPSNPIDFSYRVAACLPIDDVLRIQLLKIGSAIQRLRCELDIMNKCTS
LCCKQCQETEITTKNEIFSLSLCGPMAAYVNPHGYVHETLTVYKACNLNLIGRPSTEHSWFPGYAWTVAQCKICASHIGW
KFTATKKDMSPQKFWGLTRSALLPTIPDTEDEISPDKVILCL
;
B
3 'polypeptide(L)'
;MDEQSQGMQGPPVPQFQPQKALRPDMGYNTLANFRIEKKIGRGQFSEVYRAACLLDGVPVALKKVQIFDLMDAKARADCI
KEIDLLKQLNHPNVIKYYASFIEDNELNIVLELADAGDLSRMIKHFKKQKRLIPERTVWKYFVQLCSALEHMHSRRVMHR
DIKPANVFITATGVVKLGDLGLGRFFSSKTTAAHSLVGTPYYMSPERIHENGYNFKSDIWSLGCLLYEMAALQSPFYGDK
MNLYSLCKKIEQCDYPPLPSDHYSEELRQLVNMCINPDPEKRPDVTYVYDVAKRMHACTASSLE
;
C
#
# COMPACT_ATOMS: atom_id res chain seq x y z
N MET A 1 3.28 -12.58 27.56
CA MET A 1 4.18 -11.43 27.40
C MET A 1 5.57 -11.90 26.99
N SER A 2 6.17 -11.29 25.95
CA SER A 2 7.52 -11.68 25.49
C SER A 2 8.58 -10.81 26.15
N TYR A 3 9.73 -11.40 26.44
CA TYR A 3 10.86 -10.70 27.05
C TYR A 3 12.13 -11.15 26.32
N ASN A 4 12.93 -10.21 25.81
CA ASN A 4 14.13 -10.53 25.04
C ASN A 4 15.38 -9.78 25.52
N TYR A 5 16.56 -10.29 25.12
CA TYR A 5 17.87 -9.76 25.49
C TYR A 5 18.69 -9.56 24.22
N VAL A 6 19.06 -8.31 23.89
CA VAL A 6 19.83 -8.00 22.68
C VAL A 6 21.27 -7.62 23.06
N VAL A 7 22.26 -8.43 22.65
CA VAL A 7 23.66 -8.15 22.94
C VAL A 7 24.47 -8.11 21.63
N THR A 8 25.44 -7.18 21.55
CA THR A 8 26.26 -7.00 20.36
C THR A 8 27.43 -7.98 20.32
N ALA A 9 27.43 -8.91 19.36
CA ALA A 9 28.51 -9.89 19.20
C ALA A 9 29.70 -9.23 18.48
N GLN A 10 29.42 -8.43 17.42
CA GLN A 10 30.44 -7.70 16.67
C GLN A 10 30.00 -6.26 16.55
N LYS A 11 30.80 -5.31 17.06
CA LYS A 11 30.52 -3.88 17.02
C LYS A 11 30.34 -3.36 15.57
N PRO A 12 29.61 -2.25 15.30
CA PRO A 12 29.50 -1.77 13.91
C PRO A 12 30.87 -1.38 13.36
N THR A 13 31.25 -1.98 12.22
CA THR A 13 32.56 -1.77 11.61
C THR A 13 32.58 -0.71 10.51
N ALA A 14 31.43 -0.38 9.91
CA ALA A 14 31.39 0.60 8.84
C ALA A 14 31.65 2.01 9.34
N VAL A 15 32.49 2.77 8.61
CA VAL A 15 32.87 4.13 8.98
C VAL A 15 31.97 5.13 8.25
N ASN A 16 31.21 5.94 8.99
CA ASN A 16 30.34 6.97 8.42
C ASN A 16 30.95 8.39 8.43
N GLY A 17 32.08 8.58 9.11
CA GLY A 17 32.73 9.89 9.17
C GLY A 17 34.07 9.83 9.86
N CYS A 18 35.04 10.66 9.40
CA CYS A 18 36.37 10.73 9.99
C CYS A 18 36.84 12.19 10.00
N VAL A 19 37.56 12.59 11.05
CA VAL A 19 38.05 13.96 11.23
C VAL A 19 39.48 13.94 11.79
N THR A 20 40.25 15.02 11.51
CA THR A 20 41.64 15.17 11.97
C THR A 20 41.84 16.49 12.69
N GLY A 21 42.77 16.50 13.64
CA GLY A 21 43.06 17.69 14.43
C GLY A 21 43.98 17.37 15.58
N HIS A 22 43.74 17.98 16.75
CA HIS A 22 44.58 17.79 17.94
C HIS A 22 43.67 17.66 19.18
N PHE A 23 42.89 16.57 19.24
CA PHE A 23 41.94 16.34 20.33
C PHE A 23 42.58 15.95 21.67
N THR A 24 43.54 15.01 21.67
CA THR A 24 44.18 14.55 22.90
C THR A 24 45.16 15.58 23.45
N SER A 25 45.94 16.21 22.54
CA SER A 25 46.91 17.24 22.90
C SER A 25 47.26 18.07 21.66
N ALA A 26 47.62 19.35 21.87
CA ALA A 26 48.00 20.24 20.76
C ALA A 26 49.19 19.67 19.95
N GLU A 27 50.14 18.99 20.63
CA GLU A 27 51.32 18.40 19.98
C GLU A 27 51.09 16.98 19.42
N ASP A 28 49.86 16.42 19.54
CA ASP A 28 49.52 15.09 19.02
C ASP A 28 48.56 15.28 17.85
N LEU A 29 48.87 14.70 16.67
CA LEU A 29 47.96 14.77 15.53
C LEU A 29 47.02 13.57 15.66
N ASN A 30 45.71 13.82 15.76
CA ASN A 30 44.72 12.75 15.95
C ASN A 30 43.86 12.46 14.72
N LEU A 31 43.33 11.22 14.66
CA LEU A 31 42.38 10.77 13.64
C LEU A 31 41.22 10.18 14.42
N LEU A 32 40.08 10.87 14.44
CA LEU A 32 38.89 10.40 15.14
C LEU A 32 37.94 9.84 14.11
N ILE A 33 37.44 8.62 14.34
CA ILE A 33 36.58 7.90 13.41
C ILE A 33 35.24 7.60 14.09
N ALA A 34 34.13 7.71 13.33
CA ALA A 34 32.78 7.43 13.82
C ALA A 34 32.22 6.19 13.13
N LYS A 35 32.10 5.08 13.87
CA LYS A 35 31.53 3.83 13.36
C LYS A 35 30.13 3.71 13.91
N ASN A 36 29.24 4.60 13.44
CA ASN A 36 27.83 4.69 13.83
C ASN A 36 27.65 5.08 15.33
N THR A 37 27.69 4.14 16.30
CA THR A 37 27.53 4.43 17.72
C THR A 37 28.85 4.49 18.50
N ARG A 38 29.98 4.09 17.90
CA ARG A 38 31.29 4.09 18.55
C ARG A 38 32.16 5.24 18.02
N LEU A 39 33.14 5.67 18.83
CA LEU A 39 34.08 6.73 18.45
C LEU A 39 35.49 6.26 18.79
N GLU A 40 36.34 6.06 17.77
CA GLU A 40 37.72 5.60 17.94
C GLU A 40 38.68 6.79 17.85
N ILE A 41 39.67 6.84 18.76
CA ILE A 41 40.68 7.93 18.81
C ILE A 41 42.05 7.30 18.53
N TYR A 42 42.79 7.85 17.55
CA TYR A 42 44.12 7.37 17.16
C TYR A 42 45.13 8.50 17.09
N VAL A 43 46.42 8.18 17.27
CA VAL A 43 47.52 9.16 17.15
C VAL A 43 48.27 8.80 15.86
N VAL A 44 48.49 9.81 14.99
CA VAL A 44 49.15 9.60 13.71
C VAL A 44 50.66 9.42 13.95
N THR A 45 51.21 8.27 13.56
CA THR A 45 52.63 7.93 13.70
C THR A 45 53.16 7.36 12.38
N ALA A 46 54.50 7.30 12.23
CA ALA A 46 55.11 6.65 11.07
C ALA A 46 54.71 5.15 11.00
N GLU A 47 54.38 4.52 12.16
CA GLU A 47 53.92 3.13 12.23
C GLU A 47 52.41 2.97 11.88
N GLY A 48 51.80 3.98 11.27
CA GLY A 48 50.38 3.95 10.92
C GLY A 48 49.54 4.70 11.92
N LEU A 49 48.76 3.97 12.75
CA LEU A 49 47.88 4.56 13.75
C LEU A 49 48.03 3.84 15.09
N ARG A 50 48.21 4.60 16.19
CA ARG A 50 48.31 4.03 17.53
C ARG A 50 46.93 4.13 18.21
N PRO A 51 46.31 3.02 18.70
CA PRO A 51 45.00 3.18 19.35
C PRO A 51 45.09 3.87 20.71
N VAL A 52 44.17 4.80 20.99
CA VAL A 52 44.16 5.55 22.24
C VAL A 52 42.95 5.16 23.11
N LYS A 53 41.70 5.32 22.59
CA LYS A 53 40.50 5.00 23.36
C LYS A 53 39.27 4.93 22.45
N GLU A 54 38.48 3.86 22.60
CA GLU A 54 37.21 3.68 21.88
C GLU A 54 36.12 3.89 22.91
N VAL A 55 35.15 4.78 22.62
CA VAL A 55 34.04 5.07 23.54
C VAL A 55 32.70 4.69 22.90
N GLY A 56 31.81 4.14 23.73
CA GLY A 56 30.48 3.74 23.28
C GLY A 56 29.47 4.83 23.56
N MET A 57 29.08 5.55 22.50
CA MET A 57 28.14 6.68 22.63
C MET A 57 26.71 6.23 22.35
N TYR A 58 25.76 6.70 23.17
CA TYR A 58 24.35 6.38 22.99
C TYR A 58 23.72 7.30 21.95
N GLY A 59 24.08 7.07 20.69
CA GLY A 59 23.56 7.86 19.58
C GLY A 59 24.30 7.62 18.29
N LYS A 60 23.62 7.84 17.16
CA LYS A 60 24.22 7.69 15.85
C LYS A 60 24.96 8.99 15.54
N ILE A 61 26.30 8.97 15.44
CA ILE A 61 27.07 10.19 15.21
C ILE A 61 26.76 10.77 13.82
N ALA A 62 25.91 11.80 13.76
CA ALA A 62 25.52 12.45 12.51
C ALA A 62 26.51 13.56 12.13
N VAL A 63 26.91 14.40 13.11
CA VAL A 63 27.89 15.48 12.90
C VAL A 63 29.08 15.21 13.82
N MET A 64 30.29 15.41 13.29
CA MET A 64 31.52 15.22 14.05
C MET A 64 32.58 16.16 13.48
N GLU A 65 32.85 17.26 14.18
CA GLU A 65 33.83 18.26 13.75
C GLU A 65 34.68 18.72 14.94
N LEU A 66 35.96 19.03 14.69
CA LEU A 66 36.87 19.51 15.74
C LEU A 66 37.01 21.03 15.63
N PHE A 67 37.16 21.69 16.78
CA PHE A 67 37.30 23.14 16.89
C PHE A 67 38.04 23.51 18.18
N ARG A 68 38.79 24.63 18.20
CA ARG A 68 39.52 25.04 19.39
C ARG A 68 39.11 26.45 19.85
N PRO A 69 38.27 26.60 20.91
CA PRO A 69 37.95 27.96 21.38
C PRO A 69 39.19 28.75 21.81
N LYS A 70 39.14 30.08 21.69
CA LYS A 70 40.29 30.91 22.05
C LYS A 70 40.56 30.80 23.54
N GLY A 71 41.73 30.29 23.90
CA GLY A 71 42.14 30.06 25.29
C GLY A 71 42.41 28.59 25.56
N GLU A 72 41.61 27.70 24.94
CA GLU A 72 41.77 26.25 25.11
C GLU A 72 43.08 25.74 24.54
N SER A 73 43.82 24.93 25.31
CA SER A 73 45.11 24.38 24.91
C SER A 73 44.98 23.37 23.77
N LYS A 74 43.94 22.52 23.80
CA LYS A 74 43.72 21.49 22.79
C LYS A 74 42.29 21.55 22.22
N ASP A 75 42.06 20.88 21.08
CA ASP A 75 40.76 20.88 20.41
C ASP A 75 39.65 20.19 21.22
N LEU A 76 38.41 20.64 21.00
CA LEU A 76 37.19 20.06 21.56
C LEU A 76 36.41 19.46 20.38
N LEU A 77 35.62 18.42 20.66
CA LEU A 77 34.86 17.73 19.62
C LEU A 77 33.36 17.94 19.80
N PHE A 78 32.67 18.34 18.73
CA PHE A 78 31.22 18.52 18.74
C PHE A 78 30.58 17.29 18.10
N ILE A 79 29.60 16.67 18.78
CA ILE A 79 28.88 15.52 18.23
C ILE A 79 27.37 15.78 18.34
N LEU A 80 26.65 15.59 17.23
CA LEU A 80 25.20 15.70 17.17
C LEU A 80 24.72 14.31 16.75
N THR A 81 23.78 13.73 17.51
CA THR A 81 23.29 12.37 17.19
C THR A 81 22.09 12.44 16.24
N ALA A 82 21.62 11.28 15.72
CA ALA A 82 20.44 11.23 14.85
C ALA A 82 19.20 11.78 15.58
N LYS A 83 19.11 11.60 16.91
CA LYS A 83 18.00 12.13 17.71
C LYS A 83 18.28 13.59 18.19
N TYR A 84 19.16 14.33 17.46
CA TYR A 84 19.54 15.72 17.72
C TYR A 84 20.15 15.97 19.11
N ASN A 85 20.96 15.03 19.63
CA ASN A 85 21.63 15.24 20.92
C ASN A 85 22.98 15.91 20.69
N ALA A 86 23.02 17.23 20.82
CA ALA A 86 24.25 18.00 20.63
C ALA A 86 25.10 17.98 21.90
N CYS A 87 26.44 17.96 21.75
CA CYS A 87 27.36 17.96 22.88
C CYS A 87 28.79 18.35 22.45
N ILE A 88 29.57 18.91 23.38
CA ILE A 88 30.97 19.29 23.17
C ILE A 88 31.77 18.51 24.22
N LEU A 89 32.73 17.68 23.76
CA LEU A 89 33.54 16.84 24.63
C LEU A 89 35.00 17.25 24.68
N GLU A 90 35.68 16.94 25.79
CA GLU A 90 37.09 17.24 26.01
C GLU A 90 37.81 15.94 26.42
N TYR A 91 39.00 15.71 25.86
CA TYR A 91 39.82 14.56 26.23
C TYR A 91 40.51 14.89 27.55
N LYS A 92 40.48 13.98 28.53
CA LYS A 92 41.13 14.20 29.83
C LYS A 92 41.76 12.91 30.32
N GLN A 93 43.09 12.93 30.53
CA GLN A 93 43.84 11.77 31.02
C GLN A 93 44.69 12.15 32.22
N SER A 94 44.49 11.46 33.35
CA SER A 94 45.28 11.66 34.56
C SER A 94 46.10 10.39 34.74
N GLY A 95 47.36 10.42 34.31
CA GLY A 95 48.23 9.26 34.37
C GLY A 95 47.84 8.22 33.33
N GLU A 96 47.06 7.22 33.75
CA GLU A 96 46.56 6.15 32.88
C GLU A 96 45.06 6.28 32.60
N SER A 97 44.29 6.83 33.56
CA SER A 97 42.83 6.97 33.43
C SER A 97 42.39 7.90 32.30
N ILE A 98 41.91 7.33 31.18
CA ILE A 98 41.44 8.08 30.02
C ILE A 98 39.91 8.19 30.11
N ASP A 99 39.39 9.42 30.20
CA ASP A 99 37.94 9.67 30.29
C ASP A 99 37.55 10.85 29.40
N ILE A 100 36.44 10.73 28.66
CA ILE A 100 35.93 11.78 27.78
C ILE A 100 34.84 12.54 28.53
N ILE A 101 35.15 13.74 29.03
CA ILE A 101 34.17 14.54 29.78
C ILE A 101 33.19 15.26 28.84
N THR A 102 32.03 15.67 29.38
CA THR A 102 30.99 16.40 28.65
C THR A 102 31.02 17.85 29.11
N ARG A 103 31.61 18.75 28.31
CA ARG A 103 31.68 20.18 28.64
C ARG A 103 30.30 20.82 28.47
N ALA A 104 29.64 20.55 27.33
CA ALA A 104 28.32 21.07 27.01
C ALA A 104 27.44 19.92 26.50
N HIS A 105 26.12 20.00 26.73
CA HIS A 105 25.17 18.95 26.30
C HIS A 105 23.77 19.53 26.07
N GLY A 106 22.89 18.77 25.42
CA GLY A 106 21.52 19.18 25.17
C GLY A 106 20.87 18.47 24.00
N ASN A 107 19.55 18.64 23.87
CA ASN A 107 18.76 18.07 22.78
C ASN A 107 18.27 19.26 21.95
N VAL A 108 18.85 19.47 20.77
CA VAL A 108 18.51 20.62 19.91
C VAL A 108 17.36 20.32 18.92
N GLN A 109 16.49 19.32 19.20
CA GLN A 109 15.36 19.05 18.33
C GLN A 109 14.33 20.15 18.53
N ASP A 110 13.91 20.84 17.46
CA ASP A 110 12.88 21.87 17.58
C ASP A 110 11.52 21.23 17.87
N ARG A 111 10.64 22.00 18.50
CA ARG A 111 9.31 21.51 18.89
C ARG A 111 8.48 21.09 17.66
N ILE A 112 8.59 21.84 16.55
CA ILE A 112 7.94 21.52 15.27
C ILE A 112 9.02 21.76 14.19
N GLY A 113 9.22 20.81 13.29
CA GLY A 113 10.22 20.93 12.25
C GLY A 113 9.97 20.09 11.02
N ARG A 114 10.48 20.56 9.87
CA ARG A 114 10.40 19.91 8.56
C ARG A 114 11.80 19.34 8.25
N PRO A 115 12.15 18.08 8.63
CA PRO A 115 13.51 17.59 8.35
C PRO A 115 13.95 17.74 6.89
N SER A 116 15.15 18.28 6.68
CA SER A 116 15.65 18.53 5.34
C SER A 116 15.94 17.27 4.55
N GLU A 117 15.87 17.37 3.22
CA GLU A 117 16.11 16.25 2.32
C GLU A 117 17.60 15.90 2.21
N THR A 118 18.51 16.89 2.34
CA THR A 118 19.96 16.61 2.28
C THR A 118 20.53 16.23 3.67
N GLY A 119 19.72 15.63 4.53
CA GLY A 119 20.16 15.20 5.85
C GLY A 119 20.49 16.31 6.81
N ILE A 120 21.23 15.97 7.88
CA ILE A 120 21.64 16.91 8.91
C ILE A 120 23.02 17.47 8.56
N ILE A 121 23.16 18.80 8.49
CA ILE A 121 24.45 19.45 8.18
C ILE A 121 24.85 20.25 9.43
N GLY A 122 26.09 20.05 9.87
CA GLY A 122 26.63 20.75 11.03
C GLY A 122 27.97 21.38 10.69
N ILE A 123 28.06 22.72 10.77
CA ILE A 123 29.26 23.49 10.43
C ILE A 123 29.62 24.46 11.56
N ILE A 124 30.92 24.73 11.76
CA ILE A 124 31.40 25.60 12.83
C ILE A 124 32.15 26.79 12.21
N ASP A 125 31.95 28.00 12.76
CA ASP A 125 32.63 29.21 12.30
C ASP A 125 34.15 29.08 12.56
N PRO A 126 35.04 29.44 11.61
CA PRO A 126 36.49 29.30 11.86
C PRO A 126 37.04 29.87 13.17
N GLU A 127 36.44 30.96 13.70
CA GLU A 127 36.91 31.56 14.95
C GLU A 127 36.29 30.93 16.22
N CYS A 128 35.58 29.78 16.09
CA CYS A 128 34.94 29.08 17.21
C CYS A 128 34.03 30.01 18.01
N ARG A 129 33.14 30.74 17.31
CA ARG A 129 32.20 31.67 17.94
C ARG A 129 30.75 31.18 17.87
N MET A 130 30.42 30.22 16.98
CA MET A 130 29.07 29.67 16.86
C MET A 130 29.07 28.30 16.14
N ILE A 131 27.96 27.54 16.27
CA ILE A 131 27.77 26.26 15.58
C ILE A 131 26.49 26.36 14.76
N GLY A 132 26.61 26.42 13.44
CA GLY A 132 25.47 26.48 12.55
C GLY A 132 24.99 25.09 12.18
N LEU A 133 23.77 24.71 12.62
CA LEU A 133 23.20 23.41 12.31
C LEU A 133 21.96 23.57 11.42
N ARG A 134 22.02 23.07 10.19
CA ARG A 134 20.87 23.12 9.29
C ARG A 134 20.16 21.77 9.44
N LEU A 135 19.12 21.73 10.28
CA LEU A 135 18.37 20.51 10.56
C LEU A 135 17.06 20.51 9.76
N TYR A 136 16.37 21.65 9.73
CA TYR A 136 15.07 21.80 9.05
C TYR A 136 15.14 22.83 7.92
N ASP A 137 14.22 22.70 6.95
CA ASP A 137 14.16 23.60 5.80
C ASP A 137 13.65 24.98 6.23
N GLY A 138 14.39 26.03 5.91
CA GLY A 138 14.02 27.40 6.24
C GLY A 138 14.46 27.89 7.61
N LEU A 139 15.10 27.03 8.44
CA LEU A 139 15.55 27.43 9.77
C LEU A 139 17.02 27.04 9.99
N PHE A 140 17.91 28.03 10.07
CA PHE A 140 19.32 27.81 10.31
C PHE A 140 19.58 28.05 11.79
N LYS A 141 19.86 26.96 12.54
CA LYS A 141 20.09 27.06 13.98
C LYS A 141 21.51 27.56 14.26
N VAL A 142 21.66 28.47 15.24
CA VAL A 142 22.94 29.05 15.63
C VAL A 142 23.10 28.84 17.13
N ILE A 143 24.21 28.26 17.57
CA ILE A 143 24.50 28.04 19.00
C ILE A 143 25.74 28.87 19.35
N PRO A 144 25.64 30.02 20.06
CA PRO A 144 26.88 30.77 20.38
C PRO A 144 27.80 30.00 21.32
N LEU A 145 29.09 29.88 20.98
CA LEU A 145 30.06 29.17 21.81
C LEU A 145 30.58 30.07 22.93
N ASP A 146 29.70 30.42 23.87
CA ASP A 146 30.04 31.27 25.01
C ASP A 146 30.71 30.42 26.12
N ARG A 147 31.29 31.09 27.13
CA ARG A 147 31.99 30.43 28.22
C ARG A 147 31.04 29.55 29.07
N ASP A 148 29.89 30.11 29.50
CA ASP A 148 28.92 29.43 30.37
C ASP A 148 27.78 28.74 29.64
N ASN A 149 27.94 28.38 28.35
CA ASN A 149 26.88 27.72 27.60
C ASN A 149 26.95 26.20 27.76
N LYS A 150 26.62 25.71 28.96
CA LYS A 150 26.64 24.28 29.26
C LYS A 150 25.44 23.55 28.66
N GLU A 151 24.26 24.20 28.59
CA GLU A 151 23.06 23.58 28.05
C GLU A 151 22.79 23.89 26.56
N LEU A 152 23.77 24.48 25.84
CA LEU A 152 23.69 24.80 24.41
C LEU A 152 22.38 25.48 24.01
N LYS A 153 22.15 26.71 24.51
CA LYS A 153 20.96 27.49 24.17
C LYS A 153 21.08 27.88 22.70
N ALA A 154 20.06 27.58 21.89
CA ALA A 154 20.08 27.83 20.45
C ALA A 154 18.94 28.73 19.98
N PHE A 155 19.14 29.41 18.84
CA PHE A 155 18.15 30.28 18.21
C PHE A 155 18.19 30.06 16.69
N ASN A 156 17.02 30.12 16.03
CA ASN A 156 16.93 29.93 14.59
C ASN A 156 16.73 31.24 13.86
N ILE A 157 17.51 31.47 12.79
CA ILE A 157 17.36 32.68 11.96
C ILE A 157 16.52 32.25 10.75
N ARG A 158 15.43 32.96 10.47
CA ARG A 158 14.52 32.61 9.38
C ARG A 158 15.19 32.73 8.02
N LEU A 159 15.46 31.57 7.39
CA LEU A 159 16.09 31.50 6.07
C LEU A 159 15.00 31.40 5.01
N GLU A 160 15.05 32.25 3.97
CA GLU A 160 14.04 32.24 2.91
C GLU A 160 14.16 31.02 2.00
N GLU A 161 15.40 30.55 1.75
CA GLU A 161 15.64 29.40 0.90
C GLU A 161 15.29 28.12 1.66
N LEU A 162 14.39 27.29 1.11
CA LEU A 162 13.97 26.04 1.77
C LEU A 162 14.80 24.85 1.25
N HIS A 163 14.87 24.66 -0.08
CA HIS A 163 15.60 23.55 -0.66
C HIS A 163 17.10 23.87 -0.77
N VAL A 164 17.78 23.93 0.39
CA VAL A 164 19.20 24.22 0.42
C VAL A 164 19.95 22.90 0.29
N ILE A 165 20.98 22.87 -0.58
CA ILE A 165 21.74 21.65 -0.87
C ILE A 165 22.91 21.45 0.11
N ASP A 166 23.78 22.46 0.27
CA ASP A 166 24.95 22.36 1.17
C ASP A 166 25.39 23.75 1.64
N VAL A 167 25.81 23.89 2.92
CA VAL A 167 26.23 25.17 3.53
C VAL A 167 27.60 24.99 4.21
N LYS A 168 28.50 26.00 4.11
CA LYS A 168 29.81 25.99 4.77
C LYS A 168 30.19 27.42 5.16
N PHE A 169 30.81 27.60 6.35
CA PHE A 169 31.26 28.93 6.80
C PHE A 169 32.49 29.32 6.00
N LEU A 170 32.43 30.41 5.22
CA LEU A 170 33.56 30.84 4.40
C LEU A 170 34.74 31.35 5.23
N TYR A 171 35.95 31.27 4.65
CA TYR A 171 37.19 31.79 5.23
C TYR A 171 37.51 33.14 4.54
N GLY A 172 38.35 33.95 5.17
CA GLY A 172 38.70 35.26 4.65
C GLY A 172 37.53 36.21 4.79
N CYS A 173 36.90 36.20 5.98
CA CYS A 173 35.73 37.01 6.29
C CYS A 173 35.97 37.69 7.62
N GLN A 174 35.88 39.03 7.66
CA GLN A 174 36.05 39.79 8.90
C GLN A 174 34.84 39.52 9.81
N ALA A 175 33.62 39.51 9.24
CA ALA A 175 32.39 39.17 9.95
C ALA A 175 31.96 37.75 9.50
N PRO A 176 31.51 36.84 10.40
CA PRO A 176 31.15 35.47 9.94
C PRO A 176 30.17 35.43 8.76
N THR A 177 30.44 34.54 7.78
CA THR A 177 29.61 34.40 6.57
C THR A 177 29.38 32.92 6.25
N ILE A 178 28.20 32.60 5.69
CA ILE A 178 27.83 31.24 5.30
C ILE A 178 27.48 31.20 3.80
N CYS A 179 28.22 30.40 3.03
CA CYS A 179 27.98 30.23 1.60
C CYS A 179 27.16 28.96 1.40
N PHE A 180 26.21 28.99 0.44
CA PHE A 180 25.37 27.83 0.19
C PHE A 180 24.88 27.75 -1.24
N VAL A 181 24.59 26.52 -1.68
CA VAL A 181 24.04 26.23 -2.99
C VAL A 181 22.60 25.84 -2.72
N TYR A 182 21.63 26.54 -3.32
CA TYR A 182 20.23 26.21 -3.13
C TYR A 182 19.54 25.96 -4.45
N GLN A 183 18.44 25.19 -4.42
CA GLN A 183 17.67 24.89 -5.62
C GLN A 183 16.26 25.46 -5.52
N ASP A 184 15.79 26.03 -6.64
CA ASP A 184 14.45 26.56 -6.81
C ASP A 184 13.96 26.14 -8.23
N PRO A 185 12.65 26.21 -8.59
CA PRO A 185 12.24 25.78 -9.94
C PRO A 185 13.02 26.42 -11.10
N GLN A 186 13.64 27.60 -10.88
CA GLN A 186 14.41 28.28 -11.91
C GLN A 186 15.82 27.67 -12.11
N GLY A 187 16.36 26.98 -11.11
CA GLY A 187 17.67 26.34 -11.19
C GLY A 187 18.43 26.34 -9.87
N ARG A 188 19.71 25.95 -9.91
CA ARG A 188 20.58 25.94 -8.73
C ARG A 188 21.38 27.24 -8.71
N HIS A 189 21.53 27.85 -7.52
CA HIS A 189 22.22 29.14 -7.36
C HIS A 189 23.10 29.16 -6.10
N VAL A 190 24.09 30.07 -6.08
CA VAL A 190 24.99 30.25 -4.95
C VAL A 190 24.66 31.60 -4.29
N LYS A 191 24.63 31.64 -2.94
CA LYS A 191 24.32 32.87 -2.21
C LYS A 191 25.05 32.85 -0.85
N THR A 192 25.50 34.02 -0.38
CA THR A 192 26.18 34.17 0.90
C THR A 192 25.37 35.07 1.84
N TYR A 193 25.38 34.75 3.14
CA TYR A 193 24.68 35.54 4.15
C TYR A 193 25.60 35.76 5.35
N GLU A 194 25.75 37.02 5.78
CA GLU A 194 26.56 37.33 6.95
C GLU A 194 25.74 37.01 8.20
N VAL A 195 26.28 36.16 9.09
CA VAL A 195 25.55 35.72 10.28
C VAL A 195 25.78 36.73 11.40
N SER A 196 24.70 37.34 11.92
CA SER A 196 24.78 38.31 13.01
C SER A 196 24.25 37.69 14.30
N LEU A 197 25.11 37.57 15.32
CA LEU A 197 24.69 37.03 16.62
C LEU A 197 23.87 38.07 17.39
N ARG A 198 24.23 39.36 17.27
CA ARG A 198 23.54 40.45 17.96
C ARG A 198 22.13 40.73 17.39
N GLU A 199 22.02 41.01 16.06
CA GLU A 199 20.73 41.33 15.44
C GLU A 199 19.90 40.09 15.07
N LYS A 200 20.55 38.90 14.94
CA LYS A 200 19.88 37.64 14.59
C LYS A 200 19.15 37.74 13.25
N GLU A 201 19.83 38.35 12.26
CA GLU A 201 19.32 38.56 10.90
C GLU A 201 20.43 38.21 9.92
N PHE A 202 20.07 37.63 8.77
CA PHE A 202 21.04 37.31 7.74
C PHE A 202 21.29 38.55 6.89
N ASN A 203 22.36 39.29 7.19
CA ASN A 203 22.72 40.50 6.45
C ASN A 203 23.27 40.15 5.06
N LYS A 204 23.22 41.10 4.12
CA LYS A 204 23.71 40.88 2.77
C LYS A 204 25.19 40.55 2.76
N GLY A 205 25.53 39.37 2.24
CA GLY A 205 26.92 38.92 2.17
C GLY A 205 27.74 39.64 1.12
N PRO A 206 29.05 39.33 1.00
CA PRO A 206 29.87 40.05 0.00
C PRO A 206 29.55 39.78 -1.47
N TRP A 207 28.95 38.64 -1.81
CA TRP A 207 28.63 38.29 -3.20
C TRP A 207 27.57 37.17 -3.30
N LYS A 208 26.97 36.99 -4.49
CA LYS A 208 25.96 35.95 -4.74
C LYS A 208 25.86 35.67 -6.25
N GLN A 209 26.49 34.58 -6.73
CA GLN A 209 26.47 34.21 -8.14
C GLN A 209 25.38 33.19 -8.44
N GLU A 210 24.60 33.42 -9.52
CA GLU A 210 23.49 32.58 -9.95
C GLU A 210 23.90 31.68 -11.15
N ASN A 211 22.99 30.78 -11.59
CA ASN A 211 23.14 29.91 -12.77
C ASN A 211 24.29 28.88 -12.68
N VAL A 212 24.47 28.24 -11.51
CA VAL A 212 25.52 27.22 -11.36
C VAL A 212 25.04 25.86 -11.93
N GLU A 213 25.96 24.86 -12.06
CA GLU A 213 25.67 23.52 -12.61
C GLU A 213 24.40 22.91 -12.00
N ALA A 214 23.66 22.14 -12.82
CA ALA A 214 22.43 21.49 -12.38
C ALA A 214 22.65 20.48 -11.25
N GLU A 215 23.85 19.85 -11.17
CA GLU A 215 24.18 18.87 -10.14
C GLU A 215 25.10 19.43 -9.04
N ALA A 216 25.24 20.76 -8.90
CA ALA A 216 26.10 21.38 -7.87
C ALA A 216 25.66 20.91 -6.47
N SER A 217 26.39 19.94 -5.89
CA SER A 217 26.02 19.32 -4.62
C SER A 217 26.96 19.55 -3.44
N MET A 218 28.25 19.83 -3.67
CA MET A 218 29.20 19.99 -2.58
C MET A 218 29.77 21.41 -2.52
N VAL A 219 30.05 21.90 -1.30
CA VAL A 219 30.62 23.22 -1.04
C VAL A 219 31.84 23.00 -0.15
N ILE A 220 32.98 23.66 -0.45
CA ILE A 220 34.20 23.54 0.37
C ILE A 220 34.70 24.93 0.67
N ALA A 221 34.83 25.28 1.96
CA ALA A 221 35.34 26.58 2.36
C ALA A 221 36.85 26.58 2.16
N VAL A 222 37.37 27.51 1.33
CA VAL A 222 38.81 27.54 1.05
C VAL A 222 39.45 28.46 2.11
N PRO A 223 40.48 28.01 2.86
CA PRO A 223 41.10 28.91 3.85
C PRO A 223 42.03 29.97 3.27
N GLU A 224 42.50 30.89 4.13
CA GLU A 224 43.42 31.94 3.70
C GLU A 224 44.78 31.32 3.28
N PRO A 225 45.53 31.91 2.32
CA PRO A 225 45.28 33.17 1.59
C PRO A 225 44.27 33.12 0.45
N PHE A 226 43.88 31.94 -0.05
CA PHE A 226 42.96 31.85 -1.19
C PHE A 226 41.54 32.41 -0.92
N GLY A 227 40.90 31.98 0.15
CA GLY A 227 39.55 32.40 0.48
C GLY A 227 38.49 31.87 -0.47
N GLY A 228 37.23 32.23 -0.26
CA GLY A 228 36.15 31.80 -1.12
C GLY A 228 35.73 30.36 -0.91
N ALA A 229 35.01 29.78 -1.90
CA ALA A 229 34.50 28.41 -1.83
C ALA A 229 34.63 27.65 -3.16
N ILE A 230 34.69 26.31 -3.08
CA ILE A 230 34.77 25.43 -4.25
C ILE A 230 33.44 24.66 -4.31
N ILE A 231 32.71 24.75 -5.44
CA ILE A 231 31.45 24.03 -5.62
C ILE A 231 31.68 22.92 -6.63
N ILE A 232 31.31 21.67 -6.28
CA ILE A 232 31.53 20.51 -7.16
C ILE A 232 30.22 19.80 -7.46
N GLY A 233 29.89 19.66 -8.73
CA GLY A 233 28.71 18.94 -9.18
C GLY A 233 29.12 17.53 -9.58
N GLN A 234 28.80 17.12 -10.81
CA GLN A 234 29.18 15.82 -11.35
C GLN A 234 30.22 16.02 -12.46
N GLU A 235 29.95 16.93 -13.41
CA GLU A 235 30.81 17.16 -14.57
C GLU A 235 31.72 18.39 -14.51
N SER A 236 31.67 19.20 -13.43
CA SER A 236 32.51 20.41 -13.36
C SER A 236 32.86 20.79 -11.92
N ILE A 237 34.01 21.49 -11.76
CA ILE A 237 34.50 22.01 -10.47
C ILE A 237 34.62 23.51 -10.63
N THR A 238 33.93 24.28 -9.77
CA THR A 238 33.96 25.75 -9.82
C THR A 238 34.51 26.35 -8.54
N TYR A 239 35.00 27.59 -8.61
CA TYR A 239 35.53 28.34 -7.47
C TYR A 239 34.93 29.74 -7.53
N HIS A 240 34.40 30.24 -6.40
CA HIS A 240 33.79 31.57 -6.33
C HIS A 240 34.34 32.40 -5.18
N ASN A 241 34.67 33.67 -5.46
CA ASN A 241 35.14 34.61 -4.44
C ASN A 241 34.74 36.04 -4.87
N GLY A 242 33.48 36.19 -5.26
CA GLY A 242 32.96 37.47 -5.71
C GLY A 242 33.48 37.86 -7.08
N ASP A 243 34.65 38.52 -7.11
CA ASP A 243 35.28 38.94 -8.35
C ASP A 243 35.75 37.76 -9.21
N LYS A 244 36.16 36.64 -8.59
CA LYS A 244 36.64 35.47 -9.33
C LYS A 244 35.61 34.34 -9.39
N TYR A 245 35.41 33.77 -10.58
CA TYR A 245 34.54 32.62 -10.80
C TYR A 245 35.17 31.73 -11.87
N LEU A 246 35.98 30.76 -11.44
CA LEU A 246 36.64 29.80 -12.30
C LEU A 246 35.74 28.60 -12.45
N ALA A 247 35.84 27.90 -13.58
CA ALA A 247 35.03 26.72 -13.83
C ALA A 247 35.75 25.81 -14.82
N ILE A 248 36.07 24.57 -14.39
CA ILE A 248 36.78 23.60 -15.22
C ILE A 248 35.96 22.32 -15.35
N ALA A 249 35.94 21.74 -16.56
CA ALA A 249 35.20 20.52 -16.86
C ALA A 249 36.17 19.45 -17.41
N PRO A 250 37.07 18.86 -16.58
CA PRO A 250 38.00 17.85 -17.12
C PRO A 250 37.28 16.57 -17.52
N PRO A 251 37.70 15.86 -18.60
CA PRO A 251 36.99 14.62 -18.97
C PRO A 251 37.24 13.44 -18.03
N ILE A 252 38.30 13.49 -17.21
CA ILE A 252 38.62 12.40 -16.28
C ILE A 252 37.63 12.30 -15.10
N ILE A 253 36.83 13.35 -14.82
CA ILE A 253 35.86 13.33 -13.72
C ILE A 253 34.40 13.20 -14.18
N LYS A 254 34.11 13.35 -15.48
CA LYS A 254 32.74 13.31 -15.98
C LYS A 254 32.08 11.93 -15.91
N GLN A 255 32.85 10.84 -15.84
CA GLN A 255 32.28 9.49 -15.77
C GLN A 255 31.63 9.13 -14.42
N SER A 256 31.93 9.87 -13.33
CA SER A 256 31.31 9.58 -12.02
C SER A 256 31.20 10.84 -11.18
N THR A 257 30.21 10.86 -10.28
CA THR A 257 29.95 12.01 -9.41
C THR A 257 30.92 12.05 -8.22
N ILE A 258 31.54 13.22 -7.99
CA ILE A 258 32.44 13.41 -6.84
C ILE A 258 31.53 13.57 -5.62
N VAL A 259 31.71 12.72 -4.58
CA VAL A 259 30.82 12.72 -3.40
C VAL A 259 31.52 12.98 -2.05
N CYS A 260 32.86 12.98 -1.96
CA CYS A 260 33.54 13.27 -0.69
C CYS A 260 34.82 14.07 -0.91
N HIS A 261 35.23 14.83 0.11
CA HIS A 261 36.42 15.68 0.02
C HIS A 261 37.13 15.83 1.37
N ASN A 262 38.41 16.26 1.32
CA ASN A 262 39.22 16.54 2.49
C ASN A 262 40.38 17.45 2.14
N ARG A 263 40.72 18.37 3.06
CA ARG A 263 41.81 19.33 2.86
C ARG A 263 43.16 18.71 3.21
N VAL A 264 44.15 18.84 2.32
CA VAL A 264 45.48 18.28 2.54
C VAL A 264 46.35 19.31 3.26
N ASP A 265 46.53 20.52 2.67
CA ASP A 265 47.37 21.56 3.24
C ASP A 265 46.49 22.53 4.05
N PRO A 266 46.88 23.00 5.26
CA PRO A 266 46.03 23.97 5.97
C PRO A 266 45.74 25.26 5.20
N ASN A 267 46.64 25.68 4.28
CA ASN A 267 46.42 26.88 3.46
C ASN A 267 45.44 26.68 2.29
N GLY A 268 45.10 25.43 1.96
CA GLY A 268 44.17 25.12 0.89
C GLY A 268 44.76 24.90 -0.49
N SER A 269 46.05 24.58 -0.59
CA SER A 269 46.69 24.37 -1.90
C SER A 269 46.30 23.03 -2.52
N ARG A 270 46.20 21.96 -1.72
CA ARG A 270 45.88 20.62 -2.23
C ARG A 270 44.62 20.06 -1.55
N TYR A 271 43.75 19.39 -2.34
CA TYR A 271 42.50 18.80 -1.87
C TYR A 271 42.30 17.41 -2.49
N LEU A 272 41.67 16.49 -1.75
CA LEU A 272 41.39 15.13 -2.22
C LEU A 272 39.92 15.00 -2.53
N LEU A 273 39.56 14.43 -3.69
CA LEU A 273 38.16 14.26 -4.10
C LEU A 273 37.92 12.79 -4.48
N GLY A 274 37.02 12.14 -3.75
CA GLY A 274 36.64 10.76 -4.00
C GLY A 274 35.30 10.69 -4.73
N ASP A 275 35.13 9.71 -5.62
CA ASP A 275 33.89 9.55 -6.39
C ASP A 275 33.14 8.25 -6.00
N MET A 276 31.97 8.00 -6.61
CA MET A 276 31.15 6.82 -6.30
C MET A 276 31.83 5.51 -6.68
N GLU A 277 32.69 5.50 -7.71
CA GLU A 277 33.38 4.27 -8.14
C GLU A 277 34.69 4.00 -7.34
N GLY A 278 34.96 4.77 -6.28
CA GLY A 278 36.14 4.59 -5.46
C GLY A 278 37.43 5.21 -5.98
N ARG A 279 37.35 6.01 -7.05
CA ARG A 279 38.55 6.66 -7.60
C ARG A 279 38.91 7.88 -6.76
N LEU A 280 40.21 8.19 -6.68
CA LEU A 280 40.72 9.32 -5.89
C LEU A 280 41.41 10.32 -6.81
N PHE A 281 40.96 11.59 -6.80
CA PHE A 281 41.53 12.66 -7.61
C PHE A 281 42.16 13.72 -6.72
N MET A 282 43.13 14.47 -7.26
CA MET A 282 43.79 15.54 -6.53
C MET A 282 43.41 16.85 -7.19
N LEU A 283 42.79 17.76 -6.44
CA LEU A 283 42.40 19.08 -6.91
C LEU A 283 43.46 20.05 -6.42
N LEU A 284 44.23 20.66 -7.33
CA LEU A 284 45.29 21.59 -6.96
C LEU A 284 44.84 23.03 -7.18
N LEU A 285 45.23 23.92 -6.26
CA LEU A 285 44.92 25.35 -6.31
C LEU A 285 46.26 26.08 -6.49
N GLU A 286 46.57 26.53 -7.70
CA GLU A 286 47.83 27.20 -7.98
C GLU A 286 47.80 28.66 -7.53
N LYS A 287 48.76 29.06 -6.67
CA LYS A 287 48.85 30.43 -6.16
C LYS A 287 49.78 31.26 -7.03
N GLU A 288 49.40 32.52 -7.30
CA GLU A 288 50.22 33.43 -8.11
C GLU A 288 50.94 34.44 -7.18
N GLU A 289 52.09 34.96 -7.65
CA GLU A 289 52.95 35.88 -6.89
C GLU A 289 52.20 37.10 -6.31
N GLN A 290 52.76 37.70 -5.25
CA GLN A 290 52.14 38.80 -4.51
C GLN A 290 52.86 40.15 -4.67
N MET A 291 52.10 41.22 -4.93
CA MET A 291 52.57 42.59 -4.83
C MET A 291 52.22 42.87 -3.34
N ASP A 292 50.90 42.80 -3.02
CA ASP A 292 50.28 42.74 -1.70
C ASP A 292 49.01 41.81 -1.72
N GLY A 293 48.68 41.19 -2.86
CA GLY A 293 47.50 40.36 -3.04
C GLY A 293 47.79 38.89 -3.05
N THR A 294 47.90 38.30 -1.86
CA THR A 294 48.08 36.85 -1.72
C THR A 294 46.73 36.09 -1.96
N VAL A 295 45.59 36.83 -2.14
CA VAL A 295 44.25 36.29 -2.33
C VAL A 295 43.99 36.19 -3.85
N THR A 296 44.83 35.42 -4.57
CA THR A 296 44.72 35.24 -6.03
C THR A 296 44.89 33.79 -6.46
N LEU A 297 43.81 33.12 -6.91
CA LEU A 297 43.89 31.76 -7.42
C LEU A 297 44.18 31.86 -8.92
N LYS A 298 45.33 31.32 -9.35
CA LYS A 298 45.73 31.38 -10.76
C LYS A 298 44.96 30.37 -11.62
N ASP A 299 44.95 29.08 -11.25
CA ASP A 299 44.28 28.03 -12.02
C ASP A 299 44.00 26.78 -11.18
N LEU A 300 43.03 25.95 -11.62
CA LEU A 300 42.65 24.69 -10.97
C LEU A 300 43.07 23.53 -11.86
N ARG A 301 43.59 22.45 -11.26
CA ARG A 301 44.02 21.24 -11.97
C ARG A 301 43.47 20.00 -11.26
N VAL A 302 43.14 18.94 -12.03
CA VAL A 302 42.64 17.68 -11.48
C VAL A 302 43.54 16.57 -12.03
N GLU A 303 44.04 15.69 -11.14
CA GLU A 303 44.91 14.57 -11.51
C GLU A 303 44.40 13.30 -10.84
N LEU A 304 44.04 12.28 -11.62
CA LEU A 304 43.57 11.01 -11.05
C LEU A 304 44.76 10.30 -10.41
N LEU A 305 44.73 10.12 -9.10
CA LEU A 305 45.84 9.49 -8.38
C LEU A 305 45.78 7.96 -8.53
N GLY A 306 44.62 7.36 -8.25
CA GLY A 306 44.44 5.92 -8.36
C GLY A 306 43.12 5.43 -7.82
N GLU A 307 42.97 4.10 -7.71
CA GLU A 307 41.73 3.48 -7.22
C GLU A 307 41.88 3.02 -5.77
N THR A 308 40.97 3.51 -4.90
CA THR A 308 40.90 3.18 -3.47
C THR A 308 39.52 2.50 -3.18
N SER A 309 39.24 2.10 -1.91
CA SER A 309 37.91 1.55 -1.57
C SER A 309 36.82 2.61 -1.84
N ILE A 310 35.53 2.21 -1.89
CA ILE A 310 34.45 3.17 -2.15
C ILE A 310 34.35 4.09 -0.93
N ALA A 311 34.95 5.27 -1.05
CA ALA A 311 35.10 6.21 0.04
C ALA A 311 33.88 7.01 0.41
N GLU A 312 33.39 6.81 1.64
CA GLU A 312 32.31 7.62 2.21
C GLU A 312 32.94 8.97 2.62
N CYS A 313 34.15 8.93 3.22
CA CYS A 313 34.90 10.11 3.67
C CYS A 313 36.42 9.86 3.51
N LEU A 314 37.18 10.95 3.43
CA LEU A 314 38.65 10.91 3.31
C LEU A 314 39.29 11.77 4.40
N THR A 315 40.56 11.51 4.74
CA THR A 315 41.30 12.27 5.76
C THR A 315 42.81 12.18 5.52
N TYR A 316 43.45 13.29 5.15
CA TYR A 316 44.90 13.32 4.96
C TYR A 316 45.56 13.36 6.34
N LEU A 317 46.63 12.57 6.56
CA LEU A 317 47.32 12.53 7.84
C LEU A 317 48.75 13.14 7.74
N ASP A 318 49.77 12.39 7.22
CA ASP A 318 51.15 12.88 7.07
C ASP A 318 51.97 11.90 6.21
N ASN A 319 53.08 12.37 5.60
CA ASN A 319 53.93 11.57 4.72
C ASN A 319 53.12 10.97 3.55
N GLY A 320 52.13 11.72 3.05
CA GLY A 320 51.29 11.23 1.96
C GLY A 320 50.31 10.13 2.33
N VAL A 321 50.14 9.84 3.65
CA VAL A 321 49.24 8.77 4.10
C VAL A 321 47.84 9.36 4.31
N VAL A 322 46.81 8.75 3.68
CA VAL A 322 45.42 9.19 3.72
C VAL A 322 44.55 8.06 4.24
N PHE A 323 43.76 8.31 5.29
CA PHE A 323 42.80 7.33 5.79
C PHE A 323 41.55 7.43 4.91
N VAL A 324 41.07 6.30 4.40
CA VAL A 324 39.90 6.23 3.54
C VAL A 324 38.76 5.59 4.33
N GLY A 325 37.88 6.42 4.88
CA GLY A 325 36.74 5.95 5.65
C GLY A 325 35.68 5.39 4.74
N SER A 326 35.79 4.10 4.39
CA SER A 326 34.86 3.43 3.48
C SER A 326 33.69 2.82 4.25
N ARG A 327 32.48 3.00 3.74
CA ARG A 327 31.25 2.45 4.33
C ARG A 327 30.84 1.14 3.65
N LEU A 328 31.14 0.97 2.34
CA LEU A 328 30.80 -0.25 1.60
C LEU A 328 31.85 -1.37 1.75
N GLY A 329 33.13 -1.00 1.87
CA GLY A 329 34.20 -1.97 2.01
C GLY A 329 35.20 -1.61 3.08
N ASP A 330 36.30 -2.35 3.13
CA ASP A 330 37.36 -2.14 4.12
C ASP A 330 37.91 -0.72 4.09
N SER A 331 37.97 -0.07 5.26
CA SER A 331 38.59 1.25 5.37
C SER A 331 40.11 1.04 5.19
N GLN A 332 40.87 2.06 4.72
CA GLN A 332 42.29 1.84 4.47
C GLN A 332 43.20 3.08 4.45
N LEU A 333 44.42 2.92 4.96
CA LEU A 333 45.44 3.96 4.93
C LEU A 333 46.17 3.77 3.62
N VAL A 334 46.13 4.76 2.71
CA VAL A 334 46.82 4.63 1.42
C VAL A 334 47.93 5.67 1.31
N LYS A 335 49.03 5.31 0.63
CA LYS A 335 50.18 6.20 0.41
C LYS A 335 50.05 6.82 -0.97
N LEU A 336 50.20 8.14 -1.06
CA LEU A 336 50.15 8.85 -2.33
C LEU A 336 51.60 9.04 -2.75
N ASN A 337 52.03 8.35 -3.81
CA ASN A 337 53.41 8.46 -4.28
C ASN A 337 53.60 9.62 -5.24
N VAL A 338 53.13 10.81 -4.84
CA VAL A 338 53.31 12.05 -5.61
C VAL A 338 54.80 12.47 -5.65
N ASP A 339 55.64 11.93 -4.74
CA ASP A 339 57.05 12.27 -4.64
C ASP A 339 57.90 11.56 -5.70
N SER A 340 57.70 11.91 -6.98
CA SER A 340 58.45 11.39 -8.12
C SER A 340 58.79 12.59 -9.06
N ASN A 341 57.82 13.09 -9.87
CA ASN A 341 57.98 14.25 -10.76
C ASN A 341 56.68 15.11 -10.86
N GLU A 342 55.64 14.83 -10.01
CA GLU A 342 54.34 15.51 -10.03
C GLU A 342 53.47 15.15 -11.27
N GLN A 343 54.02 14.42 -12.27
CA GLN A 343 53.29 14.04 -13.47
C GLN A 343 52.60 12.69 -13.25
N GLY A 344 53.36 11.69 -12.77
CA GLY A 344 52.85 10.36 -12.52
C GLY A 344 52.72 10.04 -11.04
N SER A 345 51.59 10.43 -10.45
CA SER A 345 51.29 10.20 -9.03
C SER A 345 50.37 8.98 -8.92
N TYR A 346 50.80 7.93 -8.21
CA TYR A 346 50.04 6.69 -8.04
C TYR A 346 49.79 6.38 -6.57
N VAL A 347 48.69 5.67 -6.29
CA VAL A 347 48.34 5.28 -4.91
C VAL A 347 48.78 3.86 -4.63
N VAL A 348 49.12 3.59 -3.35
CA VAL A 348 49.53 2.26 -2.88
C VAL A 348 48.82 2.04 -1.56
N ALA A 349 47.85 1.11 -1.49
CA ALA A 349 47.16 0.83 -0.23
C ALA A 349 48.17 0.22 0.75
N MET A 350 48.22 0.74 1.98
CA MET A 350 49.20 0.29 2.98
C MET A 350 48.62 -0.50 4.14
N GLU A 351 47.33 -0.32 4.49
CA GLU A 351 46.76 -1.03 5.63
C GLU A 351 45.23 -1.06 5.53
N THR A 352 44.62 -2.25 5.44
CA THR A 352 43.15 -2.38 5.33
C THR A 352 42.56 -2.84 6.66
N PHE A 353 41.46 -2.19 7.09
CA PHE A 353 40.75 -2.46 8.33
C PHE A 353 39.42 -3.11 7.98
N THR A 354 39.16 -4.32 8.51
CA THR A 354 37.94 -5.10 8.22
C THR A 354 36.63 -4.32 8.38
N ASN A 355 35.75 -4.42 7.36
CA ASN A 355 34.43 -3.80 7.38
C ASN A 355 33.44 -4.83 6.82
N LEU A 356 32.55 -5.33 7.67
CA LEU A 356 31.57 -6.33 7.26
C LEU A 356 30.29 -5.73 6.64
N GLY A 357 30.12 -4.40 6.69
CA GLY A 357 28.91 -3.77 6.18
C GLY A 357 28.94 -3.37 4.72
N PRO A 358 27.81 -3.43 3.96
CA PRO A 358 26.46 -3.90 4.35
C PRO A 358 26.31 -5.42 4.41
N ILE A 359 25.83 -5.97 5.54
CA ILE A 359 25.59 -7.41 5.64
C ILE A 359 24.20 -7.58 5.00
N VAL A 360 24.16 -8.09 3.77
CA VAL A 360 22.90 -8.23 3.03
C VAL A 360 22.19 -9.54 3.39
N ASP A 361 22.95 -10.65 3.51
CA ASP A 361 22.40 -11.95 3.87
C ASP A 361 23.49 -12.82 4.52
N MET A 362 23.11 -13.76 5.39
CA MET A 362 24.08 -14.61 6.08
C MET A 362 23.51 -16.00 6.41
N CYS A 363 24.38 -16.94 6.81
CA CYS A 363 23.98 -18.30 7.18
C CYS A 363 24.94 -18.86 8.23
N VAL A 364 24.41 -19.60 9.21
CA VAL A 364 25.22 -20.22 10.26
C VAL A 364 25.62 -21.60 9.77
N VAL A 365 26.94 -21.88 9.76
CA VAL A 365 27.52 -23.14 9.27
C VAL A 365 28.51 -23.73 10.28
N ASP A 366 28.86 -25.01 10.13
CA ASP A 366 29.86 -25.67 10.97
C ASP A 366 30.71 -26.51 10.01
N LEU A 367 31.68 -25.86 9.36
CA LEU A 367 32.55 -26.49 8.36
C LEU A 367 33.49 -27.52 8.97
N GLU A 368 34.02 -27.23 10.17
CA GLU A 368 34.95 -28.13 10.85
C GLU A 368 34.25 -29.15 11.78
N ARG A 369 32.91 -29.08 11.94
CA ARG A 369 32.12 -29.98 12.81
C ARG A 369 32.64 -30.02 14.25
N GLN A 370 33.04 -28.84 14.78
CA GLN A 370 33.58 -28.71 16.14
C GLN A 370 32.55 -28.22 17.18
N GLY A 371 31.28 -28.09 16.82
CA GLY A 371 30.25 -27.62 17.72
C GLY A 371 30.06 -26.11 17.69
N GLN A 372 31.17 -25.35 17.61
CA GLN A 372 31.10 -23.89 17.56
C GLN A 372 30.69 -23.45 16.16
N GLY A 373 29.63 -22.63 16.08
CA GLY A 373 29.11 -22.14 14.82
C GLY A 373 29.98 -21.05 14.20
N GLN A 374 29.94 -20.97 12.87
CA GLN A 374 30.68 -20.00 12.06
C GLN A 374 29.66 -19.24 11.20
N LEU A 375 29.76 -17.91 11.13
CA LEU A 375 28.82 -17.10 10.35
C LEU A 375 29.48 -16.59 9.08
N VAL A 376 28.95 -16.99 7.90
CA VAL A 376 29.47 -16.53 6.62
C VAL A 376 28.47 -15.50 6.09
N THR A 377 28.92 -14.26 5.85
CA THR A 377 28.05 -13.15 5.44
C THR A 377 28.31 -12.69 4.01
N CYS A 378 27.30 -12.03 3.41
CA CYS A 378 27.37 -11.42 2.08
C CYS A 378 27.62 -9.95 2.32
N SER A 379 28.85 -9.60 2.65
CA SER A 379 29.26 -8.23 2.96
C SER A 379 29.71 -7.48 1.70
N GLY A 380 29.72 -6.16 1.78
CA GLY A 380 30.17 -5.32 0.67
C GLY A 380 29.15 -5.10 -0.43
N ALA A 381 29.49 -4.22 -1.36
CA ALA A 381 28.66 -3.88 -2.53
C ALA A 381 29.57 -3.37 -3.66
N PHE A 382 29.22 -3.69 -4.91
CA PHE A 382 30.00 -3.31 -6.10
C PHE A 382 31.43 -3.96 -5.97
N LYS A 383 32.54 -3.33 -6.44
CA LYS A 383 33.87 -3.92 -6.29
C LYS A 383 34.24 -4.30 -4.85
N GLU A 384 33.55 -3.72 -3.85
CA GLU A 384 33.79 -4.03 -2.43
C GLU A 384 33.11 -5.32 -1.94
N GLY A 385 32.45 -6.07 -2.83
CA GLY A 385 31.78 -7.30 -2.47
C GLY A 385 32.70 -8.35 -1.90
N SER A 386 32.23 -9.12 -0.90
CA SER A 386 33.05 -10.13 -0.23
C SER A 386 32.21 -11.10 0.62
N LEU A 387 32.82 -12.23 1.02
CA LEU A 387 32.21 -13.20 1.93
C LEU A 387 33.13 -13.26 3.14
N ARG A 388 32.59 -12.97 4.34
CA ARG A 388 33.37 -12.90 5.56
C ARG A 388 33.01 -14.08 6.45
N ILE A 389 34.01 -14.86 6.89
CA ILE A 389 33.79 -16.02 7.74
C ILE A 389 34.16 -15.63 9.16
N ILE A 390 33.16 -15.42 10.03
CA ILE A 390 33.36 -15.04 11.41
C ILE A 390 33.28 -16.28 12.30
N ARG A 391 34.30 -16.53 13.13
CA ARG A 391 34.33 -17.67 14.06
C ARG A 391 34.83 -17.19 15.42
N ASN A 392 34.32 -17.79 16.51
CA ASN A 392 34.69 -17.42 17.87
C ASN A 392 35.78 -18.36 18.39
N GLY A 393 36.81 -17.81 19.00
CA GLY A 393 37.91 -18.59 19.55
C GLY A 393 38.84 -17.77 20.41
N LYS A 709 38.03 -10.76 19.88
CA LYS A 709 38.34 -12.18 19.95
C LYS A 709 37.77 -12.99 18.75
N LEU A 710 36.87 -12.41 17.94
CA LEU A 710 36.30 -13.15 16.80
C LEU A 710 37.28 -13.08 15.62
N HIS A 711 37.74 -14.24 15.11
CA HIS A 711 38.63 -14.29 13.96
C HIS A 711 37.78 -14.17 12.69
N ILE A 712 38.23 -13.35 11.72
CA ILE A 712 37.48 -13.10 10.48
C ILE A 712 38.38 -13.28 9.23
N ARG A 713 37.94 -14.13 8.28
CA ARG A 713 38.62 -14.32 7.00
C ARG A 713 37.76 -13.66 5.91
N THR A 714 38.40 -12.95 4.97
CA THR A 714 37.70 -12.26 3.88
C THR A 714 37.96 -12.95 2.54
N VAL A 715 36.91 -13.06 1.69
CA VAL A 715 37.01 -13.63 0.34
C VAL A 715 36.49 -12.53 -0.60
N PRO A 716 37.34 -11.60 -1.12
CA PRO A 716 36.80 -10.56 -2.01
C PRO A 716 36.25 -11.13 -3.32
N LEU A 717 35.01 -10.75 -3.67
CA LEU A 717 34.34 -11.19 -4.89
C LEU A 717 34.44 -10.15 -6.01
N TYR A 718 34.62 -8.86 -5.67
CA TYR A 718 34.67 -7.73 -6.61
C TYR A 718 33.33 -7.55 -7.37
N GLU A 719 32.21 -7.95 -6.72
CA GLU A 719 30.84 -7.82 -7.24
C GLU A 719 29.83 -7.95 -6.09
N SER A 720 28.63 -7.40 -6.25
CA SER A 720 27.62 -7.39 -5.20
C SER A 720 27.03 -8.75 -4.77
N PRO A 721 27.41 -9.36 -3.61
CA PRO A 721 26.74 -10.60 -3.20
C PRO A 721 25.36 -10.28 -2.61
N ARG A 722 24.31 -10.99 -3.07
CA ARG A 722 22.94 -10.74 -2.64
C ARG A 722 22.42 -11.76 -1.61
N LYS A 723 22.54 -13.06 -1.90
CA LYS A 723 22.05 -14.11 -0.99
C LYS A 723 23.09 -15.21 -0.79
N ILE A 724 22.93 -16.03 0.27
CA ILE A 724 23.86 -17.11 0.58
C ILE A 724 23.16 -18.27 1.30
N CYS A 725 23.56 -19.51 0.96
CA CYS A 725 23.06 -20.73 1.58
C CYS A 725 24.20 -21.77 1.60
N TYR A 726 24.06 -22.82 2.42
CA TYR A 726 25.10 -23.84 2.55
C TYR A 726 24.59 -25.24 2.19
N GLN A 727 25.40 -26.01 1.43
CA GLN A 727 25.08 -27.38 1.03
C GLN A 727 26.14 -28.31 1.61
N GLU A 728 25.82 -28.94 2.74
CA GLU A 728 26.73 -29.84 3.46
C GLU A 728 27.13 -31.06 2.63
N VAL A 729 26.20 -31.62 1.84
CA VAL A 729 26.46 -32.82 1.05
C VAL A 729 27.55 -32.63 -0.02
N SER A 730 27.60 -31.45 -0.67
CA SER A 730 28.59 -31.18 -1.73
C SER A 730 29.74 -30.27 -1.26
N GLN A 731 29.83 -29.91 0.04
CA GLN A 731 30.87 -29.04 0.60
C GLN A 731 31.04 -27.76 -0.21
N CYS A 732 29.95 -27.01 -0.35
CA CYS A 732 29.95 -25.76 -1.12
C CYS A 732 28.81 -24.84 -0.67
N PHE A 733 28.97 -23.54 -0.96
CA PHE A 733 28.00 -22.51 -0.62
C PHE A 733 27.37 -21.98 -1.90
N GLY A 734 26.07 -21.78 -1.88
CA GLY A 734 25.36 -21.16 -2.98
C GLY A 734 25.31 -19.68 -2.70
N VAL A 735 25.76 -18.83 -3.65
CA VAL A 735 25.77 -17.39 -3.44
C VAL A 735 25.22 -16.68 -4.67
N LEU A 736 24.06 -16.02 -4.55
CA LEU A 736 23.54 -15.21 -5.66
C LEU A 736 24.36 -13.90 -5.64
N SER A 737 24.77 -13.41 -6.81
CA SER A 737 25.57 -12.19 -6.90
C SER A 737 25.23 -11.42 -8.17
N SER A 738 25.58 -10.13 -8.22
CA SER A 738 25.31 -9.30 -9.38
C SER A 738 26.51 -8.43 -9.73
N ARG A 739 26.76 -8.25 -11.03
CA ARG A 739 27.84 -7.41 -11.55
C ARG A 739 27.26 -6.38 -12.53
N ILE A 740 27.89 -5.21 -12.63
CA ILE A 740 27.41 -4.15 -13.52
C ILE A 740 28.26 -4.13 -14.79
N GLU A 741 27.64 -4.40 -15.95
CA GLU A 741 28.30 -4.37 -17.25
C GLU A 741 27.75 -3.19 -18.05
N VAL A 742 28.62 -2.39 -18.65
CA VAL A 742 28.16 -1.24 -19.45
C VAL A 742 27.79 -1.68 -20.87
N GLN A 743 26.84 -0.98 -21.48
CA GLN A 743 26.38 -1.30 -22.83
C GLN A 743 27.52 -0.92 -23.79
N ASP A 744 28.23 -1.95 -24.31
CA ASP A 744 29.41 -1.82 -25.18
C ASP A 744 29.15 -1.12 -26.51
N THR A 745 30.24 -0.65 -27.17
CA THR A 745 30.21 0.03 -28.46
C THR A 745 29.65 -0.89 -29.56
N SER A 746 29.89 -2.21 -29.46
CA SER A 746 29.41 -3.19 -30.43
C SER A 746 27.92 -3.56 -30.31
N GLY A 747 27.24 -3.08 -29.26
CA GLY A 747 25.83 -3.40 -29.02
C GLY A 747 25.63 -4.34 -27.85
N GLY A 748 26.62 -5.19 -27.57
CA GLY A 748 26.56 -6.11 -26.44
C GLY A 748 26.88 -5.44 -25.13
N THR A 749 27.41 -6.20 -24.15
CA THR A 749 27.78 -5.69 -22.82
C THR A 749 29.21 -6.11 -22.46
N THR A 750 29.93 -5.26 -21.70
CA THR A 750 31.32 -5.52 -21.27
C THR A 750 31.46 -5.30 -19.78
N ALA A 751 32.14 -6.22 -19.07
CA ALA A 751 32.35 -6.10 -17.63
C ALA A 751 33.32 -4.97 -17.32
N LEU A 752 33.10 -4.27 -16.20
CA LEU A 752 33.95 -3.15 -15.80
C LEU A 752 35.29 -3.63 -15.23
N ARG A 753 35.29 -4.77 -14.52
CA ARG A 753 36.49 -5.31 -13.91
C ARG A 753 36.38 -6.84 -13.71
N PRO A 754 37.50 -7.60 -13.60
CA PRO A 754 37.35 -9.05 -13.35
C PRO A 754 36.71 -9.31 -11.98
N SER A 755 35.81 -10.29 -11.89
CA SER A 755 35.12 -10.59 -10.63
C SER A 755 34.80 -12.09 -10.50
N ALA A 756 34.37 -12.51 -9.29
CA ALA A 756 34.02 -13.90 -8.96
C ALA A 756 33.26 -14.65 -10.06
N SER A 757 32.24 -14.02 -10.67
CA SER A 757 31.44 -14.65 -11.72
C SER A 757 32.19 -14.79 -13.05
N THR A 758 33.00 -13.79 -13.43
CA THR A 758 33.73 -13.86 -14.70
C THR A 758 35.01 -14.71 -14.61
N GLN A 759 35.60 -14.86 -13.41
CA GLN A 759 36.82 -15.64 -13.23
C GLN A 759 36.53 -16.96 -12.48
N ALA A 760 35.46 -17.64 -12.86
CA ALA A 760 35.11 -18.93 -12.25
C ALA A 760 35.84 -20.06 -12.97
N LEU A 761 36.03 -21.21 -12.29
CA LEU A 761 36.68 -22.36 -12.93
C LEU A 761 35.80 -22.89 -14.08
N SER A 762 34.48 -22.91 -13.87
CA SER A 762 33.49 -23.31 -14.87
C SER A 762 32.33 -22.30 -14.82
N SER A 763 31.77 -21.93 -15.98
CA SER A 763 30.66 -20.97 -16.03
C SER A 763 29.67 -21.35 -17.13
N SER A 764 28.41 -20.92 -16.96
CA SER A 764 27.35 -21.25 -17.91
C SER A 764 26.29 -20.14 -17.98
N VAL A 765 25.40 -20.23 -18.98
CA VAL A 765 24.27 -19.30 -19.19
C VAL A 765 23.01 -20.16 -19.31
N SER A 766 21.89 -19.71 -18.73
CA SER A 766 20.64 -20.48 -18.79
C SER A 766 20.14 -20.60 -20.23
N SER A 767 19.81 -21.82 -20.67
CA SER A 767 19.34 -22.07 -22.04
C SER A 767 17.83 -21.91 -22.22
N SER A 768 17.06 -21.61 -21.14
CA SER A 768 15.61 -21.46 -21.25
C SER A 768 15.23 -20.24 -22.10
N LYS A 769 14.10 -20.32 -22.82
CA LYS A 769 13.64 -19.24 -23.70
C LYS A 769 12.13 -19.02 -23.57
N LEU A 770 11.67 -18.62 -22.37
CA LEU A 770 10.25 -18.35 -22.11
C LEU A 770 9.98 -16.85 -22.21
N PHE A 782 26.38 3.06 -26.26
CA PHE A 782 25.14 3.51 -25.64
C PHE A 782 25.40 3.92 -24.18
N GLY A 783 26.16 3.10 -23.45
CA GLY A 783 26.58 3.39 -22.08
C GLY A 783 25.66 3.07 -20.92
N GLU A 784 24.46 2.50 -21.15
CA GLU A 784 23.55 2.18 -20.05
C GLU A 784 24.10 1.04 -19.18
N GLU A 785 24.05 1.19 -17.84
CA GLU A 785 24.53 0.16 -16.92
C GLU A 785 23.51 -0.98 -16.87
N VAL A 786 23.96 -2.24 -16.95
CA VAL A 786 23.08 -3.41 -16.92
C VAL A 786 23.51 -4.30 -15.75
N GLU A 787 22.56 -4.70 -14.89
CA GLU A 787 22.84 -5.57 -13.73
C GLU A 787 22.69 -7.04 -14.17
N VAL A 788 23.76 -7.83 -14.05
CA VAL A 788 23.79 -9.24 -14.46
C VAL A 788 23.87 -10.14 -13.22
N HIS A 789 22.86 -11.00 -12.98
CA HIS A 789 22.83 -11.89 -11.83
C HIS A 789 23.34 -13.29 -12.16
N ASN A 790 24.05 -13.91 -11.19
CA ASN A 790 24.66 -15.24 -11.35
C ASN A 790 24.61 -16.00 -10.02
N LEU A 791 24.55 -17.33 -10.10
CA LEU A 791 24.57 -18.21 -8.92
C LEU A 791 25.99 -18.78 -8.85
N LEU A 792 26.71 -18.51 -7.74
CA LEU A 792 28.07 -18.99 -7.59
C LEU A 792 28.12 -20.17 -6.63
N ILE A 793 28.77 -21.25 -7.05
CA ILE A 793 28.97 -22.45 -6.23
C ILE A 793 30.41 -22.34 -5.74
N ILE A 794 30.60 -21.84 -4.52
CA ILE A 794 31.93 -21.59 -3.96
C ILE A 794 32.32 -22.68 -2.96
N ASP A 795 33.54 -23.25 -3.09
CA ASP A 795 34.03 -24.31 -2.21
C ASP A 795 34.06 -23.86 -0.74
N GLN A 796 33.80 -24.78 0.19
CA GLN A 796 33.78 -24.44 1.62
C GLN A 796 35.18 -24.29 2.24
N HIS A 797 36.23 -24.93 1.68
CA HIS A 797 37.57 -24.86 2.24
C HIS A 797 38.46 -23.83 1.53
N THR A 798 38.61 -23.95 0.20
CA THR A 798 39.47 -23.04 -0.57
C THR A 798 38.78 -21.73 -0.95
N PHE A 799 37.43 -21.72 -0.97
CA PHE A 799 36.62 -20.56 -1.36
C PHE A 799 36.85 -20.14 -2.82
N GLU A 800 37.24 -21.08 -3.68
CA GLU A 800 37.40 -20.81 -5.11
C GLU A 800 36.01 -20.89 -5.74
N VAL A 801 35.74 -20.04 -6.74
CA VAL A 801 34.44 -20.05 -7.40
C VAL A 801 34.46 -21.27 -8.34
N LEU A 802 33.84 -22.37 -7.90
CA LEU A 802 33.82 -23.60 -8.69
C LEU A 802 32.91 -23.47 -9.91
N HIS A 803 31.76 -22.79 -9.77
CA HIS A 803 30.84 -22.59 -10.89
C HIS A 803 30.12 -21.25 -10.78
N ALA A 804 29.78 -20.66 -11.94
CA ALA A 804 29.06 -19.40 -12.02
C ALA A 804 27.97 -19.50 -13.10
N HIS A 805 26.75 -19.88 -12.69
CA HIS A 805 25.62 -20.00 -13.61
C HIS A 805 24.93 -18.65 -13.76
N GLN A 806 25.09 -18.01 -14.93
CA GLN A 806 24.49 -16.73 -15.25
C GLN A 806 23.03 -16.92 -15.64
N PHE A 807 22.15 -15.99 -15.22
CA PHE A 807 20.72 -16.05 -15.52
C PHE A 807 20.36 -15.29 -16.82
N LEU A 808 19.10 -15.40 -17.26
CA LEU A 808 18.61 -14.81 -18.51
C LEU A 808 18.60 -13.29 -18.55
N GLN A 809 18.43 -12.71 -19.75
CA GLN A 809 18.35 -11.26 -19.94
C GLN A 809 17.08 -10.77 -19.27
N ASN A 810 17.17 -9.67 -18.50
CA ASN A 810 16.05 -9.09 -17.75
C ASN A 810 15.50 -10.08 -16.73
N GLU A 811 16.38 -10.76 -15.98
CA GLU A 811 15.99 -11.72 -14.94
C GLU A 811 16.72 -11.39 -13.66
N TYR A 812 15.97 -11.04 -12.60
CA TYR A 812 16.54 -10.69 -11.30
C TYR A 812 16.40 -11.87 -10.33
N ALA A 813 17.53 -12.46 -9.90
CA ALA A 813 17.50 -13.56 -8.94
C ALA A 813 17.25 -13.00 -7.56
N LEU A 814 16.12 -13.35 -6.93
CA LEU A 814 15.73 -12.81 -5.63
C LEU A 814 16.00 -13.74 -4.42
N SER A 815 15.64 -15.02 -4.52
CA SER A 815 15.80 -15.96 -3.40
C SER A 815 16.61 -17.20 -3.75
N LEU A 816 17.17 -17.86 -2.72
CA LEU A 816 17.98 -19.07 -2.87
C LEU A 816 17.96 -19.92 -1.59
N VAL A 817 17.75 -21.25 -1.75
CA VAL A 817 17.74 -22.22 -0.64
C VAL A 817 18.46 -23.51 -1.09
N SER A 818 18.95 -24.30 -0.11
CA SER A 818 19.61 -25.58 -0.35
C SER A 818 18.94 -26.58 0.59
N CYS A 819 18.14 -27.51 0.04
CA CYS A 819 17.38 -28.46 0.85
C CYS A 819 16.97 -29.71 0.07
N LYS A 820 16.59 -30.77 0.81
CA LYS A 820 16.07 -32.02 0.25
C LYS A 820 14.55 -31.94 0.23
N LEU A 821 13.91 -32.33 -0.88
CA LEU A 821 12.45 -32.27 -1.00
C LEU A 821 11.88 -33.63 -1.40
N GLY A 822 10.67 -33.92 -0.91
CA GLY A 822 9.96 -35.16 -1.21
C GLY A 822 10.75 -36.41 -0.90
N LYS A 823 10.63 -37.43 -1.77
CA LYS A 823 11.34 -38.70 -1.62
C LYS A 823 12.63 -38.71 -2.47
N ASP A 824 13.31 -37.55 -2.59
CA ASP A 824 14.55 -37.43 -3.37
C ASP A 824 15.73 -37.26 -2.39
N PRO A 825 16.76 -38.15 -2.41
CA PRO A 825 17.87 -37.97 -1.46
C PRO A 825 18.86 -36.85 -1.78
N ASN A 826 18.87 -36.36 -3.03
CA ASN A 826 19.81 -35.31 -3.43
C ASN A 826 19.38 -33.95 -2.88
N THR A 827 20.35 -33.11 -2.50
CA THR A 827 20.09 -31.76 -2.00
C THR A 827 20.23 -30.81 -3.19
N TYR A 828 19.23 -29.96 -3.43
CA TYR A 828 19.22 -29.06 -4.58
C TYR A 828 19.32 -27.59 -4.20
N PHE A 829 19.92 -26.78 -5.08
CA PHE A 829 19.99 -25.32 -4.92
C PHE A 829 18.82 -24.79 -5.73
N ILE A 830 17.83 -24.18 -5.06
CA ILE A 830 16.65 -23.66 -5.72
C ILE A 830 16.77 -22.14 -5.78
N VAL A 831 16.50 -21.54 -6.95
CA VAL A 831 16.59 -20.09 -7.15
C VAL A 831 15.25 -19.54 -7.65
N GLY A 832 14.78 -18.48 -7.01
CA GLY A 832 13.54 -17.80 -7.37
C GLY A 832 13.89 -16.51 -8.08
N THR A 833 13.26 -16.24 -9.24
CA THR A 833 13.59 -15.06 -10.05
C THR A 833 12.35 -14.21 -10.38
N ALA A 834 12.57 -12.99 -10.92
CA ALA A 834 11.53 -12.07 -11.36
C ALA A 834 11.97 -11.44 -12.66
N MET A 835 11.13 -11.47 -13.69
CA MET A 835 11.47 -10.87 -14.98
C MET A 835 11.19 -9.38 -14.88
N VAL A 836 12.25 -8.59 -14.66
CA VAL A 836 12.15 -7.14 -14.48
C VAL A 836 12.40 -6.42 -15.80
N TYR A 837 11.35 -5.80 -16.36
CA TYR A 837 11.44 -5.00 -17.58
C TYR A 837 11.11 -3.53 -17.20
N PRO A 838 11.76 -2.48 -17.78
CA PRO A 838 11.39 -1.11 -17.36
C PRO A 838 9.95 -0.71 -17.68
N GLU A 839 9.34 -1.29 -18.73
CA GLU A 839 7.94 -1.01 -19.05
C GLU A 839 6.99 -1.59 -17.99
N GLU A 840 7.26 -2.80 -17.48
CA GLU A 840 6.44 -3.43 -16.45
C GLU A 840 6.75 -2.80 -15.10
N ALA A 841 5.74 -2.19 -14.45
CA ALA A 841 5.95 -1.59 -13.13
C ALA A 841 6.05 -2.71 -12.07
N GLU A 842 5.09 -3.65 -12.04
CA GLU A 842 5.10 -4.79 -11.11
C GLU A 842 5.54 -6.05 -11.86
N PRO A 843 6.30 -6.98 -11.24
CA PRO A 843 6.72 -8.18 -11.98
C PRO A 843 5.58 -9.14 -12.28
N LYS A 844 5.20 -9.25 -13.57
CA LYS A 844 4.13 -10.13 -14.02
C LYS A 844 4.62 -11.55 -14.37
N GLN A 845 5.95 -11.81 -14.34
CA GLN A 845 6.49 -13.12 -14.69
C GLN A 845 7.77 -13.41 -13.91
N GLY A 846 8.04 -14.69 -13.69
CA GLY A 846 9.22 -15.17 -12.99
C GLY A 846 9.33 -16.68 -13.04
N ARG A 847 10.34 -17.27 -12.38
CA ARG A 847 10.50 -18.74 -12.39
C ARG A 847 11.30 -19.27 -11.22
N ILE A 848 11.07 -20.54 -10.88
CA ILE A 848 11.77 -21.26 -9.82
C ILE A 848 12.62 -22.29 -10.55
N VAL A 849 13.96 -22.20 -10.44
CA VAL A 849 14.87 -23.11 -11.11
C VAL A 849 15.52 -23.99 -10.05
N VAL A 850 15.53 -25.31 -10.28
CA VAL A 850 16.09 -26.29 -9.35
C VAL A 850 17.40 -26.79 -9.97
N PHE A 851 18.50 -26.72 -9.22
CA PHE A 851 19.82 -27.14 -9.71
C PHE A 851 20.43 -28.23 -8.83
N GLN A 852 21.23 -29.13 -9.42
CA GLN A 852 21.93 -30.20 -8.71
C GLN A 852 23.42 -30.07 -8.99
N TYR A 853 24.24 -29.96 -7.94
CA TYR A 853 25.70 -29.88 -8.09
C TYR A 853 26.29 -31.26 -7.78
N SER A 854 26.79 -31.95 -8.81
CA SER A 854 27.37 -33.28 -8.67
C SER A 854 28.56 -33.43 -9.62
N ASP A 855 29.61 -34.12 -9.17
CA ASP A 855 30.84 -34.35 -9.92
C ASP A 855 31.44 -33.04 -10.44
N GLY A 856 31.52 -32.05 -9.55
CA GLY A 856 32.11 -30.75 -9.86
C GLY A 856 31.35 -29.84 -10.80
N LYS A 857 30.09 -30.16 -11.19
CA LYS A 857 29.34 -29.28 -12.09
C LYS A 857 27.86 -29.15 -11.76
N LEU A 858 27.31 -27.95 -11.97
CA LEU A 858 25.91 -27.63 -11.72
C LEU A 858 25.07 -28.03 -12.93
N GLN A 859 23.88 -28.59 -12.66
CA GLN A 859 22.97 -29.07 -13.70
C GLN A 859 21.58 -28.49 -13.49
N THR A 860 20.97 -27.93 -14.55
CA THR A 860 19.60 -27.40 -14.45
C THR A 860 18.69 -28.63 -14.46
N VAL A 861 18.02 -28.91 -13.34
CA VAL A 861 17.18 -30.11 -13.19
C VAL A 861 15.69 -29.84 -13.50
N ALA A 862 15.08 -28.87 -12.82
CA ALA A 862 13.67 -28.53 -13.04
C ALA A 862 13.48 -27.01 -13.16
N GLU A 863 12.36 -26.60 -13.78
CA GLU A 863 12.05 -25.20 -14.02
C GLU A 863 10.54 -25.04 -13.94
N LYS A 864 10.05 -24.11 -13.09
CA LYS A 864 8.61 -23.88 -12.97
C LYS A 864 8.33 -22.38 -13.10
N GLU A 865 7.80 -21.98 -14.26
CA GLU A 865 7.46 -20.58 -14.55
C GLU A 865 6.23 -20.20 -13.72
N VAL A 866 6.26 -19.00 -13.12
CA VAL A 866 5.17 -18.47 -12.29
C VAL A 866 4.81 -17.05 -12.74
N LYS A 867 3.54 -16.66 -12.54
CA LYS A 867 3.06 -15.34 -12.94
C LYS A 867 3.33 -14.31 -11.83
N GLY A 868 4.60 -14.08 -11.55
CA GLY A 868 5.03 -13.13 -10.53
C GLY A 868 6.45 -13.32 -10.05
N ALA A 869 6.90 -12.46 -9.13
CA ALA A 869 8.25 -12.52 -8.57
C ALA A 869 8.31 -13.49 -7.41
N VAL A 870 9.39 -14.27 -7.32
CA VAL A 870 9.60 -15.22 -6.24
C VAL A 870 10.53 -14.53 -5.24
N TYR A 871 9.95 -13.78 -4.30
CA TYR A 871 10.72 -13.01 -3.33
C TYR A 871 11.41 -13.88 -2.27
N SER A 872 10.71 -14.88 -1.72
CA SER A 872 11.27 -15.73 -0.68
C SER A 872 10.82 -17.17 -0.81
N MET A 873 11.70 -18.10 -0.41
CA MET A 873 11.47 -19.54 -0.42
C MET A 873 12.01 -20.14 0.88
N VAL A 874 11.44 -21.28 1.30
CA VAL A 874 11.83 -21.96 2.54
C VAL A 874 11.40 -23.44 2.50
N GLU A 875 12.25 -24.35 3.01
CA GLU A 875 11.88 -25.76 3.08
C GLU A 875 10.91 -25.90 4.23
N PHE A 876 9.71 -26.37 3.93
CA PHE A 876 8.61 -26.49 4.87
C PHE A 876 8.15 -27.95 4.93
N ASN A 877 8.65 -28.70 5.93
CA ASN A 877 8.33 -30.12 6.15
C ASN A 877 8.61 -31.00 4.90
N GLY A 878 9.75 -30.78 4.26
CA GLY A 878 10.16 -31.51 3.06
C GLY A 878 9.49 -31.06 1.77
N LYS A 879 8.85 -29.87 1.78
CA LYS A 879 8.16 -29.29 0.61
C LYS A 879 8.64 -27.85 0.39
N LEU A 880 8.59 -27.35 -0.86
CA LEU A 880 9.05 -26.00 -1.16
C LEU A 880 7.92 -24.96 -1.08
N LEU A 881 7.98 -24.10 -0.04
CA LEU A 881 7.02 -23.01 0.14
C LEU A 881 7.62 -21.76 -0.51
N ALA A 882 6.87 -21.07 -1.39
CA ALA A 882 7.37 -19.89 -2.09
C ALA A 882 6.33 -18.77 -2.14
N SER A 883 6.80 -17.51 -2.13
CA SER A 883 5.95 -16.32 -2.19
C SER A 883 6.02 -15.74 -3.60
N ILE A 884 4.88 -15.64 -4.28
CA ILE A 884 4.79 -15.14 -5.65
C ILE A 884 3.88 -13.90 -5.64
N ASN A 885 4.49 -12.69 -5.67
CA ASN A 885 3.79 -11.40 -5.62
C ASN A 885 2.93 -11.26 -4.32
N SER A 886 1.67 -11.75 -4.30
CA SER A 886 0.78 -11.69 -3.15
C SER A 886 0.18 -13.07 -2.82
N THR A 887 0.90 -14.16 -3.16
CA THR A 887 0.43 -15.53 -2.96
C THR A 887 1.51 -16.33 -2.23
N VAL A 888 1.09 -17.27 -1.37
CA VAL A 888 2.00 -18.15 -0.64
C VAL A 888 1.63 -19.56 -1.10
N ARG A 889 2.41 -20.10 -2.05
CA ARG A 889 2.15 -21.39 -2.66
C ARG A 889 3.08 -22.47 -2.10
N LEU A 890 2.59 -23.71 -2.05
CA LEU A 890 3.36 -24.85 -1.55
C LEU A 890 3.49 -25.90 -2.63
N TYR A 891 4.72 -26.28 -2.98
CA TYR A 891 5.00 -27.27 -4.00
C TYR A 891 5.50 -28.54 -3.35
N GLU A 892 5.08 -29.70 -3.89
CA GLU A 892 5.55 -30.99 -3.39
C GLU A 892 6.36 -31.64 -4.52
N TRP A 893 7.60 -32.03 -4.21
CA TRP A 893 8.53 -32.61 -5.18
C TRP A 893 8.11 -34.03 -5.54
N THR A 894 7.63 -34.23 -6.77
CA THR A 894 7.13 -35.53 -7.23
C THR A 894 8.29 -36.47 -7.60
N THR A 895 7.98 -37.78 -7.78
CA THR A 895 8.97 -38.77 -8.22
C THR A 895 9.47 -38.47 -9.66
N GLU A 896 8.70 -37.71 -10.47
CA GLU A 896 9.08 -37.32 -11.81
C GLU A 896 9.97 -36.05 -11.83
N LYS A 897 10.41 -35.53 -10.66
CA LYS A 897 11.24 -34.34 -10.52
C LYS A 897 10.59 -33.10 -11.12
N GLU A 898 9.38 -32.76 -10.63
CA GLU A 898 8.60 -31.60 -11.07
C GLU A 898 7.96 -30.94 -9.86
N LEU A 899 7.84 -29.60 -9.86
CA LEU A 899 7.22 -28.87 -8.76
C LEU A 899 5.72 -28.80 -8.97
N ARG A 900 4.97 -29.74 -8.38
CA ARG A 900 3.52 -29.79 -8.50
C ARG A 900 2.91 -28.98 -7.35
N THR A 901 1.92 -28.14 -7.64
CA THR A 901 1.27 -27.30 -6.64
C THR A 901 0.32 -28.11 -5.75
N GLU A 902 0.37 -27.89 -4.42
CA GLU A 902 -0.51 -28.55 -3.46
C GLU A 902 -1.60 -27.58 -2.98
N CYS A 903 -1.22 -26.37 -2.51
CA CYS A 903 -2.17 -25.38 -2.00
C CYS A 903 -1.65 -23.94 -2.13
N ASN A 904 -2.57 -22.97 -2.13
CA ASN A 904 -2.28 -21.54 -2.25
C ASN A 904 -2.96 -20.73 -1.13
N HIS A 905 -2.46 -19.51 -0.88
CA HIS A 905 -3.07 -18.58 0.06
C HIS A 905 -2.92 -17.17 -0.51
N TYR A 906 -4.00 -16.65 -1.09
CA TYR A 906 -4.02 -15.32 -1.69
C TYR A 906 -4.37 -14.38 -0.55
N ASN A 907 -3.52 -13.38 -0.27
CA ASN A 907 -3.71 -12.47 0.85
C ASN A 907 -3.68 -10.99 0.43
N ASN A 908 -4.14 -10.08 1.32
CA ASN A 908 -4.15 -8.64 1.07
C ASN A 908 -2.74 -8.01 1.16
N ILE A 909 -1.66 -8.84 1.22
CA ILE A 909 -0.30 -8.33 1.38
C ILE A 909 0.62 -8.86 0.27
N MET A 910 1.64 -8.07 -0.10
CA MET A 910 2.67 -8.52 -1.02
C MET A 910 3.60 -9.35 -0.14
N ALA A 911 3.55 -10.68 -0.27
CA ALA A 911 4.36 -11.58 0.54
C ALA A 911 5.84 -11.46 0.22
N LEU A 912 6.56 -10.62 0.97
CA LEU A 912 7.99 -10.42 0.76
C LEU A 912 8.80 -11.34 1.68
N TYR A 913 8.47 -11.36 2.98
CA TYR A 913 9.19 -12.17 3.96
C TYR A 913 8.46 -13.47 4.24
N LEU A 914 9.21 -14.58 4.31
CA LEU A 914 8.66 -15.90 4.63
C LEU A 914 9.58 -16.57 5.64
N LYS A 915 9.03 -16.97 6.79
CA LYS A 915 9.75 -17.68 7.84
C LYS A 915 8.81 -18.77 8.38
N THR A 916 9.33 -19.99 8.64
CA THR A 916 8.50 -21.09 9.13
C THR A 916 9.11 -21.81 10.32
N LYS A 917 8.24 -22.42 11.14
CA LYS A 917 8.65 -23.23 12.29
C LYS A 917 7.59 -24.33 12.44
N GLY A 918 7.91 -25.53 11.95
CA GLY A 918 6.97 -26.65 11.97
C GLY A 918 5.92 -26.44 10.89
N ASP A 919 4.64 -26.29 11.28
CA ASP A 919 3.53 -26.05 10.35
C ASP A 919 3.08 -24.55 10.33
N PHE A 920 3.71 -23.67 11.14
CA PHE A 920 3.33 -22.24 11.20
C PHE A 920 4.18 -21.43 10.21
N ILE A 921 3.55 -20.43 9.57
CA ILE A 921 4.20 -19.57 8.55
C ILE A 921 3.98 -18.10 8.89
N LEU A 922 5.07 -17.31 8.90
CA LEU A 922 5.02 -15.88 9.15
C LEU A 922 5.26 -15.17 7.81
N VAL A 923 4.31 -14.31 7.39
CA VAL A 923 4.36 -13.57 6.12
C VAL A 923 4.44 -12.08 6.46
N GLY A 924 5.28 -11.34 5.74
CA GLY A 924 5.45 -9.91 5.98
C GLY A 924 5.56 -9.04 4.74
N ASP A 925 5.35 -7.73 4.94
CA ASP A 925 5.37 -6.69 3.91
C ASP A 925 6.47 -5.67 4.20
N LEU A 926 6.81 -4.84 3.22
CA LEU A 926 7.78 -3.76 3.42
C LEU A 926 7.16 -2.64 4.30
N MET A 927 5.82 -2.64 4.53
CA MET A 927 5.12 -1.66 5.36
C MET A 927 4.58 -2.28 6.65
N ARG A 928 5.34 -3.21 7.27
CA ARG A 928 5.00 -3.89 8.53
C ARG A 928 3.65 -4.62 8.55
N SER A 929 2.99 -4.77 7.41
CA SER A 929 1.73 -5.48 7.32
C SER A 929 2.07 -6.98 7.37
N VAL A 930 1.89 -7.60 8.57
CA VAL A 930 2.25 -9.00 8.80
C VAL A 930 1.06 -9.89 9.14
N LEU A 931 1.21 -11.22 8.93
CA LEU A 931 0.20 -12.21 9.27
C LEU A 931 0.83 -13.59 9.54
N LEU A 932 0.07 -14.49 10.20
CA LEU A 932 0.51 -15.84 10.54
C LEU A 932 -0.49 -16.87 10.01
N LEU A 933 -0.03 -17.78 9.14
CA LEU A 933 -0.85 -18.87 8.60
C LEU A 933 -0.42 -20.20 9.22
N ALA A 934 -1.22 -21.26 9.05
CA ALA A 934 -0.89 -22.58 9.57
C ALA A 934 -1.31 -23.63 8.56
N TYR A 935 -0.41 -24.57 8.24
CA TYR A 935 -0.70 -25.65 7.30
C TYR A 935 -1.43 -26.78 8.03
N LYS A 936 -2.69 -27.03 7.67
CA LYS A 936 -3.49 -28.09 8.29
C LYS A 936 -3.55 -29.31 7.38
N PRO A 937 -2.84 -30.44 7.67
CA PRO A 937 -2.93 -31.61 6.77
C PRO A 937 -4.34 -32.15 6.52
N MET A 938 -5.26 -32.03 7.50
CA MET A 938 -6.65 -32.48 7.34
C MET A 938 -7.36 -31.68 6.24
N GLU A 939 -7.10 -30.37 6.17
CA GLU A 939 -7.71 -29.47 5.18
C GLU A 939 -6.97 -29.50 3.84
N GLY A 940 -5.63 -29.60 3.89
CA GLY A 940 -4.80 -29.54 2.69
C GLY A 940 -4.73 -28.14 2.12
N ASN A 941 -4.82 -27.12 3.01
CA ASN A 941 -4.83 -25.70 2.65
C ASN A 941 -4.43 -24.85 3.88
N PHE A 942 -4.08 -23.58 3.67
CA PHE A 942 -3.67 -22.69 4.75
C PHE A 942 -4.84 -22.00 5.44
N GLU A 943 -4.77 -21.91 6.78
CA GLU A 943 -5.77 -21.25 7.61
C GLU A 943 -5.13 -19.98 8.17
N GLU A 944 -5.80 -18.82 8.04
CA GLU A 944 -5.28 -17.57 8.55
C GLU A 944 -5.51 -17.53 10.07
N ILE A 945 -4.42 -17.46 10.85
CA ILE A 945 -4.49 -17.47 12.31
C ILE A 945 -4.59 -16.04 12.87
N ALA A 946 -3.68 -15.14 12.47
CA ALA A 946 -3.68 -13.76 12.99
C ALA A 946 -3.08 -12.75 12.00
N ARG A 947 -3.48 -11.46 12.16
CA ARG A 947 -3.04 -10.33 11.34
C ARG A 947 -2.67 -9.14 12.24
N ASP A 948 -1.78 -8.25 11.76
CA ASP A 948 -1.36 -7.05 12.49
C ASP A 948 -0.83 -6.00 11.50
N PHE A 949 -1.71 -5.10 11.04
CA PHE A 949 -1.40 -4.10 10.00
C PHE A 949 -1.08 -2.70 10.54
N ASN A 950 0.06 -2.55 11.21
CA ASN A 950 0.50 -1.24 11.69
C ASN A 950 1.39 -0.69 10.56
N PRO A 951 1.02 0.39 9.84
CA PRO A 951 1.86 0.84 8.72
C PRO A 951 3.18 1.51 9.09
N ASN A 952 4.31 0.82 8.83
CA ASN A 952 5.66 1.33 9.08
C ASN A 952 6.67 0.53 8.27
N TRP A 953 7.76 1.15 7.77
CA TRP A 953 8.75 0.44 6.95
C TRP A 953 9.41 -0.75 7.66
N MET A 954 9.88 -1.74 6.91
CA MET A 954 10.54 -2.93 7.48
C MET A 954 11.73 -3.39 6.66
N SER A 955 12.61 -4.19 7.28
CA SER A 955 13.80 -4.73 6.63
C SER A 955 13.92 -6.26 6.78
N ALA A 956 13.52 -6.85 7.93
CA ALA A 956 13.58 -8.31 8.16
C ALA A 956 12.70 -8.76 9.33
N VAL A 957 12.30 -10.05 9.33
CA VAL A 957 11.49 -10.70 10.38
C VAL A 957 12.03 -12.11 10.70
N GLU A 958 11.66 -12.66 11.89
CA GLU A 958 12.08 -14.00 12.32
C GLU A 958 11.09 -14.55 13.35
N ILE A 959 10.86 -15.87 13.34
CA ILE A 959 9.99 -16.52 14.32
C ILE A 959 10.84 -16.90 15.52
N LEU A 960 10.54 -16.34 16.70
CA LEU A 960 11.29 -16.69 17.91
C LEU A 960 10.75 -18.03 18.41
N ASP A 961 9.41 -18.15 18.51
CA ASP A 961 8.71 -19.39 18.91
C ASP A 961 7.25 -19.36 18.40
N ASP A 962 6.48 -20.44 18.60
CA ASP A 962 5.09 -20.54 18.14
C ASP A 962 4.19 -19.33 18.45
N ASP A 963 4.51 -18.53 19.49
CA ASP A 963 3.70 -17.37 19.87
C ASP A 963 4.40 -16.02 19.64
N ASN A 964 5.74 -15.95 19.80
CA ASN A 964 6.50 -14.70 19.65
C ASN A 964 7.21 -14.60 18.30
N PHE A 965 7.15 -13.41 17.66
CA PHE A 965 7.78 -13.15 16.36
C PHE A 965 8.50 -11.80 16.42
N LEU A 966 9.76 -11.75 15.96
CA LEU A 966 10.61 -10.55 15.97
C LEU A 966 10.66 -9.87 14.59
N GLY A 967 10.80 -8.56 14.59
CA GLY A 967 10.91 -7.74 13.38
C GLY A 967 11.76 -6.51 13.57
N ALA A 968 12.06 -5.81 12.46
CA ALA A 968 12.86 -4.58 12.46
C ALA A 968 12.09 -3.53 11.68
N GLU A 969 11.91 -2.30 12.23
CA GLU A 969 11.09 -1.29 11.55
C GLU A 969 11.66 0.15 11.51
N ASN A 970 11.44 0.81 10.35
CA ASN A 970 11.76 2.18 9.94
C ASN A 970 13.08 2.75 10.55
N ALA A 971 13.05 3.59 11.62
CA ALA A 971 14.26 4.21 12.12
C ALA A 971 15.00 3.34 13.11
N PHE A 972 15.61 2.26 12.59
CA PHE A 972 16.50 1.36 13.32
C PHE A 972 15.90 0.75 14.58
N ASN A 973 14.62 0.34 14.53
CA ASN A 973 13.95 -0.24 15.68
C ASN A 973 13.79 -1.76 15.54
N LEU A 974 13.55 -2.43 16.68
CA LEU A 974 13.28 -3.85 16.78
C LEU A 974 11.96 -3.99 17.54
N PHE A 975 11.06 -4.85 17.08
CA PHE A 975 9.76 -5.03 17.72
C PHE A 975 9.36 -6.50 17.78
N VAL A 976 8.51 -6.87 18.75
CA VAL A 976 8.03 -8.25 18.90
C VAL A 976 6.50 -8.24 18.99
N CYS A 977 5.85 -9.04 18.14
CA CYS A 977 4.39 -9.20 18.10
C CYS A 977 4.08 -10.59 18.63
N GLN A 978 3.10 -10.72 19.53
CA GLN A 978 2.75 -12.01 20.13
C GLN A 978 1.31 -12.40 19.86
N LYS A 979 1.08 -13.71 19.66
CA LYS A 979 -0.26 -14.26 19.45
C LYS A 979 -0.98 -14.34 20.79
N ASP A 980 -2.12 -13.64 20.93
CA ASP A 980 -2.88 -13.67 22.17
C ASP A 980 -3.59 -15.03 22.28
N SER A 981 -2.92 -15.99 22.93
CA SER A 981 -3.45 -17.34 23.11
C SER A 981 -4.58 -17.38 24.15
N ALA A 982 -4.44 -16.62 25.25
CA ALA A 982 -5.46 -16.57 26.31
C ALA A 982 -6.72 -15.76 25.91
N ALA A 983 -6.81 -15.27 24.67
CA ALA A 983 -7.96 -14.49 24.21
C ALA A 983 -9.21 -15.35 24.05
N THR A 984 -10.39 -14.76 24.30
CA THR A 984 -11.69 -15.43 24.22
C THR A 984 -12.37 -15.25 22.85
N THR A 985 -12.33 -14.02 22.30
CA THR A 985 -12.98 -13.69 21.03
C THR A 985 -12.09 -13.95 19.82
N ASP A 986 -12.71 -14.08 18.64
CA ASP A 986 -12.00 -14.27 17.38
C ASP A 986 -11.20 -13.02 17.03
N GLU A 987 -11.75 -11.82 17.31
CA GLU A 987 -11.08 -10.54 17.06
C GLU A 987 -9.73 -10.49 17.81
N GLU A 988 -9.75 -10.83 19.12
CA GLU A 988 -8.56 -10.79 19.96
C GLU A 988 -7.56 -11.91 19.61
N ARG A 989 -8.04 -13.12 19.25
CA ARG A 989 -7.15 -14.21 18.86
C ARG A 989 -6.51 -13.94 17.49
N GLN A 990 -7.26 -13.31 16.56
CA GLN A 990 -6.74 -12.98 15.22
C GLN A 990 -5.90 -11.69 15.19
N HIS A 991 -5.54 -11.11 16.36
CA HIS A 991 -4.75 -9.88 16.40
C HIS A 991 -3.48 -10.14 17.22
N LEU A 992 -2.32 -9.80 16.65
CA LEU A 992 -1.06 -9.98 17.36
C LEU A 992 -0.81 -8.71 18.16
N GLN A 993 -0.55 -8.84 19.46
CA GLN A 993 -0.32 -7.67 20.32
C GLN A 993 1.15 -7.24 20.25
N GLU A 994 1.40 -5.92 20.12
CA GLU A 994 2.76 -5.40 20.08
C GLU A 994 3.31 -5.42 21.50
N VAL A 995 4.09 -6.46 21.83
CA VAL A 995 4.62 -6.68 23.19
C VAL A 995 6.11 -6.30 23.36
N GLY A 996 6.74 -5.74 22.32
CA GLY A 996 8.15 -5.37 22.41
C GLY A 996 8.52 -4.24 21.47
N LEU A 997 9.35 -3.30 21.95
CA LEU A 997 9.81 -2.13 21.19
C LEU A 997 11.21 -1.74 21.68
N PHE A 998 12.13 -1.37 20.76
CA PHE A 998 13.51 -1.02 21.13
C PHE A 998 14.26 -0.32 19.98
N HIS A 999 14.81 0.88 20.23
CA HIS A 999 15.60 1.58 19.21
C HIS A 999 17.02 1.00 19.23
N LEU A 1000 17.31 0.08 18.31
CA LEU A 1000 18.61 -0.59 18.22
C LEU A 1000 19.73 0.33 17.71
N GLY A 1001 19.41 1.27 16.84
CA GLY A 1001 20.40 2.16 16.25
C GLY A 1001 21.08 1.58 15.01
N GLU A 1002 20.71 0.35 14.60
CA GLU A 1002 21.25 -0.34 13.42
C GLU A 1002 20.09 -0.78 12.51
N PHE A 1003 20.34 -0.87 11.19
CA PHE A 1003 19.34 -1.30 10.21
C PHE A 1003 19.53 -2.80 9.96
N VAL A 1004 18.61 -3.65 10.47
CA VAL A 1004 18.74 -5.11 10.35
C VAL A 1004 18.27 -5.63 8.99
N ASN A 1005 19.15 -6.28 8.22
CA ASN A 1005 18.79 -6.86 6.91
C ASN A 1005 18.44 -8.35 6.99
N VAL A 1006 19.02 -9.10 7.93
CA VAL A 1006 18.81 -10.55 8.00
C VAL A 1006 18.83 -11.06 9.44
N PHE A 1007 18.05 -12.11 9.72
CA PHE A 1007 17.98 -12.80 11.01
C PHE A 1007 18.27 -14.28 10.76
N CYS A 1008 19.03 -14.94 11.65
CA CYS A 1008 19.37 -16.34 11.45
C CYS A 1008 19.50 -17.08 12.79
N HIS A 1009 18.78 -18.20 12.95
CA HIS A 1009 18.85 -19.00 14.17
C HIS A 1009 20.17 -19.78 14.22
N GLY A 1010 20.90 -19.64 15.32
CA GLY A 1010 22.19 -20.30 15.53
C GLY A 1010 23.06 -19.54 16.51
N SER A 1011 24.19 -20.15 16.92
CA SER A 1011 25.10 -19.52 17.88
C SER A 1011 26.55 -19.81 17.52
N LEU A 1012 27.45 -18.86 17.84
CA LEU A 1012 28.88 -19.02 17.59
C LEU A 1012 29.55 -19.90 18.66
N VAL A 1013 28.95 -20.02 19.86
CA VAL A 1013 29.49 -20.79 20.97
C VAL A 1013 28.85 -22.19 20.98
N MET A 1014 29.64 -23.21 21.36
CA MET A 1014 29.16 -24.58 21.46
C MET A 1014 28.26 -24.68 22.70
N GLN A 1015 27.06 -25.28 22.55
CA GLN A 1015 26.11 -25.38 23.65
C GLN A 1015 26.50 -26.43 24.69
N THR A 1022 21.23 -22.93 31.69
CA THR A 1022 21.48 -21.55 31.26
C THR A 1022 20.21 -20.68 31.44
N PRO A 1023 20.30 -19.40 31.84
CA PRO A 1023 19.07 -18.58 31.97
C PRO A 1023 18.40 -18.18 30.65
N THR A 1024 19.04 -18.47 29.49
CA THR A 1024 18.54 -18.11 28.18
C THR A 1024 18.00 -19.31 27.40
N GLN A 1025 17.13 -19.05 26.42
CA GLN A 1025 16.58 -20.07 25.52
C GLN A 1025 16.45 -19.42 24.14
N GLY A 1026 16.97 -20.09 23.12
CA GLY A 1026 16.95 -19.58 21.75
C GLY A 1026 18.17 -18.73 21.45
N SER A 1027 18.53 -18.63 20.17
CA SER A 1027 19.70 -17.87 19.75
C SER A 1027 19.47 -17.34 18.34
N VAL A 1028 19.01 -16.07 18.22
CA VAL A 1028 18.71 -15.44 16.93
C VAL A 1028 19.73 -14.36 16.63
N LEU A 1029 20.65 -14.62 15.69
CA LEU A 1029 21.67 -13.66 15.27
C LEU A 1029 21.08 -12.70 14.22
N PHE A 1030 21.72 -11.54 14.01
CA PHE A 1030 21.26 -10.60 12.99
C PHE A 1030 22.40 -9.79 12.36
N GLY A 1031 22.27 -9.53 11.05
CA GLY A 1031 23.24 -8.76 10.28
C GLY A 1031 22.67 -7.39 9.97
N THR A 1032 23.52 -6.34 10.00
CA THR A 1032 23.07 -4.96 9.78
C THR A 1032 23.85 -4.25 8.67
N VAL A 1033 23.37 -3.07 8.22
CA VAL A 1033 24.01 -2.27 7.17
C VAL A 1033 25.38 -1.77 7.67
N ASN A 1034 25.48 -1.38 8.95
CA ASN A 1034 26.74 -0.87 9.51
C ASN A 1034 27.77 -1.99 9.86
N GLY A 1035 27.48 -3.24 9.51
CA GLY A 1035 28.39 -4.34 9.79
C GLY A 1035 28.37 -4.87 11.21
N MET A 1036 27.33 -4.53 11.98
CA MET A 1036 27.19 -4.99 13.37
C MET A 1036 26.45 -6.32 13.38
N ILE A 1037 26.93 -7.31 14.13
CA ILE A 1037 26.25 -8.59 14.28
C ILE A 1037 25.76 -8.63 15.71
N GLY A 1038 24.47 -8.81 15.91
CA GLY A 1038 23.86 -8.88 17.22
C GLY A 1038 23.28 -10.24 17.53
N LEU A 1039 22.72 -10.38 18.74
CA LEU A 1039 22.12 -11.63 19.18
C LEU A 1039 20.95 -11.35 20.10
N VAL A 1040 19.79 -11.95 19.80
CA VAL A 1040 18.56 -11.80 20.57
C VAL A 1040 18.23 -13.17 21.18
N THR A 1041 17.84 -13.19 22.47
CA THR A 1041 17.49 -14.44 23.15
C THR A 1041 16.32 -14.22 24.12
N SER A 1042 15.43 -15.21 24.22
CA SER A 1042 14.26 -15.12 25.10
C SER A 1042 14.65 -15.36 26.56
N LEU A 1043 14.00 -14.64 27.49
CA LEU A 1043 14.21 -14.76 28.94
C LEU A 1043 12.88 -14.91 29.66
N SER A 1044 12.92 -15.49 30.87
CA SER A 1044 11.71 -15.62 31.69
C SER A 1044 11.35 -14.26 32.33
N GLU A 1045 10.15 -14.13 32.89
CA GLU A 1045 9.72 -12.89 33.53
C GLU A 1045 10.63 -12.53 34.71
N SER A 1046 11.02 -13.52 35.54
CA SER A 1046 11.90 -13.28 36.67
C SER A 1046 13.27 -12.72 36.25
N TRP A 1047 13.86 -13.25 35.16
CA TRP A 1047 15.14 -12.73 34.66
C TRP A 1047 14.98 -11.35 34.03
N TYR A 1048 13.86 -11.11 33.34
CA TYR A 1048 13.57 -9.83 32.71
C TYR A 1048 13.40 -8.71 33.75
N ASN A 1049 12.56 -8.93 34.79
CA ASN A 1049 12.34 -7.93 35.83
C ASN A 1049 13.61 -7.66 36.64
N LEU A 1050 14.45 -8.69 36.84
CA LEU A 1050 15.72 -8.53 37.55
C LEU A 1050 16.65 -7.66 36.71
N LEU A 1051 16.80 -7.94 35.40
CA LEU A 1051 17.67 -7.16 34.54
C LEU A 1051 17.10 -5.77 34.20
N LEU A 1052 15.78 -5.55 34.32
CA LEU A 1052 15.18 -4.25 34.04
C LEU A 1052 15.50 -3.29 35.19
N ASP A 1053 15.36 -3.75 36.45
CA ASP A 1053 15.69 -2.93 37.62
C ASP A 1053 17.20 -2.72 37.70
N MET A 1054 18.00 -3.75 37.34
CA MET A 1054 19.46 -3.66 37.32
C MET A 1054 19.92 -2.70 36.21
N GLN A 1055 19.20 -2.67 35.08
CA GLN A 1055 19.49 -1.77 33.95
C GLN A 1055 19.29 -0.31 34.38
N ASN A 1056 18.20 -0.01 35.12
CA ASN A 1056 17.93 1.34 35.61
C ASN A 1056 19.00 1.79 36.62
N ARG A 1057 19.44 0.86 37.49
CA ARG A 1057 20.47 1.17 38.48
C ARG A 1057 21.82 1.40 37.80
N LEU A 1058 22.16 0.60 36.78
CA LEU A 1058 23.40 0.79 36.02
C LEU A 1058 23.39 2.13 35.28
N ASN A 1059 22.25 2.46 34.65
CA ASN A 1059 22.07 3.72 33.92
C ASN A 1059 22.27 4.95 34.81
N LYS A 1060 21.75 4.91 36.04
CA LYS A 1060 21.87 6.04 36.98
C LYS A 1060 23.24 6.13 37.70
N VAL A 1061 24.20 5.25 37.35
CA VAL A 1061 25.57 5.25 37.91
C VAL A 1061 26.60 5.51 36.80
N ILE A 1062 26.43 4.90 35.61
CA ILE A 1062 27.36 5.07 34.50
C ILE A 1062 27.30 6.49 33.91
N LYS A 1063 28.47 7.10 33.69
CA LYS A 1063 28.58 8.44 33.10
C LYS A 1063 28.41 8.32 31.59
N SER A 1064 27.21 8.60 31.07
CA SER A 1064 26.95 8.53 29.63
C SER A 1064 27.71 9.62 28.89
N VAL A 1065 28.16 9.32 27.66
CA VAL A 1065 28.93 10.28 26.86
C VAL A 1065 27.93 11.27 26.24
N GLY A 1066 28.14 12.56 26.49
CA GLY A 1066 27.26 13.62 26.01
C GLY A 1066 26.01 13.81 26.85
N LYS A 1067 26.00 13.28 28.10
CA LYS A 1067 24.87 13.34 29.04
C LYS A 1067 23.55 12.96 28.38
N ILE A 1068 23.53 11.80 27.68
CA ILE A 1068 22.37 11.29 26.98
C ILE A 1068 21.80 10.14 27.81
N GLU A 1069 20.54 10.22 28.23
CA GLU A 1069 19.93 9.15 29.02
C GLU A 1069 19.83 7.87 28.19
N HIS A 1070 20.13 6.71 28.80
CA HIS A 1070 20.01 5.41 28.15
C HIS A 1070 18.54 5.17 27.76
N SER A 1071 17.61 5.55 28.66
CA SER A 1071 16.17 5.41 28.42
C SER A 1071 15.75 6.15 27.15
N PHE A 1072 16.27 7.37 26.91
CA PHE A 1072 15.93 8.14 25.71
C PHE A 1072 16.52 7.52 24.45
N TRP A 1073 17.80 7.11 24.49
CA TRP A 1073 18.45 6.51 23.31
C TRP A 1073 17.76 5.22 22.86
N ARG A 1074 17.49 4.28 23.78
CA ARG A 1074 16.84 3.04 23.42
C ARG A 1074 15.31 3.15 23.29
N SER A 1075 14.71 4.34 23.53
CA SER A 1075 13.27 4.51 23.35
C SER A 1075 12.97 4.48 21.86
N PHE A 1076 11.95 3.68 21.45
CA PHE A 1076 11.51 3.53 20.05
C PHE A 1076 11.36 4.88 19.37
N HIS A 1077 11.98 5.07 18.21
CA HIS A 1077 11.93 6.36 17.52
C HIS A 1077 11.60 6.25 16.04
N THR A 1078 10.71 7.14 15.58
CA THR A 1078 10.31 7.37 14.20
C THR A 1078 10.12 8.90 14.04
N GLU A 1079 10.00 9.41 12.79
CA GLU A 1079 9.73 10.84 12.61
C GLU A 1079 8.35 11.24 13.21
N ARG A 1080 7.42 10.27 13.38
CA ARG A 1080 6.11 10.46 13.96
C ARG A 1080 6.12 10.50 15.50
N LYS A 1081 6.81 9.55 16.16
CA LYS A 1081 6.76 9.41 17.61
C LYS A 1081 8.03 8.83 18.24
N THR A 1082 8.19 9.01 19.57
CA THR A 1082 9.30 8.48 20.37
C THR A 1082 8.71 7.93 21.69
N GLU A 1083 8.37 6.63 21.70
CA GLU A 1083 7.76 5.95 22.85
C GLU A 1083 8.80 5.14 23.68
N PRO A 1084 8.65 4.93 25.01
CA PRO A 1084 9.65 4.15 25.74
C PRO A 1084 9.81 2.70 25.29
N ALA A 1085 10.98 2.11 25.54
CA ALA A 1085 11.27 0.73 25.17
C ALA A 1085 10.57 -0.23 26.11
N THR A 1086 10.20 -1.42 25.60
CA THR A 1086 9.54 -2.46 26.39
C THR A 1086 9.86 -3.85 25.84
N GLY A 1087 9.80 -4.86 26.71
CA GLY A 1087 10.07 -6.24 26.34
C GLY A 1087 11.47 -6.54 25.83
N PHE A 1088 12.44 -5.63 26.05
CA PHE A 1088 13.81 -5.81 25.58
C PHE A 1088 14.80 -5.32 26.64
N ILE A 1089 15.94 -6.01 26.74
CA ILE A 1089 17.01 -5.69 27.69
C ILE A 1089 18.27 -5.39 26.90
N ASP A 1090 18.85 -4.19 27.09
CA ASP A 1090 20.08 -3.82 26.40
C ASP A 1090 21.24 -4.58 27.02
N GLY A 1091 21.65 -5.66 26.37
CA GLY A 1091 22.74 -6.52 26.82
C GLY A 1091 24.09 -5.84 26.93
N ASP A 1092 24.33 -4.78 26.14
CA ASP A 1092 25.58 -4.03 26.20
C ASP A 1092 25.69 -3.28 27.53
N LEU A 1093 24.57 -2.69 27.99
CA LEU A 1093 24.54 -1.98 29.27
C LEU A 1093 24.62 -2.99 30.44
N ILE A 1094 24.03 -4.18 30.29
CA ILE A 1094 24.09 -5.23 31.32
C ILE A 1094 25.53 -5.75 31.44
N GLU A 1095 26.23 -5.97 30.31
CA GLU A 1095 27.62 -6.46 30.35
C GLU A 1095 28.60 -5.42 30.90
N SER A 1096 28.26 -4.11 30.82
CA SER A 1096 29.11 -3.06 31.40
C SER A 1096 29.18 -3.11 32.94
N PHE A 1097 28.41 -4.02 33.59
CA PHE A 1097 28.46 -4.23 35.04
C PHE A 1097 29.84 -4.76 35.47
N LEU A 1098 30.50 -5.57 34.62
CA LEU A 1098 31.82 -6.11 34.91
C LEU A 1098 32.95 -5.08 34.65
N ASP A 1099 32.69 -4.05 33.83
CA ASP A 1099 33.69 -3.02 33.51
C ASP A 1099 33.78 -1.94 34.59
N ILE A 1100 32.67 -1.59 35.27
CA ILE A 1100 32.69 -0.59 36.33
C ILE A 1100 33.53 -1.05 37.53
N SER A 1101 34.14 -0.12 38.27
CA SER A 1101 34.98 -0.44 39.42
C SER A 1101 34.18 -1.04 40.60
N ARG A 1102 34.87 -1.68 41.56
CA ARG A 1102 34.21 -2.31 42.72
C ARG A 1102 33.40 -1.31 43.59
N PRO A 1103 33.87 -0.07 43.92
CA PRO A 1103 33.00 0.85 44.69
C PRO A 1103 31.71 1.19 43.95
N LYS A 1104 31.77 1.28 42.60
CA LYS A 1104 30.59 1.56 41.78
C LYS A 1104 29.69 0.30 41.66
N MET A 1105 30.28 -0.92 41.74
CA MET A 1105 29.50 -2.17 41.74
C MET A 1105 28.64 -2.23 43.01
N GLN A 1106 29.20 -1.81 44.16
CA GLN A 1106 28.48 -1.80 45.44
C GLN A 1106 27.33 -0.78 45.40
N GLU A 1107 27.55 0.37 44.71
CA GLU A 1107 26.54 1.41 44.52
C GLU A 1107 25.35 0.88 43.68
N VAL A 1108 25.64 0.04 42.67
CA VAL A 1108 24.60 -0.54 41.80
C VAL A 1108 23.81 -1.65 42.52
N VAL A 1109 24.50 -2.65 43.09
CA VAL A 1109 23.83 -3.78 43.75
C VAL A 1109 23.19 -3.43 45.10
N ALA A 1110 23.27 -2.16 45.56
CA ALA A 1110 22.67 -1.77 46.83
C ALA A 1110 21.14 -1.84 46.75
N ASN A 1111 20.50 -2.50 47.73
CA ASN A 1111 19.04 -2.66 47.83
C ASN A 1111 18.39 -3.46 46.68
N LEU A 1112 19.17 -4.09 45.79
CA LEU A 1112 18.61 -4.90 44.70
C LEU A 1112 18.35 -6.32 45.24
N GLN A 1113 17.19 -6.91 44.91
CA GLN A 1113 16.80 -8.25 45.38
C GLN A 1113 17.11 -9.31 44.32
N TYR A 1114 17.56 -10.49 44.77
CA TYR A 1114 17.89 -11.62 43.89
C TYR A 1114 17.37 -12.93 44.51
N ASP A 1115 16.83 -13.83 43.69
CA ASP A 1115 16.31 -15.12 44.13
C ASP A 1115 17.33 -16.21 43.84
N MET A 1120 13.68 -18.08 47.56
CA MET A 1120 13.61 -16.97 48.51
C MET A 1120 14.42 -15.78 48.02
N LYS A 1121 13.86 -14.56 48.10
CA LYS A 1121 14.55 -13.35 47.67
C LYS A 1121 15.45 -12.82 48.79
N ARG A 1122 16.74 -12.61 48.49
CA ARG A 1122 17.73 -12.06 49.43
C ARG A 1122 18.46 -10.88 48.78
N GLU A 1123 19.17 -10.06 49.56
CA GLU A 1123 19.90 -8.91 49.03
C GLU A 1123 21.00 -9.40 48.10
N ALA A 1124 21.02 -8.91 46.86
CA ALA A 1124 22.01 -9.35 45.87
C ALA A 1124 23.40 -8.85 46.19
N THR A 1125 24.39 -9.75 46.13
CA THR A 1125 25.78 -9.42 46.37
C THR A 1125 26.46 -9.12 45.01
N ALA A 1126 27.60 -8.44 45.03
CA ALA A 1126 28.33 -8.13 43.80
C ALA A 1126 28.82 -9.42 43.13
N ASP A 1127 29.33 -10.37 43.93
CA ASP A 1127 29.87 -11.64 43.42
C ASP A 1127 28.83 -12.52 42.72
N ASP A 1128 27.61 -12.64 43.28
CA ASP A 1128 26.56 -13.46 42.68
C ASP A 1128 26.08 -12.89 41.33
N LEU A 1129 25.87 -11.57 41.24
CA LEU A 1129 25.44 -10.96 39.97
C LEU A 1129 26.58 -10.89 38.95
N ILE A 1130 27.86 -10.94 39.38
CA ILE A 1130 29.00 -11.01 38.46
C ILE A 1130 28.89 -12.36 37.70
N LYS A 1131 28.56 -13.46 38.41
CA LYS A 1131 28.39 -14.78 37.79
C LYS A 1131 27.20 -14.81 36.81
N VAL A 1132 26.12 -14.06 37.09
CA VAL A 1132 24.94 -13.99 36.22
C VAL A 1132 25.31 -13.23 34.93
N VAL A 1133 26.01 -12.09 35.04
CA VAL A 1133 26.43 -11.31 33.88
C VAL A 1133 27.49 -12.11 33.07
N GLU A 1134 28.37 -12.86 33.76
CA GLU A 1134 29.36 -13.72 33.08
C GLU A 1134 28.67 -14.83 32.29
N GLU A 1135 27.56 -15.39 32.78
CA GLU A 1135 26.82 -16.41 32.04
C GLU A 1135 26.17 -15.81 30.78
N LEU A 1136 25.76 -14.52 30.84
CA LEU A 1136 25.19 -13.84 29.68
C LEU A 1136 26.27 -13.55 28.61
N THR A 1137 27.55 -13.38 29.02
CA THR A 1137 28.64 -13.16 28.07
C THR A 1137 29.04 -14.49 27.38
N ARG A 1138 28.81 -15.64 28.04
CA ARG A 1138 29.18 -16.95 27.49
C ARG A 1138 28.33 -17.38 26.27
N ILE A 1139 27.23 -16.65 25.95
CA ILE A 1139 26.42 -16.98 24.76
C ILE A 1139 27.00 -16.40 23.46
N HIS A 1140 27.98 -15.47 23.54
CA HIS A 1140 28.60 -14.86 22.37
C HIS A 1140 30.10 -14.59 22.60
N ARG B 70 -12.72 25.33 7.90
CA ARG B 70 -11.58 25.28 6.97
C ARG B 70 -10.23 25.14 7.70
N THR B 71 -10.14 25.56 8.98
CA THR B 71 -8.89 25.46 9.75
C THR B 71 -8.49 24.01 10.10
N LEU B 72 -9.38 23.02 9.89
CA LEU B 72 -9.14 21.58 10.18
C LEU B 72 -8.94 21.31 11.68
N HIS B 73 -9.41 20.14 12.13
CA HIS B 73 -9.27 19.73 13.52
C HIS B 73 -7.89 19.10 13.77
N ASP B 74 -7.43 19.10 15.02
CA ASP B 74 -6.15 18.47 15.36
C ASP B 74 -6.29 16.94 15.36
N ASP B 75 -5.17 16.24 15.18
CA ASP B 75 -5.17 14.77 15.17
C ASP B 75 -5.44 14.19 16.55
N ASP B 76 -6.15 13.05 16.60
CA ASP B 76 -6.55 12.32 17.82
C ASP B 76 -7.41 13.16 18.80
N SER B 77 -7.86 14.37 18.39
CA SER B 77 -8.70 15.21 19.23
C SER B 77 -10.15 14.75 19.08
N CYS B 78 -10.89 14.67 20.19
CA CYS B 78 -12.28 14.21 20.16
C CYS B 78 -13.24 15.38 19.96
N GLN B 79 -14.11 15.28 18.94
CA GLN B 79 -15.07 16.31 18.58
C GLN B 79 -16.50 15.82 18.69
N VAL B 80 -17.39 16.68 19.18
CA VAL B 80 -18.82 16.42 19.26
C VAL B 80 -19.42 17.24 18.14
N ILE B 81 -19.90 16.57 17.08
CA ILE B 81 -20.44 17.23 15.88
C ILE B 81 -21.76 16.56 15.46
N PRO B 82 -22.74 17.31 14.90
CA PRO B 82 -24.01 16.66 14.53
C PRO B 82 -23.98 15.83 13.25
N VAL B 83 -24.54 14.62 13.30
CA VAL B 83 -24.64 13.74 12.13
C VAL B 83 -25.95 14.13 11.44
N LEU B 84 -25.91 14.50 10.15
CA LEU B 84 -27.13 14.90 9.45
C LEU B 84 -28.02 13.65 9.24
N PRO B 85 -29.34 13.64 9.60
CA PRO B 85 -30.13 12.40 9.43
C PRO B 85 -30.34 11.90 8.01
N GLN B 86 -30.55 10.57 7.88
CA GLN B 86 -30.81 9.84 6.64
C GLN B 86 -29.77 10.05 5.52
N VAL B 87 -28.52 10.44 5.87
CA VAL B 87 -27.46 10.59 4.87
C VAL B 87 -26.67 9.28 4.94
N MET B 88 -27.22 8.24 4.28
CA MET B 88 -26.64 6.90 4.29
C MET B 88 -25.60 6.77 3.18
N MET B 89 -24.43 7.40 3.38
CA MET B 89 -23.35 7.36 2.39
C MET B 89 -21.96 7.43 3.07
N ILE B 90 -20.91 7.07 2.30
CA ILE B 90 -19.53 7.09 2.76
C ILE B 90 -18.84 8.28 2.10
N LEU B 91 -18.70 9.39 2.83
CA LEU B 91 -18.04 10.58 2.29
C LEU B 91 -16.52 10.41 2.44
N ILE B 92 -15.78 10.85 1.41
CA ILE B 92 -14.32 10.74 1.37
C ILE B 92 -13.70 12.15 1.53
N PRO B 93 -12.57 12.36 2.26
CA PRO B 93 -11.99 13.73 2.33
C PRO B 93 -11.71 14.29 0.94
N GLY B 94 -12.14 15.53 0.70
CA GLY B 94 -12.01 16.19 -0.59
C GLY B 94 -13.24 16.04 -1.48
N GLN B 95 -14.11 15.06 -1.21
CA GLN B 95 -15.32 14.83 -2.00
C GLN B 95 -16.41 15.85 -1.67
N THR B 96 -17.12 16.34 -2.71
CA THR B 96 -18.22 17.29 -2.58
C THR B 96 -19.51 16.52 -2.24
N LEU B 97 -20.35 17.08 -1.37
CA LEU B 97 -21.62 16.45 -0.96
C LEU B 97 -22.80 17.44 -1.10
N PRO B 98 -23.47 17.50 -2.27
CA PRO B 98 -24.64 18.39 -2.38
C PRO B 98 -25.83 17.80 -1.61
N LEU B 99 -26.55 18.62 -0.85
CA LEU B 99 -27.68 18.16 -0.04
C LEU B 99 -28.84 19.15 -0.13
N GLN B 100 -30.07 18.62 -0.14
CA GLN B 100 -31.30 19.42 -0.21
C GLN B 100 -32.12 19.12 1.05
N LEU B 101 -32.30 20.13 1.93
CA LEU B 101 -33.01 19.96 3.20
C LEU B 101 -34.36 20.68 3.18
N PHE B 102 -35.40 20.01 3.69
CA PHE B 102 -36.78 20.53 3.73
C PHE B 102 -37.32 20.68 5.16
N HIS B 103 -36.81 19.89 6.12
CA HIS B 103 -37.29 19.91 7.50
C HIS B 103 -36.75 21.12 8.26
N PRO B 104 -37.59 21.97 8.92
CA PRO B 104 -37.02 23.10 9.68
C PRO B 104 -35.99 22.73 10.75
N GLN B 105 -36.03 21.49 11.27
CA GLN B 105 -35.07 21.04 12.28
C GLN B 105 -33.68 20.88 11.66
N GLU B 106 -33.59 20.28 10.46
CA GLU B 106 -32.33 20.12 9.75
C GLU B 106 -31.81 21.47 9.23
N VAL B 107 -32.73 22.36 8.81
CA VAL B 107 -32.37 23.70 8.29
C VAL B 107 -31.85 24.59 9.43
N SER B 108 -32.52 24.59 10.59
CA SER B 108 -32.06 25.39 11.74
C SER B 108 -30.71 24.89 12.26
N MET B 109 -30.44 23.57 12.17
CA MET B 109 -29.15 23.00 12.59
C MET B 109 -28.03 23.56 11.69
N VAL B 110 -28.27 23.60 10.37
CA VAL B 110 -27.30 24.14 9.40
C VAL B 110 -27.13 25.65 9.63
N ARG B 111 -28.22 26.37 9.90
CA ARG B 111 -28.19 27.80 10.18
C ARG B 111 -27.32 28.10 11.41
N ASN B 112 -27.37 27.25 12.45
CA ASN B 112 -26.53 27.42 13.64
C ASN B 112 -25.08 27.02 13.34
N LEU B 113 -24.86 26.02 12.45
CA LEU B 113 -23.50 25.60 12.06
C LEU B 113 -22.80 26.69 11.23
N ILE B 114 -23.55 27.54 10.50
CA ILE B 114 -22.94 28.66 9.76
C ILE B 114 -22.35 29.70 10.74
N GLN B 115 -23.00 29.87 11.91
CA GLN B 115 -22.50 30.77 12.96
C GLN B 115 -21.26 30.19 13.71
N LYS B 116 -20.93 28.89 13.50
CA LYS B 116 -19.79 28.20 14.14
C LYS B 116 -18.77 27.71 13.03
N ASP B 117 -18.03 26.59 13.22
CA ASP B 117 -17.02 26.11 12.26
C ASP B 117 -17.57 25.46 10.97
N ARG B 118 -18.89 25.45 10.74
CA ARG B 118 -19.51 24.85 9.56
C ARG B 118 -19.26 23.34 9.40
N THR B 119 -18.81 22.64 10.45
CA THR B 119 -18.48 21.22 10.37
C THR B 119 -19.52 20.31 11.01
N PHE B 120 -20.03 19.34 10.24
CA PHE B 120 -20.96 18.31 10.70
C PHE B 120 -20.37 16.90 10.38
N ALA B 121 -21.02 15.81 10.80
CA ALA B 121 -20.52 14.46 10.58
C ALA B 121 -21.36 13.69 9.57
N VAL B 122 -20.69 12.86 8.75
CA VAL B 122 -21.32 11.98 7.75
C VAL B 122 -20.81 10.59 8.06
N LEU B 123 -21.68 9.72 8.59
CA LEU B 123 -21.28 8.37 8.98
C LEU B 123 -21.17 7.43 7.79
N ALA B 124 -20.22 6.48 7.87
CA ALA B 124 -20.01 5.45 6.86
C ALA B 124 -20.67 4.18 7.40
N TYR B 125 -21.98 4.05 7.19
CA TYR B 125 -22.73 2.89 7.68
C TYR B 125 -22.33 1.65 6.89
N SER B 126 -21.71 0.67 7.56
CA SER B 126 -21.29 -0.56 6.89
C SER B 126 -22.50 -1.40 6.49
N ASN B 127 -23.54 -1.44 7.34
CA ASN B 127 -24.78 -2.15 7.08
C ASN B 127 -25.85 -1.12 6.70
N VAL B 128 -26.62 -1.38 5.63
CA VAL B 128 -27.66 -0.45 5.16
C VAL B 128 -28.90 -0.53 6.07
N GLN B 129 -29.43 -1.75 6.29
CA GLN B 129 -30.61 -1.94 7.14
C GLN B 129 -30.33 -1.59 8.60
N GLU B 130 -29.20 -2.06 9.14
CA GLU B 130 -28.79 -1.79 10.53
C GLU B 130 -27.91 -0.53 10.60
N ARG B 131 -27.76 0.06 11.79
CA ARG B 131 -26.94 1.26 11.96
C ARG B 131 -25.53 0.90 12.43
N GLU B 132 -24.88 -0.05 11.73
CA GLU B 132 -23.52 -0.47 12.07
C GLU B 132 -22.52 0.53 11.49
N ALA B 133 -22.38 1.68 12.16
CA ALA B 133 -21.48 2.75 11.77
C ALA B 133 -20.33 2.85 12.76
N GLN B 134 -19.09 2.65 12.31
CA GLN B 134 -17.88 2.70 13.15
C GLN B 134 -16.91 3.80 12.69
N PHE B 135 -16.90 4.14 11.39
CA PHE B 135 -16.05 5.18 10.81
C PHE B 135 -16.93 6.27 10.16
N GLY B 136 -16.31 7.39 9.81
CA GLY B 136 -17.01 8.49 9.15
C GLY B 136 -16.08 9.58 8.67
N THR B 137 -16.64 10.67 8.14
CA THR B 137 -15.83 11.79 7.65
C THR B 137 -16.54 13.11 7.95
N THR B 138 -15.78 14.11 8.43
CA THR B 138 -16.31 15.43 8.74
C THR B 138 -16.60 16.18 7.44
N ALA B 139 -17.67 16.97 7.40
CA ALA B 139 -18.06 17.72 6.21
C ALA B 139 -18.23 19.21 6.52
N GLU B 140 -17.40 20.07 5.89
CA GLU B 140 -17.47 21.51 6.10
C GLU B 140 -18.36 22.12 5.02
N ILE B 141 -19.35 22.93 5.43
CA ILE B 141 -20.27 23.58 4.48
C ILE B 141 -19.56 24.75 3.83
N TYR B 142 -19.23 24.67 2.54
CA TYR B 142 -18.54 25.77 1.85
C TYR B 142 -19.50 26.73 1.13
N ALA B 143 -20.74 26.29 0.82
CA ALA B 143 -21.72 27.14 0.15
C ALA B 143 -23.12 26.92 0.72
N TYR B 144 -23.84 28.02 0.99
CA TYR B 144 -25.21 28.00 1.53
C TYR B 144 -26.17 28.63 0.50
N ARG B 145 -27.39 28.08 0.38
CA ARG B 145 -28.38 28.59 -0.58
C ARG B 145 -29.78 28.33 -0.03
N GLU B 146 -30.58 29.40 0.15
CA GLU B 146 -31.94 29.31 0.69
C GLU B 146 -32.93 29.78 -0.38
N GLU B 147 -34.00 28.99 -0.61
CA GLU B 147 -35.05 29.29 -1.59
C GLU B 147 -36.41 29.33 -0.90
N GLN B 148 -37.27 30.26 -1.33
CA GLN B 148 -38.62 30.39 -0.79
C GLN B 148 -39.58 30.47 -1.99
N ASP B 149 -39.46 29.51 -2.91
CA ASP B 149 -40.29 29.43 -4.11
C ASP B 149 -41.68 28.87 -3.76
N PHE B 150 -41.70 27.85 -2.87
CA PHE B 150 -42.92 27.18 -2.37
C PHE B 150 -43.11 27.47 -0.86
N GLY B 151 -44.24 27.05 -0.29
CA GLY B 151 -44.50 27.20 1.14
C GLY B 151 -43.46 26.58 2.06
N ILE B 152 -42.56 25.74 1.51
CA ILE B 152 -41.49 25.09 2.26
C ILE B 152 -40.17 25.82 1.93
N GLU B 153 -39.42 26.23 2.96
CA GLU B 153 -38.13 26.90 2.76
C GLU B 153 -37.09 25.85 2.42
N ILE B 154 -36.85 25.64 1.12
CA ILE B 154 -35.90 24.62 0.65
C ILE B 154 -34.49 25.19 0.76
N VAL B 155 -33.60 24.53 1.52
CA VAL B 155 -32.22 24.97 1.69
C VAL B 155 -31.27 23.93 1.08
N LYS B 156 -30.56 24.31 0.00
CA LYS B 156 -29.60 23.45 -0.67
C LYS B 156 -28.20 23.89 -0.25
N VAL B 157 -27.37 22.96 0.24
CA VAL B 157 -26.00 23.27 0.67
C VAL B 157 -25.01 22.33 0.01
N LYS B 158 -23.78 22.81 -0.22
CA LYS B 158 -22.71 22.02 -0.79
C LYS B 158 -21.60 21.93 0.24
N ALA B 159 -21.29 20.73 0.70
CA ALA B 159 -20.26 20.49 1.71
C ALA B 159 -19.04 19.75 1.11
N ILE B 160 -17.91 19.73 1.83
CA ILE B 160 -16.68 19.07 1.37
C ILE B 160 -16.09 18.28 2.55
N GLY B 161 -15.73 17.03 2.29
CA GLY B 161 -15.13 16.19 3.32
C GLY B 161 -13.77 16.71 3.72
N ARG B 162 -13.40 16.62 4.99
CA ARG B 162 -12.10 17.11 5.46
C ARG B 162 -11.25 16.03 6.15
N GLN B 163 -11.79 15.35 7.19
CA GLN B 163 -11.02 14.36 7.93
C GLN B 163 -11.83 13.13 8.30
N ARG B 164 -11.15 11.98 8.39
CA ARG B 164 -11.78 10.72 8.79
C ARG B 164 -11.90 10.72 10.32
N PHE B 165 -12.78 9.86 10.87
CA PHE B 165 -12.93 9.76 12.31
C PHE B 165 -13.40 8.38 12.77
N LYS B 166 -13.15 8.07 14.05
CA LYS B 166 -13.57 6.82 14.69
C LYS B 166 -14.77 7.18 15.57
N VAL B 167 -15.88 6.46 15.41
CA VAL B 167 -17.09 6.76 16.19
C VAL B 167 -16.92 6.26 17.62
N LEU B 168 -16.96 7.18 18.61
CA LEU B 168 -16.83 6.83 20.02
C LEU B 168 -18.23 6.69 20.65
N GLU B 169 -19.16 7.61 20.31
CA GLU B 169 -20.52 7.58 20.86
C GLU B 169 -21.52 8.21 19.89
N LEU B 170 -22.77 7.69 19.88
CA LEU B 170 -23.87 8.20 19.08
C LEU B 170 -25.02 8.54 20.02
N ARG B 171 -25.38 9.82 20.11
CA ARG B 171 -26.43 10.32 20.99
C ARG B 171 -27.58 10.88 20.15
N THR B 172 -28.69 10.16 20.05
CA THR B 172 -29.86 10.64 19.32
C THR B 172 -30.54 11.67 20.21
N GLN B 173 -30.64 12.92 19.75
CA GLN B 173 -31.30 13.98 20.53
C GLN B 173 -32.83 13.85 20.44
N SER B 174 -33.57 14.57 21.30
CA SER B 174 -35.03 14.54 21.26
C SER B 174 -35.60 15.05 19.94
N ASP B 175 -34.92 16.04 19.30
CA ASP B 175 -35.36 16.57 18.01
C ASP B 175 -34.97 15.68 16.81
N GLY B 176 -34.55 14.43 17.04
CA GLY B 176 -34.16 13.51 15.97
C GLY B 176 -32.75 13.66 15.44
N ILE B 177 -32.08 14.79 15.71
CA ILE B 177 -30.71 15.02 15.21
C ILE B 177 -29.74 14.20 16.06
N GLN B 178 -28.79 13.50 15.42
CA GLN B 178 -27.79 12.71 16.14
C GLN B 178 -26.55 13.56 16.44
N GLN B 179 -25.91 13.34 17.59
CA GLN B 179 -24.69 14.02 18.02
C GLN B 179 -23.65 12.93 18.21
N ALA B 180 -22.51 13.06 17.52
CA ALA B 180 -21.48 12.02 17.57
C ALA B 180 -20.16 12.49 18.17
N LYS B 181 -19.78 11.94 19.34
CA LYS B 181 -18.48 12.22 19.94
C LYS B 181 -17.55 11.28 19.18
N VAL B 182 -16.61 11.84 18.40
CA VAL B 182 -15.73 11.06 17.52
C VAL B 182 -14.26 11.44 17.71
N GLN B 183 -13.33 10.51 17.44
CA GLN B 183 -11.89 10.79 17.53
C GLN B 183 -11.37 11.04 16.12
N ILE B 184 -10.74 12.20 15.88
CA ILE B 184 -10.21 12.53 14.55
C ILE B 184 -9.03 11.60 14.29
N LEU B 185 -9.08 10.81 13.20
CA LEU B 185 -8.00 9.87 12.91
C LEU B 185 -6.80 10.57 12.27
N PRO B 186 -5.55 10.24 12.67
CA PRO B 186 -4.39 10.89 12.04
C PRO B 186 -4.04 10.32 10.66
N GLU B 187 -3.41 11.13 9.80
CA GLU B 187 -2.97 10.67 8.48
C GLU B 187 -1.57 10.10 8.67
N CYS B 188 -1.37 8.79 8.41
CA CYS B 188 -0.07 8.17 8.60
C CYS B 188 0.95 8.58 7.52
N VAL B 189 1.76 9.61 7.81
CA VAL B 189 2.77 10.11 6.88
C VAL B 189 4.11 9.49 7.25
N LEU B 190 4.56 8.48 6.50
CA LEU B 190 5.84 7.82 6.76
C LEU B 190 6.94 8.43 5.90
N PRO B 191 8.22 8.50 6.36
CA PRO B 191 9.28 9.06 5.50
C PRO B 191 9.68 8.10 4.35
N SER B 192 10.59 8.55 3.46
CA SER B 192 11.06 7.72 2.35
C SER B 192 11.74 6.45 2.90
N THR B 193 11.61 5.32 2.20
CA THR B 193 12.22 4.06 2.65
C THR B 193 13.75 4.20 2.71
N MET B 194 14.33 4.94 1.76
CA MET B 194 15.78 5.15 1.69
C MET B 194 16.29 6.14 2.73
N SER B 195 15.44 6.80 3.53
CA SER B 195 15.91 7.75 4.55
C SER B 195 16.72 7.03 5.63
N ALA B 196 16.33 5.79 5.98
CA ALA B 196 17.03 5.00 6.98
C ALA B 196 18.42 4.52 6.50
N VAL B 197 18.67 4.45 5.18
CA VAL B 197 19.96 3.97 4.67
C VAL B 197 20.64 4.94 3.69
N GLN B 198 20.20 6.20 3.61
CA GLN B 198 20.80 7.16 2.69
C GLN B 198 22.16 7.52 3.26
N LEU B 199 23.22 7.30 2.47
CA LEU B 199 24.59 7.57 2.93
C LEU B 199 24.81 9.08 3.04
N GLU B 200 25.66 9.52 3.97
CA GLU B 200 25.95 10.94 4.17
C GLU B 200 26.59 11.55 2.92
N SER B 201 27.42 10.78 2.20
CA SER B 201 28.04 11.23 0.95
C SER B 201 26.99 11.42 -0.17
N LEU B 202 25.88 10.65 -0.14
CA LEU B 202 24.81 10.73 -1.13
C LEU B 202 23.64 11.63 -0.70
N ASN B 203 23.64 12.16 0.55
CA ASN B 203 22.59 13.08 1.00
C ASN B 203 22.65 14.36 0.16
N LYS B 204 23.86 14.88 -0.08
CA LYS B 204 24.07 16.09 -0.88
C LYS B 204 23.56 15.97 -2.33
N CYS B 205 23.68 14.78 -2.97
CA CYS B 205 23.20 14.59 -4.34
C CYS B 205 21.88 13.80 -4.39
N GLN B 206 21.06 13.89 -3.33
CA GLN B 206 19.78 13.19 -3.26
C GLN B 206 18.69 13.99 -4.00
N ILE B 207 18.67 15.33 -3.83
CA ILE B 207 17.67 16.18 -4.47
C ILE B 207 17.85 16.16 -6.00
N PHE B 208 16.75 15.93 -6.74
CA PHE B 208 16.78 15.91 -8.20
C PHE B 208 16.72 17.34 -8.76
N PRO B 209 17.48 17.70 -9.83
CA PRO B 209 17.42 19.08 -10.32
C PRO B 209 16.16 19.41 -11.11
N SER B 210 15.35 20.36 -10.60
CA SER B 210 14.14 20.81 -11.27
C SER B 210 14.54 21.74 -12.41
N LYS B 211 14.19 21.38 -13.66
CA LYS B 211 14.55 22.17 -14.83
C LYS B 211 13.50 21.98 -15.95
N PRO B 212 13.02 23.03 -16.68
CA PRO B 212 12.03 22.77 -17.76
C PRO B 212 12.52 21.91 -18.92
N VAL B 213 13.85 21.84 -19.16
CA VAL B 213 14.43 21.06 -20.25
C VAL B 213 14.22 19.54 -20.07
N SER B 214 14.16 19.01 -18.82
CA SER B 214 14.00 17.57 -18.58
C SER B 214 12.73 17.18 -17.79
N ARG B 215 12.32 17.97 -16.77
CA ARG B 215 11.13 17.61 -15.99
C ARG B 215 9.81 17.85 -16.76
N GLU B 216 9.83 18.66 -17.83
CA GLU B 216 8.70 18.89 -18.74
C GLU B 216 9.14 18.52 -20.16
N ASP B 217 8.19 18.17 -21.05
CA ASP B 217 8.44 17.68 -22.41
C ASP B 217 9.43 16.49 -22.40
N GLN B 218 9.34 15.65 -21.35
CA GLN B 218 10.22 14.51 -21.11
C GLN B 218 9.78 13.25 -21.85
N CYS B 219 10.72 12.30 -22.02
CA CYS B 219 10.43 11.01 -22.64
C CYS B 219 9.57 10.13 -21.70
N SER B 220 9.69 10.33 -20.35
CA SER B 220 8.98 9.62 -19.28
C SER B 220 9.64 8.27 -19.04
N TYR B 221 9.89 7.51 -20.10
CA TYR B 221 10.61 6.25 -20.02
C TYR B 221 12.06 6.52 -19.56
N LYS B 222 12.69 7.59 -20.08
CA LYS B 222 14.05 7.96 -19.74
C LYS B 222 14.17 8.59 -18.34
N TRP B 223 13.30 9.54 -17.99
CA TRP B 223 13.37 10.24 -16.70
C TRP B 223 13.08 9.32 -15.50
N TRP B 224 12.04 8.48 -15.60
CA TRP B 224 11.69 7.59 -14.49
C TRP B 224 12.76 6.51 -14.24
N GLN B 225 13.55 6.14 -15.28
CA GLN B 225 14.65 5.19 -15.11
C GLN B 225 15.76 5.84 -14.27
N LYS B 226 16.10 7.10 -14.58
CA LYS B 226 17.14 7.85 -13.85
C LYS B 226 16.67 8.23 -12.44
N TYR B 227 15.37 8.45 -12.24
CA TYR B 227 14.80 8.74 -10.93
C TYR B 227 14.98 7.53 -9.99
N GLN B 228 14.65 6.32 -10.48
CA GLN B 228 14.78 5.09 -9.70
C GLN B 228 16.24 4.79 -9.35
N LYS B 229 17.16 4.94 -10.31
CA LYS B 229 18.58 4.67 -10.10
C LYS B 229 19.16 5.54 -8.98
N ARG B 230 18.87 6.84 -8.97
CA ARG B 230 19.42 7.77 -7.98
C ARG B 230 18.71 7.72 -6.62
N LYS B 231 17.38 7.75 -6.58
CA LYS B 231 16.65 7.73 -5.31
C LYS B 231 16.89 6.42 -4.57
N PHE B 232 16.75 5.29 -5.27
CA PHE B 232 16.93 3.97 -4.67
C PHE B 232 18.31 3.38 -4.97
N HIS B 233 19.36 4.22 -4.99
CA HIS B 233 20.71 3.71 -5.18
C HIS B 233 21.14 2.91 -3.94
N CYS B 234 20.73 3.38 -2.74
CA CYS B 234 21.03 2.71 -1.47
C CYS B 234 20.31 1.36 -1.29
N ALA B 235 19.56 0.87 -2.31
CA ALA B 235 18.94 -0.46 -2.23
C ALA B 235 20.01 -1.58 -2.24
N ASN B 236 21.25 -1.30 -2.70
CA ASN B 236 22.36 -2.26 -2.67
C ASN B 236 22.76 -2.59 -1.22
N LEU B 237 22.56 -1.66 -0.27
CA LEU B 237 22.85 -1.89 1.14
C LEU B 237 21.82 -2.83 1.79
N THR B 238 20.57 -2.82 1.30
CA THR B 238 19.46 -3.59 1.86
C THR B 238 19.22 -4.91 1.09
N SER B 239 18.38 -5.81 1.65
CA SER B 239 18.08 -7.11 1.04
C SER B 239 16.97 -7.06 -0.04
N TRP B 240 16.78 -5.92 -0.73
CA TRP B 240 15.75 -5.83 -1.77
C TRP B 240 16.19 -4.98 -2.97
N PRO B 241 15.63 -5.22 -4.19
CA PRO B 241 16.04 -4.42 -5.35
C PRO B 241 15.43 -3.04 -5.43
N ARG B 242 15.98 -2.17 -6.30
CA ARG B 242 15.49 -0.81 -6.48
C ARG B 242 14.02 -0.81 -6.92
N TRP B 243 13.65 -1.68 -7.88
CA TRP B 243 12.28 -1.77 -8.38
C TRP B 243 11.26 -2.14 -7.31
N LEU B 244 11.65 -2.89 -6.26
CA LEU B 244 10.71 -3.21 -5.19
C LEU B 244 10.40 -1.97 -4.38
N TYR B 245 11.40 -1.12 -4.11
CA TYR B 245 11.18 0.11 -3.38
C TYR B 245 10.31 1.10 -4.19
N SER B 246 10.38 1.05 -5.54
CA SER B 246 9.53 1.86 -6.40
C SER B 246 8.04 1.45 -6.30
N LEU B 247 7.75 0.21 -5.90
CA LEU B 247 6.37 -0.25 -5.72
C LEU B 247 5.73 0.36 -4.46
N TYR B 248 6.55 0.74 -3.45
CA TYR B 248 6.08 1.41 -2.24
C TYR B 248 6.54 2.89 -2.24
N ASP B 249 6.68 3.50 -3.42
CA ASP B 249 7.13 4.89 -3.55
C ASP B 249 5.93 5.77 -3.90
N ALA B 250 5.71 6.84 -3.12
CA ALA B 250 4.57 7.75 -3.33
C ALA B 250 4.52 8.35 -4.73
N GLU B 251 5.65 8.84 -5.26
CA GLU B 251 5.67 9.48 -6.58
C GLU B 251 5.44 8.48 -7.71
N THR B 252 6.08 7.30 -7.65
CA THR B 252 5.91 6.28 -8.69
C THR B 252 4.47 5.77 -8.74
N LEU B 253 3.86 5.50 -7.58
CA LEU B 253 2.48 5.04 -7.53
C LEU B 253 1.52 6.10 -8.07
N MET B 254 1.75 7.38 -7.73
CA MET B 254 0.92 8.47 -8.23
C MET B 254 1.04 8.58 -9.75
N ASP B 255 2.26 8.43 -10.30
CA ASP B 255 2.50 8.47 -11.74
C ASP B 255 1.75 7.32 -12.43
N ARG B 256 1.80 6.11 -11.86
CA ARG B 256 1.10 4.95 -12.43
C ARG B 256 -0.41 5.14 -12.44
N ILE B 257 -0.97 5.79 -11.40
CA ILE B 257 -2.40 6.06 -11.35
C ILE B 257 -2.74 7.14 -12.39
N LYS B 258 -1.90 8.20 -12.51
CA LYS B 258 -2.09 9.25 -13.52
C LYS B 258 -2.16 8.67 -14.95
N LYS B 259 -1.33 7.65 -15.25
CA LYS B 259 -1.33 6.99 -16.57
C LYS B 259 -2.69 6.34 -16.85
N GLN B 260 -3.21 5.59 -15.88
CA GLN B 260 -4.48 4.88 -16.01
C GLN B 260 -5.69 5.83 -15.98
N LEU B 261 -5.56 6.96 -15.28
CA LEU B 261 -6.63 7.95 -15.13
C LEU B 261 -6.74 8.86 -16.36
N ARG B 262 -5.62 9.20 -17.02
CA ARG B 262 -5.67 10.00 -18.25
C ARG B 262 -6.32 9.24 -19.42
N GLU B 263 -6.31 7.88 -19.38
CA GLU B 263 -6.95 7.06 -20.40
C GLU B 263 -8.46 7.33 -20.42
N TRP B 264 -9.07 7.46 -19.21
CA TRP B 264 -10.50 7.70 -19.07
C TRP B 264 -10.81 9.20 -19.19
N ASP B 265 -10.10 10.03 -18.42
CA ASP B 265 -10.30 11.49 -18.40
C ASP B 265 -9.31 12.14 -19.36
N GLU B 266 -9.47 11.86 -20.67
CA GLU B 266 -8.60 12.35 -21.76
C GLU B 266 -8.07 13.80 -21.56
N ASN B 267 -8.98 14.77 -21.31
CA ASN B 267 -8.62 16.18 -21.13
C ASN B 267 -8.31 16.50 -19.66
N LEU B 268 -7.36 15.76 -19.07
CA LEU B 268 -6.93 15.92 -17.69
C LEU B 268 -5.46 16.34 -17.64
N LYS B 269 -5.08 17.10 -16.62
CA LYS B 269 -3.71 17.56 -16.43
C LYS B 269 -3.37 17.64 -14.93
N ASP B 270 -2.07 17.60 -14.60
CA ASP B 270 -1.58 17.66 -13.22
C ASP B 270 -2.00 18.95 -12.48
N ASP B 271 -2.47 19.98 -13.19
CA ASP B 271 -2.95 21.23 -12.56
C ASP B 271 -4.20 20.97 -11.71
N SER B 272 -5.03 19.97 -12.05
CA SER B 272 -6.23 19.63 -11.31
C SER B 272 -5.96 18.56 -10.24
N LEU B 273 -5.22 17.49 -10.58
CA LEU B 273 -4.90 16.44 -9.61
C LEU B 273 -3.96 16.97 -8.50
N PRO B 274 -4.07 16.55 -7.22
CA PRO B 274 -3.13 17.08 -6.20
C PRO B 274 -1.70 16.55 -6.32
N SER B 275 -0.75 17.25 -5.70
CA SER B 275 0.66 16.86 -5.67
C SER B 275 0.96 15.99 -4.44
N ASN B 276 0.31 16.28 -3.31
CA ASN B 276 0.52 15.53 -2.06
C ASN B 276 -0.08 14.12 -2.17
N PRO B 277 0.58 13.03 -1.69
CA PRO B 277 -0.01 11.69 -1.83
C PRO B 277 -1.24 11.41 -0.97
N ILE B 278 -1.42 12.12 0.15
CA ILE B 278 -2.59 11.91 1.01
C ILE B 278 -3.80 12.47 0.24
N ASP B 279 -3.71 13.72 -0.22
CA ASP B 279 -4.76 14.36 -1.00
C ASP B 279 -5.02 13.66 -2.33
N PHE B 280 -3.97 13.11 -2.96
CA PHE B 280 -4.10 12.39 -4.23
C PHE B 280 -4.91 11.10 -4.03
N SER B 281 -4.55 10.28 -3.03
CA SER B 281 -5.24 9.01 -2.77
C SER B 281 -6.74 9.19 -2.51
N TYR B 282 -7.13 10.18 -1.69
CA TYR B 282 -8.54 10.42 -1.42
C TYR B 282 -9.29 10.93 -2.66
N ARG B 283 -8.61 11.70 -3.52
CA ARG B 283 -9.18 12.17 -4.78
C ARG B 283 -9.44 10.97 -5.70
N VAL B 284 -8.49 10.02 -5.75
CA VAL B 284 -8.58 8.82 -6.60
C VAL B 284 -9.74 7.93 -6.12
N ALA B 285 -9.93 7.78 -4.79
CA ALA B 285 -11.01 6.96 -4.25
C ALA B 285 -12.39 7.48 -4.65
N ALA B 286 -12.56 8.82 -4.76
CA ALA B 286 -13.82 9.42 -5.19
C ALA B 286 -14.07 9.20 -6.68
N CYS B 287 -13.01 9.34 -7.52
CA CYS B 287 -13.09 9.17 -8.96
C CYS B 287 -13.36 7.72 -9.37
N LEU B 288 -12.75 6.75 -8.68
CA LEU B 288 -12.89 5.34 -9.02
C LEU B 288 -14.33 4.82 -8.89
N PRO B 289 -14.89 4.12 -9.91
CA PRO B 289 -16.24 3.58 -9.76
C PRO B 289 -16.23 2.31 -8.89
N ILE B 290 -16.29 2.50 -7.57
CA ILE B 290 -16.20 1.41 -6.61
C ILE B 290 -17.41 1.38 -5.69
N ASP B 291 -17.84 0.17 -5.31
CA ASP B 291 -19.00 -0.02 -4.43
C ASP B 291 -18.67 0.37 -2.96
N ASP B 292 -19.72 0.54 -2.15
CA ASP B 292 -19.59 0.91 -0.73
C ASP B 292 -18.67 -0.02 0.09
N VAL B 293 -18.48 -1.27 -0.34
CA VAL B 293 -17.62 -2.21 0.38
C VAL B 293 -16.16 -1.76 0.26
N LEU B 294 -15.69 -1.52 -0.97
CA LEU B 294 -14.31 -1.06 -1.21
C LEU B 294 -14.09 0.37 -0.76
N ARG B 295 -15.12 1.21 -0.83
CA ARG B 295 -15.02 2.60 -0.40
C ARG B 295 -14.72 2.69 1.11
N ILE B 296 -15.32 1.80 1.92
CA ILE B 296 -15.04 1.73 3.37
C ILE B 296 -13.60 1.23 3.57
N GLN B 297 -13.21 0.18 2.84
CA GLN B 297 -11.87 -0.41 2.94
C GLN B 297 -10.75 0.59 2.63
N LEU B 298 -10.94 1.48 1.63
CA LEU B 298 -9.93 2.49 1.33
C LEU B 298 -9.81 3.53 2.46
N LEU B 299 -10.94 3.91 3.08
CA LEU B 299 -10.89 4.85 4.20
C LEU B 299 -10.33 4.19 5.47
N LYS B 300 -10.51 2.87 5.63
CA LYS B 300 -9.92 2.14 6.76
C LYS B 300 -8.38 2.17 6.68
N ILE B 301 -7.81 2.20 5.46
CA ILE B 301 -6.36 2.28 5.27
C ILE B 301 -5.89 3.68 5.67
N GLY B 302 -4.97 3.76 6.62
CA GLY B 302 -4.44 5.04 7.12
C GLY B 302 -3.27 5.59 6.33
N SER B 303 -2.36 4.72 5.85
CA SER B 303 -1.19 5.15 5.10
C SER B 303 -1.51 5.39 3.63
N ALA B 304 -1.09 6.54 3.10
CA ALA B 304 -1.34 6.88 1.70
C ALA B 304 -0.61 5.97 0.72
N ILE B 305 0.53 5.39 1.11
CA ILE B 305 1.25 4.46 0.21
C ILE B 305 0.39 3.20 0.05
N GLN B 306 -0.11 2.67 1.17
CA GLN B 306 -0.98 1.49 1.19
C GLN B 306 -2.31 1.78 0.48
N ARG B 307 -2.83 3.02 0.58
CA ARG B 307 -4.07 3.40 -0.07
C ARG B 307 -3.87 3.51 -1.58
N LEU B 308 -2.75 4.09 -2.04
CA LEU B 308 -2.45 4.19 -3.47
C LEU B 308 -2.21 2.80 -4.07
N ARG B 309 -1.50 1.92 -3.33
CA ARG B 309 -1.25 0.55 -3.79
C ARG B 309 -2.56 -0.22 -3.95
N CYS B 310 -3.51 -0.04 -3.02
CA CYS B 310 -4.80 -0.71 -3.09
C CYS B 310 -5.63 -0.14 -4.24
N GLU B 311 -5.64 1.19 -4.40
CA GLU B 311 -6.39 1.83 -5.48
C GLU B 311 -5.90 1.38 -6.84
N LEU B 312 -4.58 1.34 -7.02
CA LEU B 312 -3.97 0.92 -8.29
C LEU B 312 -4.20 -0.57 -8.55
N ASP B 313 -4.26 -1.41 -7.51
CA ASP B 313 -4.56 -2.83 -7.66
C ASP B 313 -6.02 -3.03 -8.09
N ILE B 314 -6.94 -2.15 -7.61
CA ILE B 314 -8.36 -2.15 -8.00
C ILE B 314 -8.45 -1.81 -9.50
N MET B 315 -7.68 -0.82 -9.95
CA MET B 315 -7.68 -0.40 -11.35
C MET B 315 -7.15 -1.49 -12.30
N ASN B 316 -6.17 -2.30 -11.85
CA ASN B 316 -5.60 -3.37 -12.68
C ASN B 316 -6.39 -4.68 -12.63
N LYS B 317 -6.84 -5.08 -11.43
CA LYS B 317 -7.57 -6.36 -11.26
C LYS B 317 -9.08 -6.21 -11.50
N CYS B 318 -9.75 -5.28 -10.79
CA CYS B 318 -11.19 -5.10 -10.94
C CYS B 318 -11.54 -4.25 -12.16
N THR B 319 -11.33 -4.81 -13.35
CA THR B 319 -11.63 -4.11 -14.61
C THR B 319 -13.07 -4.34 -15.09
N SER B 320 -13.80 -5.31 -14.53
CA SER B 320 -15.19 -5.58 -14.93
C SER B 320 -16.15 -4.93 -13.93
N LEU B 321 -17.19 -4.24 -14.42
CA LEU B 321 -18.20 -3.59 -13.58
C LEU B 321 -19.54 -4.29 -13.82
N CYS B 322 -19.93 -5.18 -12.90
CA CYS B 322 -21.16 -5.96 -12.98
C CYS B 322 -22.32 -5.32 -12.19
N CYS B 323 -23.54 -5.86 -12.36
CA CYS B 323 -24.70 -5.40 -11.61
C CYS B 323 -24.49 -5.84 -10.15
N LYS B 324 -24.77 -4.96 -9.18
CA LYS B 324 -24.59 -5.29 -7.77
C LYS B 324 -25.60 -6.33 -7.29
N GLN B 325 -26.83 -6.29 -7.79
CA GLN B 325 -27.85 -7.25 -7.39
C GLN B 325 -27.54 -8.67 -7.94
N CYS B 326 -27.25 -8.79 -9.25
CA CYS B 326 -26.93 -10.08 -9.86
C CYS B 326 -25.57 -10.60 -9.44
N GLN B 327 -24.55 -9.72 -9.45
CA GLN B 327 -23.14 -10.00 -9.15
C GLN B 327 -22.41 -10.66 -10.34
N GLU B 328 -23.09 -11.54 -11.10
CA GLU B 328 -22.51 -12.23 -12.25
C GLU B 328 -23.04 -11.72 -13.61
N THR B 329 -23.63 -10.51 -13.66
CA THR B 329 -24.11 -9.93 -14.92
C THR B 329 -23.25 -8.72 -15.26
N GLU B 330 -22.26 -8.90 -16.18
CA GLU B 330 -21.34 -7.84 -16.59
C GLU B 330 -22.08 -6.74 -17.35
N ILE B 331 -21.94 -5.48 -16.90
CA ILE B 331 -22.58 -4.34 -17.55
C ILE B 331 -21.55 -3.61 -18.43
N THR B 332 -20.37 -3.28 -17.88
CA THR B 332 -19.33 -2.57 -18.64
C THR B 332 -17.91 -2.92 -18.13
N THR B 333 -16.86 -2.46 -18.84
CA THR B 333 -15.47 -2.70 -18.47
C THR B 333 -14.66 -1.38 -18.44
N LYS B 334 -13.47 -1.42 -17.81
CA LYS B 334 -12.54 -0.28 -17.69
C LYS B 334 -12.30 0.40 -19.04
N ASN B 335 -11.95 -0.37 -20.07
CA ASN B 335 -11.70 0.16 -21.42
C ASN B 335 -12.85 1.01 -21.99
N GLU B 336 -14.09 0.81 -21.52
CA GLU B 336 -15.23 1.60 -21.99
C GLU B 336 -15.38 2.95 -21.26
N ILE B 337 -14.60 3.21 -20.19
CA ILE B 337 -14.74 4.45 -19.41
C ILE B 337 -14.12 5.63 -20.15
N PHE B 338 -14.87 6.75 -20.27
CA PHE B 338 -14.43 7.99 -20.92
C PHE B 338 -15.15 9.19 -20.26
N SER B 339 -14.69 10.44 -20.54
CA SER B 339 -15.27 11.63 -19.93
C SER B 339 -15.98 12.58 -20.89
N LEU B 340 -17.12 13.12 -20.45
CA LEU B 340 -17.89 14.16 -21.14
C LEU B 340 -18.23 15.37 -20.21
N SER B 341 -17.72 15.38 -18.96
CA SER B 341 -17.91 16.45 -17.99
C SER B 341 -16.54 16.93 -17.51
N LEU B 342 -16.46 18.20 -17.09
CA LEU B 342 -15.19 18.76 -16.61
C LEU B 342 -14.75 18.12 -15.29
N CYS B 343 -15.69 17.63 -14.47
CA CYS B 343 -15.39 16.95 -13.20
C CYS B 343 -14.61 15.65 -13.44
N GLY B 344 -14.97 14.92 -14.50
CA GLY B 344 -14.33 13.67 -14.86
C GLY B 344 -15.31 12.64 -15.41
N PRO B 345 -14.93 11.34 -15.47
CA PRO B 345 -15.90 10.35 -15.98
C PRO B 345 -17.06 10.11 -15.01
N MET B 346 -16.76 10.13 -13.69
CA MET B 346 -17.76 9.99 -12.64
C MET B 346 -18.05 11.39 -12.09
N ALA B 347 -19.33 11.79 -12.04
CA ALA B 347 -19.73 13.10 -11.54
C ALA B 347 -21.03 12.98 -10.75
N ALA B 348 -21.13 13.69 -9.61
CA ALA B 348 -22.31 13.66 -8.75
C ALA B 348 -23.41 14.63 -9.20
N TYR B 349 -24.33 14.15 -10.06
CA TYR B 349 -25.45 14.96 -10.54
C TYR B 349 -26.65 14.85 -9.58
N VAL B 350 -27.61 15.80 -9.67
CA VAL B 350 -28.80 15.81 -8.81
C VAL B 350 -30.07 15.80 -9.68
N ASN B 351 -31.08 15.00 -9.28
CA ASN B 351 -32.35 14.88 -10.00
C ASN B 351 -33.38 15.96 -9.53
N PRO B 352 -34.60 16.08 -10.13
CA PRO B 352 -35.53 17.13 -9.66
C PRO B 352 -36.05 17.00 -8.22
N HIS B 353 -35.77 15.88 -7.51
CA HIS B 353 -36.25 15.66 -6.14
C HIS B 353 -35.13 15.62 -5.09
N GLY B 354 -33.93 16.09 -5.43
CA GLY B 354 -32.80 16.14 -4.50
C GLY B 354 -31.98 14.88 -4.30
N TYR B 355 -32.12 13.88 -5.18
CA TYR B 355 -31.35 12.63 -5.08
C TYR B 355 -30.07 12.80 -5.88
N VAL B 356 -28.92 12.39 -5.31
CA VAL B 356 -27.61 12.51 -5.95
C VAL B 356 -27.21 11.16 -6.55
N HIS B 357 -26.75 11.16 -7.82
CA HIS B 357 -26.31 9.96 -8.53
C HIS B 357 -24.89 10.13 -9.07
N GLU B 358 -23.94 9.35 -8.55
CA GLU B 358 -22.55 9.40 -9.02
C GLU B 358 -22.50 8.56 -10.29
N THR B 359 -22.79 9.20 -11.43
CA THR B 359 -22.86 8.50 -12.73
C THR B 359 -21.52 8.42 -13.45
N LEU B 360 -21.18 7.22 -13.92
CA LEU B 360 -19.96 6.94 -14.67
C LEU B 360 -20.28 7.05 -16.15
N THR B 361 -19.48 7.79 -16.91
CA THR B 361 -19.70 7.97 -18.34
C THR B 361 -18.96 6.87 -19.12
N VAL B 362 -19.70 5.92 -19.73
CA VAL B 362 -19.11 4.81 -20.51
C VAL B 362 -19.57 4.84 -21.97
N TYR B 363 -18.72 4.36 -22.88
CA TYR B 363 -19.00 4.37 -24.32
C TYR B 363 -20.07 3.34 -24.69
N LYS B 364 -19.91 2.09 -24.21
CA LYS B 364 -20.85 1.01 -24.49
C LYS B 364 -21.17 0.23 -23.22
N ALA B 365 -22.41 -0.25 -23.10
CA ALA B 365 -22.88 -1.03 -21.97
C ALA B 365 -23.67 -2.24 -22.47
N CYS B 366 -23.55 -3.36 -21.73
CA CYS B 366 -24.17 -4.65 -22.06
C CYS B 366 -25.18 -5.06 -20.98
N ASN B 367 -26.10 -5.97 -21.35
CA ASN B 367 -27.13 -6.52 -20.47
C ASN B 367 -28.03 -5.43 -19.84
N LEU B 368 -28.43 -4.43 -20.64
CA LEU B 368 -29.31 -3.36 -20.18
C LEU B 368 -30.44 -3.16 -21.20
N ASN B 369 -31.66 -2.94 -20.69
CA ASN B 369 -32.85 -2.74 -21.54
C ASN B 369 -33.43 -1.36 -21.26
N LEU B 370 -33.95 -0.69 -22.29
CA LEU B 370 -34.53 0.63 -22.15
C LEU B 370 -36.01 0.55 -21.78
N ILE B 371 -36.39 1.24 -20.70
CA ILE B 371 -37.77 1.29 -20.20
C ILE B 371 -38.28 2.72 -20.40
N GLY B 372 -39.47 2.85 -20.94
CA GLY B 372 -40.07 4.15 -21.21
C GLY B 372 -39.56 4.76 -22.49
N ARG B 373 -39.94 6.02 -22.72
CA ARG B 373 -39.56 6.77 -23.92
C ARG B 373 -38.45 7.79 -23.58
N PRO B 374 -37.57 8.23 -24.53
CA PRO B 374 -36.54 9.21 -24.17
C PRO B 374 -37.14 10.56 -23.75
N SER B 375 -36.43 11.29 -22.88
CA SER B 375 -36.87 12.58 -22.36
C SER B 375 -35.73 13.61 -22.40
N THR B 376 -36.10 14.91 -22.39
CA THR B 376 -35.16 16.03 -22.40
C THR B 376 -35.22 16.89 -21.12
N GLU B 377 -36.28 16.76 -20.30
CA GLU B 377 -36.39 17.54 -19.07
C GLU B 377 -35.34 17.09 -18.06
N HIS B 378 -34.65 18.05 -17.43
CA HIS B 378 -33.59 17.83 -16.45
C HIS B 378 -32.41 17.00 -17.00
N SER B 379 -32.19 17.00 -18.33
CA SER B 379 -31.09 16.26 -18.94
C SER B 379 -29.76 16.82 -18.46
N TRP B 380 -28.94 15.99 -17.81
CA TRP B 380 -27.64 16.42 -17.27
C TRP B 380 -26.64 16.77 -18.37
N PHE B 381 -26.76 16.15 -19.55
CA PHE B 381 -25.91 16.42 -20.70
C PHE B 381 -26.77 17.15 -21.74
N PRO B 382 -26.82 18.50 -21.77
CA PRO B 382 -27.68 19.18 -22.76
C PRO B 382 -27.46 18.73 -24.21
N GLY B 383 -28.56 18.57 -24.94
CA GLY B 383 -28.54 18.09 -26.31
C GLY B 383 -28.46 16.58 -26.44
N TYR B 384 -28.84 15.85 -25.36
CA TYR B 384 -28.83 14.39 -25.32
C TYR B 384 -30.10 13.92 -24.63
N ALA B 385 -30.91 13.09 -25.31
CA ALA B 385 -32.15 12.55 -24.75
C ALA B 385 -31.88 11.31 -23.90
N TRP B 386 -32.15 11.39 -22.59
CA TRP B 386 -31.92 10.26 -21.68
C TRP B 386 -33.11 9.29 -21.68
N THR B 387 -32.82 7.99 -21.51
CA THR B 387 -33.82 6.93 -21.48
C THR B 387 -33.48 6.03 -20.29
N VAL B 388 -34.47 5.62 -19.48
CA VAL B 388 -34.19 4.79 -18.29
C VAL B 388 -33.65 3.42 -18.69
N ALA B 389 -32.53 2.99 -18.08
CA ALA B 389 -31.89 1.70 -18.34
C ALA B 389 -31.87 0.86 -17.07
N GLN B 390 -32.17 -0.44 -17.19
CA GLN B 390 -32.16 -1.39 -16.08
C GLN B 390 -31.52 -2.72 -16.52
N CYS B 391 -31.13 -3.55 -15.56
CA CYS B 391 -30.50 -4.83 -15.85
C CYS B 391 -31.49 -5.77 -16.55
N LYS B 392 -31.08 -6.39 -17.66
CA LYS B 392 -31.94 -7.34 -18.38
C LYS B 392 -32.27 -8.58 -17.54
N ILE B 393 -31.46 -8.91 -16.52
CA ILE B 393 -31.67 -10.09 -15.68
C ILE B 393 -32.58 -9.78 -14.47
N CYS B 394 -32.15 -8.89 -13.53
CA CYS B 394 -32.91 -8.59 -12.32
C CYS B 394 -33.75 -7.30 -12.35
N ALA B 395 -33.86 -6.61 -13.52
CA ALA B 395 -34.63 -5.37 -13.67
C ALA B 395 -34.28 -4.24 -12.68
N SER B 396 -33.12 -4.32 -11.99
CA SER B 396 -32.72 -3.25 -11.07
C SER B 396 -32.20 -2.07 -11.87
N HIS B 397 -32.48 -0.85 -11.41
CA HIS B 397 -32.02 0.35 -12.09
C HIS B 397 -30.49 0.45 -12.05
N ILE B 398 -29.84 0.53 -13.22
CA ILE B 398 -28.39 0.67 -13.32
C ILE B 398 -28.02 2.07 -13.81
N GLY B 399 -28.79 2.62 -14.75
CA GLY B 399 -28.50 3.95 -15.27
C GLY B 399 -29.48 4.48 -16.29
N TRP B 400 -28.97 5.30 -17.23
CA TRP B 400 -29.75 5.92 -18.28
C TRP B 400 -28.91 6.00 -19.55
N LYS B 401 -29.49 5.63 -20.71
CA LYS B 401 -28.79 5.71 -21.99
C LYS B 401 -29.05 7.09 -22.57
N PHE B 402 -27.99 7.77 -23.00
CA PHE B 402 -28.06 9.11 -23.57
C PHE B 402 -27.78 9.08 -25.07
N THR B 403 -28.77 9.45 -25.90
CA THR B 403 -28.64 9.47 -27.36
C THR B 403 -28.59 10.92 -27.84
N ALA B 404 -27.70 11.22 -28.80
CA ALA B 404 -27.54 12.58 -29.32
C ALA B 404 -28.75 13.05 -30.15
N THR B 405 -29.15 14.30 -29.96
CA THR B 405 -30.28 14.89 -30.70
C THR B 405 -29.84 15.22 -32.14
N LYS B 406 -28.60 15.75 -32.29
CA LYS B 406 -28.04 16.12 -33.59
C LYS B 406 -27.06 15.05 -34.10
N LYS B 407 -26.86 15.00 -35.43
CA LYS B 407 -26.03 13.99 -36.08
C LYS B 407 -24.51 14.18 -35.91
N ASP B 408 -24.00 15.43 -36.00
CA ASP B 408 -22.56 15.68 -35.83
C ASP B 408 -22.06 15.58 -34.39
N MET B 409 -22.97 15.62 -33.40
CA MET B 409 -22.57 15.54 -31.99
C MET B 409 -21.93 14.19 -31.67
N SER B 410 -20.60 14.19 -31.47
CA SER B 410 -19.84 12.98 -31.12
C SER B 410 -19.62 12.98 -29.59
N PRO B 411 -19.79 11.85 -28.85
CA PRO B 411 -20.16 10.49 -29.28
C PRO B 411 -21.60 10.37 -29.78
N GLN B 412 -21.86 9.33 -30.57
CA GLN B 412 -23.20 9.08 -31.13
C GLN B 412 -24.15 8.62 -30.02
N LYS B 413 -23.67 7.75 -29.11
CA LYS B 413 -24.45 7.24 -27.99
C LYS B 413 -23.53 6.83 -26.83
N PHE B 414 -24.00 7.02 -25.59
CA PHE B 414 -23.24 6.68 -24.38
C PHE B 414 -24.19 6.36 -23.20
N TRP B 415 -23.66 5.75 -22.13
CA TRP B 415 -24.47 5.36 -20.97
C TRP B 415 -23.94 5.99 -19.67
N GLY B 416 -24.85 6.52 -18.85
CA GLY B 416 -24.52 7.10 -17.56
C GLY B 416 -24.99 6.15 -16.47
N LEU B 417 -24.06 5.38 -15.88
CA LEU B 417 -24.39 4.35 -14.89
C LEU B 417 -24.13 4.80 -13.45
N THR B 418 -25.15 4.72 -12.57
CA THR B 418 -24.97 5.11 -11.17
C THR B 418 -24.00 4.16 -10.44
N ARG B 419 -23.23 4.71 -9.51
CA ARG B 419 -22.24 3.96 -8.74
C ARG B 419 -22.87 2.94 -7.81
N SER B 420 -23.97 3.31 -7.13
CA SER B 420 -24.66 2.43 -6.19
C SER B 420 -25.15 1.11 -6.79
N ALA B 421 -25.37 1.05 -8.11
CA ALA B 421 -25.85 -0.15 -8.79
C ALA B 421 -24.74 -1.04 -9.35
N LEU B 422 -23.48 -0.57 -9.41
CA LEU B 422 -22.37 -1.35 -9.96
C LEU B 422 -21.55 -2.04 -8.85
N LEU B 423 -20.78 -3.06 -9.25
CA LEU B 423 -19.94 -3.85 -8.35
C LEU B 423 -18.64 -4.20 -9.09
N PRO B 424 -17.46 -3.62 -8.73
CA PRO B 424 -16.23 -4.01 -9.44
C PRO B 424 -15.80 -5.43 -9.12
N THR B 425 -15.75 -6.28 -10.16
CA THR B 425 -15.38 -7.69 -10.07
C THR B 425 -14.12 -7.96 -10.90
N ILE B 426 -13.44 -9.07 -10.60
CA ILE B 426 -12.24 -9.48 -11.34
C ILE B 426 -12.77 -10.16 -12.63
N PRO B 427 -12.18 -10.01 -13.85
CA PRO B 427 -12.73 -10.73 -15.03
C PRO B 427 -13.00 -12.21 -14.76
N ASP B 428 -13.98 -12.80 -15.48
CA ASP B 428 -14.43 -14.19 -15.28
C ASP B 428 -13.31 -15.25 -15.35
N THR B 429 -12.67 -15.51 -14.19
CA THR B 429 -11.57 -16.49 -14.00
C THR B 429 -11.22 -16.62 -12.50
N GLU B 430 -10.53 -17.72 -12.12
CA GLU B 430 -10.07 -17.96 -10.75
C GLU B 430 -8.77 -18.75 -10.78
N VAL B 438 -8.69 -13.61 -7.08
CA VAL B 438 -7.51 -12.95 -6.50
C VAL B 438 -7.99 -11.83 -5.57
N ILE B 439 -7.24 -11.57 -4.47
CA ILE B 439 -7.60 -10.55 -3.48
C ILE B 439 -6.91 -9.22 -3.84
N LEU B 440 -7.50 -8.10 -3.42
CA LEU B 440 -6.93 -6.78 -3.64
C LEU B 440 -5.98 -6.48 -2.49
N CYS B 441 -4.72 -6.11 -2.81
CA CYS B 441 -3.65 -5.96 -1.83
C CYS B 441 -3.26 -4.51 -1.53
N LEU B 442 -2.55 -4.31 -0.39
CA LEU B 442 -2.04 -3.03 0.08
C LEU B 442 -0.59 -3.21 0.52
N LYS C 20 -43.59 17.75 0.94
CA LYS C 20 -43.33 16.46 0.32
C LYS C 20 -42.23 15.72 1.07
N ALA C 21 -42.53 14.50 1.55
CA ALA C 21 -41.56 13.69 2.29
C ALA C 21 -40.69 12.87 1.33
N LEU C 22 -39.41 12.72 1.66
CA LEU C 22 -38.47 11.92 0.87
C LEU C 22 -37.61 11.14 1.86
N ARG C 23 -37.64 9.80 1.79
CA ARG C 23 -36.91 8.92 2.69
C ARG C 23 -35.97 8.02 1.88
N PRO C 24 -34.78 8.51 1.46
CA PRO C 24 -33.88 7.67 0.64
C PRO C 24 -33.53 6.28 1.19
N ASP C 25 -33.30 6.17 2.51
CA ASP C 25 -32.93 4.91 3.18
C ASP C 25 -33.93 3.77 2.92
N MET C 26 -35.21 4.08 2.76
CA MET C 26 -36.24 3.06 2.54
C MET C 26 -36.16 2.53 1.11
N GLY C 27 -35.96 3.42 0.14
CA GLY C 27 -35.86 3.04 -1.27
C GLY C 27 -37.24 2.77 -1.85
N TYR C 28 -37.40 1.62 -2.50
CA TYR C 28 -38.69 1.25 -3.11
C TYR C 28 -39.72 0.72 -2.07
N ASN C 29 -39.38 0.67 -0.76
CA ASN C 29 -40.29 0.17 0.28
C ASN C 29 -41.08 1.26 1.05
N THR C 30 -41.46 2.38 0.39
CA THR C 30 -42.26 3.44 1.01
C THR C 30 -42.98 4.29 -0.06
N LEU C 31 -44.15 4.87 0.30
CA LEU C 31 -44.90 5.71 -0.63
C LEU C 31 -44.18 7.03 -0.91
N ALA C 32 -43.48 7.58 0.09
CA ALA C 32 -42.74 8.84 -0.01
C ALA C 32 -41.85 8.96 -1.25
N ASN C 33 -41.21 7.87 -1.69
CA ASN C 33 -40.31 7.88 -2.83
C ASN C 33 -41.00 7.61 -4.19
N PHE C 34 -42.33 7.82 -4.29
CA PHE C 34 -43.07 7.62 -5.54
C PHE C 34 -44.15 8.70 -5.66
N ARG C 35 -44.39 9.19 -6.89
CA ARG C 35 -45.43 10.18 -7.19
C ARG C 35 -46.39 9.54 -8.20
N ILE C 36 -47.67 9.39 -7.84
CA ILE C 36 -48.65 8.75 -8.72
C ILE C 36 -48.98 9.71 -9.88
N GLU C 37 -48.75 9.27 -11.12
CA GLU C 37 -49.00 10.10 -12.30
C GLU C 37 -50.50 10.06 -12.65
N LYS C 38 -51.09 8.85 -12.78
CA LYS C 38 -52.51 8.69 -13.10
C LYS C 38 -52.99 7.26 -12.79
N LYS C 39 -54.29 7.10 -12.48
CA LYS C 39 -54.84 5.77 -12.23
C LYS C 39 -55.02 5.07 -13.58
N ILE C 40 -54.58 3.81 -13.69
CA ILE C 40 -54.67 3.07 -14.96
C ILE C 40 -55.51 1.78 -14.89
N GLY C 41 -55.87 1.32 -13.69
CA GLY C 41 -56.67 0.11 -13.57
C GLY C 41 -57.20 -0.16 -12.19
N ARG C 42 -58.22 -1.03 -12.12
CA ARG C 42 -58.83 -1.45 -10.87
C ARG C 42 -59.41 -2.85 -11.01
N GLY C 43 -58.75 -3.83 -10.37
CA GLY C 43 -59.23 -5.20 -10.34
C GLY C 43 -60.34 -5.38 -9.32
N GLN C 44 -60.87 -6.61 -9.20
CA GLN C 44 -61.92 -6.90 -8.24
C GLN C 44 -61.42 -6.68 -6.80
N PHE C 45 -60.17 -7.06 -6.50
CA PHE C 45 -59.58 -6.91 -5.18
C PHE C 45 -58.31 -6.03 -5.22
N SER C 46 -58.17 -5.09 -6.18
CA SER C 46 -56.94 -4.29 -6.28
C SER C 46 -57.14 -2.96 -7.03
N GLU C 47 -56.18 -2.01 -6.84
CA GLU C 47 -56.16 -0.69 -7.49
C GLU C 47 -54.74 -0.44 -8.05
N VAL C 48 -54.60 -0.40 -9.39
CA VAL C 48 -53.31 -0.21 -10.06
C VAL C 48 -53.18 1.25 -10.52
N TYR C 49 -51.99 1.86 -10.33
CA TYR C 49 -51.72 3.24 -10.68
C TYR C 49 -50.38 3.37 -11.41
N ARG C 50 -50.32 4.18 -12.47
CA ARG C 50 -49.07 4.44 -13.20
C ARG C 50 -48.31 5.47 -12.38
N ALA C 51 -47.28 5.04 -11.66
CA ALA C 51 -46.47 5.90 -10.80
C ALA C 51 -45.04 6.04 -11.31
N ALA C 52 -44.39 7.14 -10.95
CA ALA C 52 -43.02 7.44 -11.33
C ALA C 52 -42.14 7.44 -10.09
N CYS C 53 -41.08 6.62 -10.08
CA CYS C 53 -40.16 6.55 -8.95
C CYS C 53 -39.40 7.87 -8.87
N LEU C 54 -39.48 8.57 -7.73
CA LEU C 54 -38.79 9.86 -7.59
C LEU C 54 -37.27 9.72 -7.38
N LEU C 55 -36.75 8.49 -7.22
CA LEU C 55 -35.32 8.27 -6.98
C LEU C 55 -34.55 8.11 -8.30
N ASP C 56 -35.15 7.43 -9.29
CA ASP C 56 -34.47 7.17 -10.57
C ASP C 56 -35.34 7.34 -11.84
N GLY C 57 -36.64 7.60 -11.69
CA GLY C 57 -37.52 7.81 -12.82
C GLY C 57 -37.96 6.54 -13.53
N VAL C 58 -37.86 5.38 -12.85
CA VAL C 58 -38.28 4.11 -13.45
C VAL C 58 -39.80 4.09 -13.43
N PRO C 59 -40.52 3.96 -14.58
CA PRO C 59 -41.99 3.93 -14.51
C PRO C 59 -42.48 2.61 -13.91
N VAL C 60 -43.23 2.68 -12.81
CA VAL C 60 -43.74 1.50 -12.08
C VAL C 60 -45.27 1.53 -11.98
N ALA C 61 -45.88 0.38 -11.67
CA ALA C 61 -47.32 0.25 -11.50
C ALA C 61 -47.61 -0.10 -10.04
N LEU C 62 -47.92 0.92 -9.23
CA LEU C 62 -48.22 0.74 -7.81
C LEU C 62 -49.59 0.10 -7.64
N LYS C 63 -49.61 -1.17 -7.20
CA LYS C 63 -50.82 -1.96 -6.99
C LYS C 63 -51.16 -2.02 -5.49
N LYS C 64 -52.19 -1.27 -5.07
CA LYS C 64 -52.64 -1.23 -3.68
C LYS C 64 -53.76 -2.24 -3.48
N VAL C 65 -53.65 -3.09 -2.44
CA VAL C 65 -54.65 -4.12 -2.12
C VAL C 65 -55.07 -3.93 -0.65
N GLN C 66 -56.38 -3.80 -0.39
CA GLN C 66 -56.89 -3.61 0.97
C GLN C 66 -56.91 -4.97 1.67
N ILE C 67 -55.75 -5.45 2.15
CA ILE C 67 -55.65 -6.77 2.81
C ILE C 67 -56.26 -6.76 4.22
N PHE C 68 -56.10 -5.67 4.99
CA PHE C 68 -56.66 -5.60 6.34
C PHE C 68 -58.19 -5.45 6.35
N ASP C 69 -58.81 -5.03 5.23
CA ASP C 69 -60.25 -4.84 5.16
C ASP C 69 -61.03 -6.16 5.12
N LEU C 70 -60.64 -7.11 4.24
CA LEU C 70 -61.37 -8.38 4.10
C LEU C 70 -60.53 -9.67 4.28
N MET C 71 -59.19 -9.61 4.18
CA MET C 71 -58.37 -10.82 4.37
C MET C 71 -58.02 -11.00 5.85
N ASP C 72 -58.26 -12.20 6.41
CA ASP C 72 -57.94 -12.50 7.81
C ASP C 72 -56.43 -12.70 8.01
N ALA C 73 -55.95 -12.66 9.28
CA ALA C 73 -54.54 -12.81 9.65
C ALA C 73 -53.79 -13.97 8.98
N LYS C 74 -54.44 -15.13 8.79
CA LYS C 74 -53.80 -16.28 8.14
C LYS C 74 -53.64 -16.04 6.64
N ALA C 75 -54.71 -15.56 5.97
CA ALA C 75 -54.67 -15.27 4.53
C ALA C 75 -53.73 -14.09 4.21
N ARG C 76 -53.53 -13.16 5.16
CA ARG C 76 -52.61 -12.03 4.96
C ARG C 76 -51.18 -12.57 5.02
N ALA C 77 -50.86 -13.39 6.05
CA ALA C 77 -49.54 -13.99 6.22
C ALA C 77 -49.12 -14.87 5.04
N ASP C 78 -50.03 -15.72 4.53
CA ASP C 78 -49.73 -16.58 3.38
C ASP C 78 -49.42 -15.76 2.13
N CYS C 79 -50.15 -14.64 1.94
CA CYS C 79 -49.94 -13.76 0.81
C CYS C 79 -48.62 -12.99 0.93
N ILE C 80 -48.29 -12.48 2.13
CA ILE C 80 -47.04 -11.74 2.37
C ILE C 80 -45.84 -12.67 2.16
N LYS C 81 -45.89 -13.90 2.73
CA LYS C 81 -44.82 -14.88 2.59
C LYS C 81 -44.58 -15.24 1.12
N GLU C 82 -45.65 -15.39 0.33
CA GLU C 82 -45.53 -15.70 -1.09
C GLU C 82 -44.94 -14.51 -1.84
N ILE C 83 -45.35 -13.28 -1.49
CA ILE C 83 -44.81 -12.06 -2.12
C ILE C 83 -43.29 -11.96 -1.91
N ASP C 84 -42.77 -12.38 -0.75
CA ASP C 84 -41.32 -12.37 -0.51
C ASP C 84 -40.59 -13.30 -1.50
N LEU C 85 -41.15 -14.49 -1.79
CA LEU C 85 -40.55 -15.42 -2.76
C LEU C 85 -40.81 -14.96 -4.22
N LEU C 86 -41.89 -14.21 -4.48
CA LEU C 86 -42.18 -13.69 -5.82
C LEU C 86 -41.21 -12.58 -6.21
N LYS C 87 -40.65 -11.83 -5.24
CA LYS C 87 -39.61 -10.84 -5.51
C LYS C 87 -38.37 -11.55 -6.06
N GLN C 88 -38.04 -12.74 -5.51
CA GLN C 88 -36.92 -13.57 -5.93
C GLN C 88 -37.06 -14.16 -7.34
N LEU C 89 -38.28 -14.17 -7.94
CA LEU C 89 -38.47 -14.70 -9.29
C LEU C 89 -37.65 -13.91 -10.30
N ASN C 90 -37.14 -14.60 -11.32
CA ASN C 90 -36.28 -13.98 -12.32
C ASN C 90 -36.54 -14.59 -13.70
N HIS C 91 -37.43 -13.97 -14.48
CA HIS C 91 -37.77 -14.44 -15.82
C HIS C 91 -38.14 -13.23 -16.70
N PRO C 92 -37.74 -13.16 -17.99
CA PRO C 92 -38.08 -11.98 -18.80
C PRO C 92 -39.57 -11.86 -19.13
N ASN C 93 -40.27 -12.99 -19.34
CA ASN C 93 -41.69 -12.97 -19.66
C ASN C 93 -42.59 -12.96 -18.42
N VAL C 94 -42.12 -12.41 -17.27
CA VAL C 94 -42.88 -12.31 -16.03
C VAL C 94 -42.72 -10.88 -15.48
N ILE C 95 -43.83 -10.27 -15.02
CA ILE C 95 -43.81 -8.94 -14.42
C ILE C 95 -43.09 -9.09 -13.07
N LYS C 96 -41.89 -8.52 -12.94
CA LYS C 96 -41.11 -8.66 -11.70
C LYS C 96 -41.67 -7.80 -10.57
N TYR C 97 -41.73 -8.38 -9.37
CA TYR C 97 -42.17 -7.69 -8.16
C TYR C 97 -40.96 -6.96 -7.61
N TYR C 98 -40.87 -5.64 -7.86
CA TYR C 98 -39.71 -4.86 -7.42
C TYR C 98 -39.61 -4.78 -5.88
N ALA C 99 -40.70 -4.36 -5.20
CA ALA C 99 -40.73 -4.26 -3.74
C ALA C 99 -42.18 -4.26 -3.21
N SER C 100 -42.35 -4.64 -1.94
CA SER C 100 -43.65 -4.66 -1.28
C SER C 100 -43.52 -4.14 0.14
N PHE C 101 -44.56 -3.48 0.63
CA PHE C 101 -44.55 -2.89 1.97
C PHE C 101 -45.96 -2.58 2.46
N ILE C 102 -46.17 -2.63 3.78
CA ILE C 102 -47.45 -2.33 4.40
C ILE C 102 -47.38 -0.91 4.93
N GLU C 103 -48.21 0.00 4.40
CA GLU C 103 -48.24 1.40 4.83
C GLU C 103 -49.67 1.89 4.77
N ASP C 104 -50.14 2.53 5.87
CA ASP C 104 -51.50 3.06 6.01
C ASP C 104 -52.56 1.94 5.89
N ASN C 105 -52.27 0.74 6.44
CA ASN C 105 -53.13 -0.44 6.39
C ASN C 105 -53.52 -0.80 4.95
N GLU C 106 -52.54 -0.76 4.03
CA GLU C 106 -52.73 -1.05 2.60
C GLU C 106 -51.50 -1.78 2.08
N LEU C 107 -51.68 -2.93 1.42
CA LEU C 107 -50.55 -3.67 0.87
C LEU C 107 -50.15 -3.02 -0.45
N ASN C 108 -48.98 -2.40 -0.50
CA ASN C 108 -48.49 -1.74 -1.70
C ASN C 108 -47.51 -2.67 -2.40
N ILE C 109 -47.74 -2.96 -3.69
CA ILE C 109 -46.85 -3.84 -4.47
C ILE C 109 -46.36 -3.02 -5.66
N VAL C 110 -45.04 -2.91 -5.83
CA VAL C 110 -44.43 -2.16 -6.92
C VAL C 110 -44.17 -3.18 -8.03
N LEU C 111 -44.71 -2.93 -9.24
CA LEU C 111 -44.61 -3.85 -10.38
C LEU C 111 -43.96 -3.17 -11.59
N GLU C 112 -43.43 -3.98 -12.52
CA GLU C 112 -42.88 -3.47 -13.78
C GLU C 112 -44.05 -3.00 -14.61
N LEU C 113 -44.06 -1.72 -15.01
CA LEU C 113 -45.17 -1.16 -15.77
C LEU C 113 -45.21 -1.76 -17.18
N ALA C 114 -46.41 -2.19 -17.62
CA ALA C 114 -46.64 -2.76 -18.94
C ALA C 114 -47.93 -2.15 -19.48
N ASP C 115 -47.93 -0.82 -19.65
CA ASP C 115 -49.09 -0.06 -20.11
C ASP C 115 -49.29 -0.05 -21.64
N ALA C 116 -48.42 -0.72 -22.42
CA ALA C 116 -48.55 -0.73 -23.88
C ALA C 116 -49.83 -1.43 -24.34
N GLY C 117 -50.23 -2.48 -23.64
CA GLY C 117 -51.44 -3.21 -23.97
C GLY C 117 -51.47 -4.61 -23.37
N ASP C 118 -52.43 -5.43 -23.82
CA ASP C 118 -52.57 -6.79 -23.34
C ASP C 118 -53.27 -7.69 -24.37
N LEU C 119 -53.18 -9.01 -24.17
CA LEU C 119 -53.80 -10.00 -25.07
C LEU C 119 -55.32 -9.79 -25.19
N SER C 120 -55.98 -9.25 -24.15
CA SER C 120 -57.41 -8.97 -24.17
C SER C 120 -57.72 -7.82 -25.14
N ARG C 121 -56.86 -6.78 -25.14
CA ARG C 121 -57.03 -5.64 -26.03
C ARG C 121 -56.77 -6.04 -27.50
N MET C 122 -55.77 -6.90 -27.74
CA MET C 122 -55.46 -7.36 -29.09
C MET C 122 -56.59 -8.23 -29.64
N ILE C 123 -57.11 -9.18 -28.83
CA ILE C 123 -58.22 -10.04 -29.23
C ILE C 123 -59.46 -9.19 -29.53
N LYS C 124 -59.75 -8.17 -28.70
CA LYS C 124 -60.88 -7.27 -28.92
C LYS C 124 -60.72 -6.44 -30.21
N HIS C 125 -59.49 -6.01 -30.53
CA HIS C 125 -59.21 -5.26 -31.76
C HIS C 125 -59.40 -6.14 -33.00
N PHE C 126 -58.92 -7.40 -32.96
CA PHE C 126 -59.11 -8.34 -34.07
C PHE C 126 -60.60 -8.69 -34.24
N LYS C 127 -61.38 -8.68 -33.16
CA LYS C 127 -62.83 -8.92 -33.22
C LYS C 127 -63.50 -7.75 -33.96
N LYS C 128 -63.06 -6.51 -33.70
CA LYS C 128 -63.60 -5.33 -34.38
C LYS C 128 -63.29 -5.38 -35.87
N GLN C 129 -62.07 -5.81 -36.25
CA GLN C 129 -61.68 -5.94 -37.66
C GLN C 129 -62.26 -7.19 -38.34
N LYS C 130 -62.92 -8.11 -37.58
CA LYS C 130 -63.55 -9.34 -38.06
C LYS C 130 -62.52 -10.24 -38.76
N ARG C 131 -61.41 -10.53 -38.07
CA ARG C 131 -60.36 -11.39 -38.59
C ARG C 131 -59.74 -12.16 -37.43
N LEU C 132 -59.49 -13.46 -37.61
CA LEU C 132 -58.90 -14.28 -36.56
C LEU C 132 -57.39 -14.03 -36.53
N ILE C 133 -56.77 -14.18 -35.36
CA ILE C 133 -55.33 -13.93 -35.20
C ILE C 133 -54.57 -15.03 -35.97
N PRO C 134 -53.59 -14.73 -36.87
CA PRO C 134 -52.89 -15.83 -37.56
C PRO C 134 -52.21 -16.81 -36.60
N GLU C 135 -52.22 -18.10 -36.94
CA GLU C 135 -51.62 -19.15 -36.10
C GLU C 135 -50.13 -18.90 -35.81
N ARG C 136 -49.39 -18.32 -36.76
CA ARG C 136 -47.98 -17.97 -36.58
C ARG C 136 -47.83 -16.96 -35.43
N THR C 137 -48.73 -15.96 -35.37
CA THR C 137 -48.74 -14.95 -34.31
C THR C 137 -49.23 -15.55 -32.98
N VAL C 138 -50.14 -16.55 -33.01
CA VAL C 138 -50.65 -17.20 -31.81
C VAL C 138 -49.49 -17.92 -31.09
N TRP C 139 -48.75 -18.78 -31.80
CA TRP C 139 -47.63 -19.51 -31.20
C TRP C 139 -46.48 -18.60 -30.77
N LYS C 140 -46.28 -17.45 -31.47
CA LYS C 140 -45.25 -16.47 -31.12
C LYS C 140 -45.44 -15.97 -29.69
N TYR C 141 -46.69 -15.70 -29.28
CA TYR C 141 -47.00 -15.21 -27.94
C TYR C 141 -47.30 -16.33 -26.94
N PHE C 142 -47.81 -17.49 -27.40
CA PHE C 142 -48.08 -18.61 -26.51
C PHE C 142 -46.78 -19.23 -25.99
N VAL C 143 -45.74 -19.33 -26.85
CA VAL C 143 -44.45 -19.90 -26.44
C VAL C 143 -43.77 -19.04 -25.36
N GLN C 144 -43.94 -17.72 -25.39
CA GLN C 144 -43.36 -16.83 -24.39
C GLN C 144 -44.05 -17.00 -23.05
N LEU C 145 -45.39 -17.16 -23.06
CA LEU C 145 -46.14 -17.39 -21.83
C LEU C 145 -45.87 -18.80 -21.27
N CYS C 146 -45.66 -19.79 -22.14
CA CYS C 146 -45.36 -21.14 -21.69
C CYS C 146 -44.03 -21.17 -20.94
N SER C 147 -43.03 -20.37 -21.38
CA SER C 147 -41.74 -20.27 -20.70
C SER C 147 -41.93 -19.64 -19.31
N ALA C 148 -42.80 -18.63 -19.20
CA ALA C 148 -43.12 -17.96 -17.94
C ALA C 148 -43.75 -18.93 -16.94
N LEU C 149 -44.72 -19.75 -17.38
CA LEU C 149 -45.38 -20.71 -16.50
C LEU C 149 -44.46 -21.88 -16.17
N GLU C 150 -43.57 -22.29 -17.09
CA GLU C 150 -42.62 -23.36 -16.86
C GLU C 150 -41.66 -22.97 -15.74
N HIS C 151 -41.16 -21.72 -15.74
CA HIS C 151 -40.26 -21.25 -14.68
C HIS C 151 -41.01 -21.15 -13.35
N MET C 152 -42.25 -20.66 -13.35
CA MET C 152 -43.03 -20.54 -12.12
C MET C 152 -43.30 -21.92 -11.52
N HIS C 153 -43.70 -22.90 -12.33
CA HIS C 153 -43.97 -24.26 -11.86
C HIS C 153 -42.68 -24.97 -11.42
N SER C 154 -41.52 -24.63 -12.01
CA SER C 154 -40.24 -25.21 -11.58
C SER C 154 -39.91 -24.76 -10.13
N ARG C 155 -40.26 -23.51 -9.77
CA ARG C 155 -40.08 -22.99 -8.41
C ARG C 155 -41.32 -23.29 -7.51
N ARG C 156 -42.29 -24.09 -7.99
CA ARG C 156 -43.54 -24.44 -7.31
C ARG C 156 -44.33 -23.21 -6.91
N VAL C 157 -44.68 -22.38 -7.91
CA VAL C 157 -45.43 -21.15 -7.76
C VAL C 157 -46.63 -21.21 -8.71
N MET C 158 -47.85 -21.01 -8.18
CA MET C 158 -49.07 -21.05 -8.98
C MET C 158 -49.57 -19.64 -9.29
N HIS C 159 -49.96 -19.39 -10.55
CA HIS C 159 -50.47 -18.08 -10.97
C HIS C 159 -51.90 -17.89 -10.45
N ARG C 160 -52.76 -18.92 -10.61
CA ARG C 160 -54.14 -18.97 -10.14
C ARG C 160 -55.15 -18.08 -10.90
N ASP C 161 -54.72 -17.26 -11.86
CA ASP C 161 -55.65 -16.41 -12.63
C ASP C 161 -55.03 -16.06 -13.99
N ILE C 162 -54.81 -17.09 -14.82
CA ILE C 162 -54.25 -16.89 -16.14
C ILE C 162 -55.42 -16.45 -17.03
N LYS C 163 -55.38 -15.21 -17.52
CA LYS C 163 -56.43 -14.67 -18.38
C LYS C 163 -55.86 -13.67 -19.39
N PRO C 164 -56.56 -13.36 -20.53
CA PRO C 164 -55.97 -12.42 -21.50
C PRO C 164 -55.59 -11.05 -20.95
N ALA C 165 -56.26 -10.57 -19.90
CA ALA C 165 -55.95 -9.28 -19.29
C ALA C 165 -54.58 -9.31 -18.58
N ASN C 166 -54.25 -10.42 -17.90
CA ASN C 166 -52.95 -10.55 -17.22
C ASN C 166 -51.78 -10.91 -18.15
N VAL C 167 -52.04 -11.22 -19.44
CA VAL C 167 -50.98 -11.52 -20.40
C VAL C 167 -50.67 -10.20 -21.11
N PHE C 168 -49.71 -9.43 -20.56
CA PHE C 168 -49.34 -8.13 -21.12
C PHE C 168 -48.43 -8.28 -22.33
N ILE C 169 -48.51 -7.33 -23.27
CA ILE C 169 -47.67 -7.31 -24.48
C ILE C 169 -47.07 -5.91 -24.60
N THR C 170 -45.74 -5.83 -24.75
CA THR C 170 -45.05 -4.54 -24.89
C THR C 170 -45.18 -4.02 -26.35
N ALA C 171 -44.75 -2.78 -26.62
CA ALA C 171 -44.78 -2.23 -27.98
C ALA C 171 -43.87 -3.05 -28.92
N THR C 172 -42.74 -3.59 -28.41
CA THR C 172 -41.82 -4.41 -29.19
C THR C 172 -42.30 -5.88 -29.40
N GLY C 173 -43.44 -6.25 -28.82
CA GLY C 173 -44.00 -7.59 -28.96
C GLY C 173 -43.54 -8.60 -27.94
N VAL C 174 -43.08 -8.14 -26.75
CA VAL C 174 -42.60 -9.04 -25.68
C VAL C 174 -43.77 -9.32 -24.72
N VAL C 175 -44.05 -10.60 -24.46
CA VAL C 175 -45.13 -11.04 -23.58
C VAL C 175 -44.64 -11.06 -22.14
N LYS C 176 -45.47 -10.61 -21.18
CA LYS C 176 -45.12 -10.59 -19.75
C LYS C 176 -46.34 -10.95 -18.89
N LEU C 177 -46.34 -12.16 -18.31
CA LEU C 177 -47.41 -12.61 -17.42
C LEU C 177 -47.23 -11.92 -16.08
N GLY C 178 -48.29 -11.33 -15.53
CA GLY C 178 -48.19 -10.61 -14.27
C GLY C 178 -49.44 -10.61 -13.43
N ASP C 179 -49.48 -9.69 -12.44
CA ASP C 179 -50.59 -9.48 -11.50
C ASP C 179 -50.65 -10.58 -10.44
N LEU C 180 -50.73 -11.86 -10.87
CA LEU C 180 -50.81 -13.05 -10.04
C LEU C 180 -52.11 -13.08 -9.21
N GLY C 181 -52.94 -14.09 -9.46
CA GLY C 181 -54.25 -14.27 -8.84
C GLY C 181 -54.33 -14.17 -7.34
N LEU C 182 -55.06 -13.15 -6.85
CA LEU C 182 -55.32 -12.94 -5.43
C LEU C 182 -56.60 -13.66 -4.97
N GLY C 183 -57.55 -13.92 -5.89
CA GLY C 183 -58.82 -14.59 -5.63
C GLY C 183 -58.79 -15.82 -4.73
N ARG C 184 -57.67 -16.54 -4.67
CA ARG C 184 -57.47 -17.71 -3.81
C ARG C 184 -57.97 -17.57 -2.36
N PHE C 185 -57.97 -16.34 -1.78
CA PHE C 185 -58.48 -16.14 -0.42
C PHE C 185 -59.99 -16.41 -0.28
N PHE C 186 -60.74 -16.38 -1.41
CA PHE C 186 -62.17 -16.69 -1.58
C PHE C 186 -62.97 -16.96 -0.29
N SER C 187 -64.21 -16.46 -0.22
CA SER C 187 -65.08 -16.70 0.92
C SER C 187 -66.57 -16.79 0.49
N SER C 188 -67.09 -15.77 -0.24
CA SER C 188 -68.48 -15.69 -0.70
C SER C 188 -69.45 -15.90 0.48
N LYS C 189 -69.44 -14.95 1.41
CA LYS C 189 -70.24 -15.03 2.63
C LYS C 189 -71.75 -14.93 2.40
N THR C 190 -72.20 -14.46 1.21
CA THR C 190 -73.63 -14.39 0.90
C THR C 190 -74.24 -15.79 0.72
N THR C 191 -75.56 -15.90 0.92
CA THR C 191 -76.28 -17.16 0.79
C THR C 191 -76.77 -17.30 -0.67
N ALA C 192 -75.84 -17.47 -1.60
CA ALA C 192 -76.13 -17.62 -3.02
C ALA C 192 -76.05 -19.08 -3.46
N ALA C 193 -76.77 -19.43 -4.53
CA ALA C 193 -76.77 -20.78 -5.07
C ALA C 193 -75.44 -21.11 -5.77
N HIS C 194 -74.93 -20.20 -6.63
CA HIS C 194 -73.66 -20.36 -7.32
C HIS C 194 -72.78 -19.14 -7.09
N SER C 195 -71.46 -19.33 -7.11
CA SER C 195 -70.50 -18.26 -6.85
C SER C 195 -69.39 -18.22 -7.89
N LEU C 196 -69.02 -17.00 -8.32
CA LEU C 196 -67.93 -16.73 -9.25
C LEU C 196 -66.92 -15.69 -8.67
N VAL C 197 -67.25 -15.03 -7.53
CA VAL C 197 -66.37 -14.03 -6.91
C VAL C 197 -65.22 -14.79 -6.25
N GLY C 198 -63.99 -14.41 -6.59
CA GLY C 198 -62.80 -15.05 -6.04
C GLY C 198 -62.43 -16.35 -6.74
N THR C 199 -62.78 -16.46 -8.04
CA THR C 199 -62.47 -17.63 -8.87
C THR C 199 -61.74 -17.14 -10.15
N PRO C 200 -60.90 -17.96 -10.82
CA PRO C 200 -60.22 -17.47 -12.03
C PRO C 200 -61.18 -17.22 -13.21
N TYR C 201 -60.68 -16.54 -14.25
CA TYR C 201 -61.44 -16.23 -15.47
C TYR C 201 -61.99 -17.52 -16.10
N TYR C 202 -61.14 -18.57 -16.16
CA TYR C 202 -61.52 -19.88 -16.64
C TYR C 202 -61.63 -20.82 -15.43
N MET C 203 -62.81 -20.91 -14.83
CA MET C 203 -62.99 -21.75 -13.65
C MET C 203 -62.88 -23.23 -14.04
N SER C 204 -62.00 -23.97 -13.35
CA SER C 204 -61.79 -25.39 -13.61
C SER C 204 -62.85 -26.26 -12.87
N PRO C 205 -63.16 -27.50 -13.31
CA PRO C 205 -64.18 -28.29 -12.58
C PRO C 205 -63.93 -28.51 -11.10
N GLU C 206 -62.66 -28.70 -10.68
CA GLU C 206 -62.35 -28.90 -9.26
C GLU C 206 -62.75 -27.67 -8.42
N ARG C 207 -62.59 -26.45 -8.99
CA ARG C 207 -62.96 -25.21 -8.29
C ARG C 207 -64.48 -25.07 -8.07
N ILE C 208 -65.32 -25.88 -8.76
CA ILE C 208 -66.78 -25.85 -8.56
C ILE C 208 -67.11 -26.33 -7.14
N HIS C 209 -66.37 -27.33 -6.63
CA HIS C 209 -66.58 -27.83 -5.26
C HIS C 209 -66.10 -26.86 -4.16
N GLU C 210 -65.65 -25.62 -4.53
CA GLU C 210 -65.15 -24.60 -3.60
C GLU C 210 -63.93 -25.08 -2.80
N ASN C 211 -63.12 -25.98 -3.39
CA ASN C 211 -61.91 -26.52 -2.74
C ASN C 211 -60.68 -25.64 -3.08
N GLY C 212 -59.51 -26.01 -2.58
CA GLY C 212 -58.28 -25.26 -2.82
C GLY C 212 -57.79 -25.29 -4.25
N TYR C 213 -56.65 -24.61 -4.48
CA TYR C 213 -56.02 -24.50 -5.80
C TYR C 213 -54.94 -25.59 -6.02
N ASN C 214 -54.54 -25.80 -7.29
CA ASN C 214 -53.51 -26.76 -7.66
C ASN C 214 -52.83 -26.35 -8.99
N PHE C 215 -51.66 -26.92 -9.29
CA PHE C 215 -50.94 -26.62 -10.54
C PHE C 215 -51.74 -27.03 -11.79
N LYS C 216 -52.63 -28.05 -11.65
CA LYS C 216 -53.45 -28.51 -12.77
C LYS C 216 -54.51 -27.47 -13.15
N SER C 217 -54.95 -26.60 -12.21
CA SER C 217 -55.91 -25.53 -12.53
C SER C 217 -55.27 -24.53 -13.50
N ASP C 218 -53.96 -24.26 -13.35
CA ASP C 218 -53.23 -23.36 -14.25
C ASP C 218 -53.11 -23.96 -15.65
N ILE C 219 -53.07 -25.30 -15.79
CA ILE C 219 -53.01 -25.97 -17.08
C ILE C 219 -54.38 -25.82 -17.78
N TRP C 220 -55.48 -25.97 -17.01
CA TRP C 220 -56.83 -25.77 -17.55
C TRP C 220 -56.99 -24.33 -18.04
N SER C 221 -56.52 -23.34 -17.26
CA SER C 221 -56.60 -21.93 -17.63
C SER C 221 -55.70 -21.61 -18.84
N LEU C 222 -54.51 -22.23 -18.92
CA LEU C 222 -53.60 -22.03 -20.04
C LEU C 222 -54.20 -22.61 -21.32
N GLY C 223 -54.81 -23.79 -21.22
CA GLY C 223 -55.48 -24.42 -22.36
C GLY C 223 -56.66 -23.61 -22.83
N CYS C 224 -57.48 -23.14 -21.87
CA CYS C 224 -58.64 -22.29 -22.16
C CYS C 224 -58.20 -20.96 -22.79
N LEU C 225 -57.01 -20.44 -22.42
CA LEU C 225 -56.47 -19.21 -22.97
C LEU C 225 -56.11 -19.42 -24.44
N LEU C 226 -55.44 -20.55 -24.78
CA LEU C 226 -55.10 -20.87 -26.16
C LEU C 226 -56.35 -20.93 -27.05
N TYR C 227 -57.48 -21.39 -26.48
CA TYR C 227 -58.76 -21.42 -27.18
C TYR C 227 -59.19 -19.98 -27.49
N GLU C 228 -59.20 -19.08 -26.48
CA GLU C 228 -59.58 -17.67 -26.67
C GLU C 228 -58.65 -16.95 -27.66
N MET C 229 -57.39 -17.38 -27.79
CA MET C 229 -56.46 -16.80 -28.75
C MET C 229 -56.89 -17.15 -30.18
N ALA C 230 -57.39 -18.39 -30.40
CA ALA C 230 -57.81 -18.87 -31.71
C ALA C 230 -59.23 -18.42 -32.11
N ALA C 231 -60.24 -18.61 -31.23
CA ALA C 231 -61.64 -18.28 -31.50
C ALA C 231 -62.07 -16.86 -31.08
N LEU C 232 -61.16 -16.05 -30.52
CA LEU C 232 -61.44 -14.68 -30.05
C LEU C 232 -62.57 -14.63 -28.99
N GLN C 233 -62.72 -15.70 -28.19
CA GLN C 233 -63.74 -15.76 -27.13
C GLN C 233 -63.41 -16.90 -26.15
N SER C 234 -63.83 -16.75 -24.88
CA SER C 234 -63.57 -17.77 -23.86
C SER C 234 -64.24 -19.11 -24.25
N PRO C 235 -63.69 -20.31 -23.90
CA PRO C 235 -64.37 -21.55 -24.30
C PRO C 235 -65.82 -21.67 -23.84
N PHE C 236 -66.19 -20.95 -22.77
CA PHE C 236 -67.54 -20.95 -22.23
C PHE C 236 -68.18 -19.55 -22.34
N TYR C 237 -67.91 -18.84 -23.45
CA TYR C 237 -68.46 -17.52 -23.72
C TYR C 237 -69.90 -17.73 -24.22
N GLY C 238 -70.84 -16.97 -23.66
CA GLY C 238 -72.25 -17.09 -23.99
C GLY C 238 -72.99 -17.64 -22.79
N ASP C 239 -72.44 -18.68 -22.16
CA ASP C 239 -72.99 -19.26 -20.93
C ASP C 239 -72.79 -18.33 -19.71
N LYS C 240 -71.87 -17.33 -19.80
CA LYS C 240 -71.61 -16.31 -18.78
C LYS C 240 -72.90 -15.66 -18.20
N MET C 241 -73.98 -15.57 -19.00
CA MET C 241 -75.24 -14.94 -18.56
C MET C 241 -76.00 -15.85 -17.60
N ASN C 242 -76.13 -17.15 -17.94
CA ASN C 242 -76.86 -18.14 -17.14
C ASN C 242 -75.84 -19.06 -16.45
N LEU C 243 -75.57 -18.78 -15.17
CA LEU C 243 -74.57 -19.51 -14.39
C LEU C 243 -74.87 -20.99 -14.15
N TYR C 244 -76.15 -21.41 -14.16
CA TYR C 244 -76.49 -22.81 -13.95
C TYR C 244 -75.96 -23.68 -15.10
N SER C 245 -76.15 -23.23 -16.35
CA SER C 245 -75.66 -23.96 -17.50
C SER C 245 -74.14 -23.96 -17.54
N LEU C 246 -73.52 -22.81 -17.19
CA LEU C 246 -72.07 -22.68 -17.17
C LEU C 246 -71.43 -23.69 -16.20
N CYS C 247 -71.94 -23.78 -14.95
CA CYS C 247 -71.41 -24.70 -13.95
C CYS C 247 -71.53 -26.17 -14.39
N LYS C 248 -72.62 -26.53 -15.08
CA LYS C 248 -72.81 -27.90 -15.57
C LYS C 248 -71.90 -28.18 -16.76
N LYS C 249 -71.78 -27.22 -17.70
CA LYS C 249 -70.94 -27.38 -18.90
C LYS C 249 -69.45 -27.46 -18.57
N ILE C 250 -68.99 -26.84 -17.48
CA ILE C 250 -67.56 -26.91 -17.11
C ILE C 250 -67.25 -28.36 -16.66
N GLU C 251 -68.12 -28.95 -15.82
CA GLU C 251 -67.94 -30.33 -15.35
C GLU C 251 -67.90 -31.32 -16.51
N GLN C 252 -68.83 -31.18 -17.47
CA GLN C 252 -68.91 -32.06 -18.62
C GLN C 252 -67.93 -31.68 -19.76
N CYS C 253 -67.24 -30.51 -19.65
CA CYS C 253 -66.33 -29.97 -20.67
C CYS C 253 -67.07 -29.83 -22.00
N ASP C 254 -68.26 -29.22 -21.95
CA ASP C 254 -69.13 -29.02 -23.10
C ASP C 254 -68.92 -27.61 -23.65
N TYR C 255 -67.94 -27.49 -24.55
CA TYR C 255 -67.61 -26.22 -25.21
C TYR C 255 -67.55 -26.45 -26.74
N PRO C 256 -67.86 -25.47 -27.61
CA PRO C 256 -67.76 -25.75 -29.07
C PRO C 256 -66.30 -25.99 -29.46
N PRO C 257 -65.89 -27.14 -30.05
CA PRO C 257 -64.45 -27.31 -30.38
C PRO C 257 -63.98 -26.32 -31.43
N LEU C 258 -62.68 -26.01 -31.42
CA LEU C 258 -62.10 -25.05 -32.35
C LEU C 258 -62.27 -25.51 -33.82
N PRO C 259 -62.49 -24.60 -34.80
CA PRO C 259 -62.68 -25.06 -36.18
C PRO C 259 -61.40 -25.63 -36.81
N SER C 260 -61.52 -26.73 -37.55
CA SER C 260 -60.38 -27.40 -38.18
C SER C 260 -59.82 -26.65 -39.39
N ASP C 261 -60.68 -26.00 -40.18
CA ASP C 261 -60.27 -25.26 -41.38
C ASP C 261 -59.40 -24.02 -41.12
N HIS C 262 -59.31 -23.53 -39.87
CA HIS C 262 -58.53 -22.34 -39.53
C HIS C 262 -57.19 -22.66 -38.85
N TYR C 263 -57.18 -23.63 -37.90
CA TYR C 263 -55.98 -23.97 -37.15
C TYR C 263 -55.58 -25.45 -37.30
N SER C 264 -54.31 -25.76 -36.99
CA SER C 264 -53.73 -27.09 -37.12
C SER C 264 -54.29 -28.12 -36.11
N GLU C 265 -54.08 -29.41 -36.39
CA GLU C 265 -54.50 -30.52 -35.53
C GLU C 265 -53.74 -30.50 -34.21
N GLU C 266 -52.44 -30.15 -34.24
CA GLU C 266 -51.61 -30.10 -33.03
C GLU C 266 -52.09 -29.02 -32.06
N LEU C 267 -52.52 -27.85 -32.57
CA LEU C 267 -53.02 -26.77 -31.73
C LEU C 267 -54.32 -27.18 -31.04
N ARG C 268 -55.25 -27.81 -31.80
CA ARG C 268 -56.56 -28.20 -31.29
C ARG C 268 -56.52 -29.40 -30.35
N GLN C 269 -55.64 -30.39 -30.60
CA GLN C 269 -55.53 -31.55 -29.71
C GLN C 269 -54.90 -31.15 -28.37
N LEU C 270 -53.97 -30.19 -28.37
CA LEU C 270 -53.34 -29.68 -27.15
C LEU C 270 -54.40 -29.00 -26.27
N VAL C 271 -55.37 -28.29 -26.88
CA VAL C 271 -56.46 -27.64 -26.17
C VAL C 271 -57.34 -28.72 -25.50
N ASN C 272 -57.71 -29.77 -26.23
CA ASN C 272 -58.52 -30.87 -25.70
C ASN C 272 -57.81 -31.66 -24.60
N MET C 273 -56.47 -31.77 -24.66
CA MET C 273 -55.69 -32.48 -23.63
C MET C 273 -55.67 -31.67 -22.34
N CYS C 274 -55.44 -30.36 -22.45
CA CYS C 274 -55.39 -29.46 -21.29
C CYS C 274 -56.78 -29.27 -20.68
N ILE C 275 -57.83 -29.18 -21.52
CA ILE C 275 -59.21 -29.04 -21.06
C ILE C 275 -59.74 -30.47 -20.88
N ASN C 276 -59.44 -31.08 -19.73
CA ASN C 276 -59.86 -32.44 -19.37
C ASN C 276 -60.41 -32.39 -17.92
N PRO C 277 -61.53 -33.07 -17.54
CA PRO C 277 -62.00 -32.95 -16.14
C PRO C 277 -61.07 -33.52 -15.07
N ASP C 278 -60.45 -34.68 -15.33
CA ASP C 278 -59.54 -35.31 -14.37
C ASP C 278 -58.22 -34.50 -14.30
N PRO C 279 -57.84 -33.90 -13.16
CA PRO C 279 -56.57 -33.14 -13.14
C PRO C 279 -55.33 -33.95 -13.55
N GLU C 280 -55.28 -35.24 -13.19
CA GLU C 280 -54.14 -36.10 -13.54
C GLU C 280 -54.00 -36.32 -15.05
N LYS C 281 -55.12 -36.38 -15.79
CA LYS C 281 -55.09 -36.57 -17.25
C LYS C 281 -54.58 -35.33 -18.02
N ARG C 282 -54.53 -34.15 -17.38
CA ARG C 282 -54.03 -32.94 -18.02
C ARG C 282 -52.49 -33.02 -18.09
N PRO C 283 -51.83 -32.69 -19.22
CA PRO C 283 -50.36 -32.79 -19.25
C PRO C 283 -49.66 -31.69 -18.45
N ASP C 284 -48.45 -31.96 -17.96
CA ASP C 284 -47.68 -30.97 -17.21
C ASP C 284 -47.18 -29.85 -18.14
N VAL C 285 -46.85 -28.69 -17.57
CA VAL C 285 -46.35 -27.55 -18.34
C VAL C 285 -45.10 -27.92 -19.17
N THR C 286 -44.34 -28.96 -18.77
CA THR C 286 -43.16 -29.43 -19.50
C THR C 286 -43.53 -29.81 -20.94
N TYR C 287 -44.63 -30.57 -21.12
CA TYR C 287 -45.07 -30.99 -22.45
C TYR C 287 -45.80 -29.89 -23.24
N VAL C 288 -46.46 -28.94 -22.55
CA VAL C 288 -47.15 -27.85 -23.25
C VAL C 288 -46.09 -26.91 -23.85
N TYR C 289 -45.06 -26.57 -23.04
CA TYR C 289 -43.96 -25.71 -23.47
C TYR C 289 -43.11 -26.39 -24.56
N ASP C 290 -42.96 -27.73 -24.51
CA ASP C 290 -42.22 -28.45 -25.54
C ASP C 290 -42.98 -28.43 -26.88
N VAL C 291 -44.32 -28.61 -26.86
CA VAL C 291 -45.14 -28.59 -28.08
C VAL C 291 -45.19 -27.17 -28.65
N ALA C 292 -45.34 -26.15 -27.80
CA ALA C 292 -45.36 -24.75 -28.25
C ALA C 292 -44.05 -24.36 -28.93
N LYS C 293 -42.89 -24.81 -28.39
CA LYS C 293 -41.60 -24.54 -29.01
C LYS C 293 -41.47 -25.21 -30.37
N ARG C 294 -42.01 -26.44 -30.53
CA ARG C 294 -41.97 -27.14 -31.81
C ARG C 294 -42.84 -26.43 -32.85
N MET C 295 -44.05 -26.00 -32.46
CA MET C 295 -44.96 -25.30 -33.38
C MET C 295 -44.44 -23.90 -33.75
N HIS C 296 -43.86 -23.17 -32.80
CA HIS C 296 -43.33 -21.83 -33.08
C HIS C 296 -42.13 -21.90 -34.03
N ALA C 297 -41.26 -22.91 -33.89
CA ALA C 297 -40.10 -23.09 -34.78
C ALA C 297 -40.53 -23.33 -36.22
N CYS C 298 -41.58 -24.14 -36.44
CA CYS C 298 -42.08 -24.45 -37.77
C CYS C 298 -42.77 -23.24 -38.43
N THR C 299 -43.64 -22.54 -37.71
CA THR C 299 -44.39 -21.40 -38.26
C THR C 299 -43.49 -20.19 -38.57
N ALA C 300 -42.55 -19.85 -37.65
CA ALA C 300 -41.66 -18.70 -37.87
C ALA C 300 -40.61 -19.03 -38.94
#